data_1UVY
# 
_entry.id   1UVY 
# 
_audit_conform.dict_name       mmcif_pdbx.dic 
_audit_conform.dict_version    5.382 
_audit_conform.dict_location   http://mmcif.pdb.org/dictionaries/ascii/mmcif_pdbx.dic 
# 
loop_
_database_2.database_id 
_database_2.database_code 
_database_2.pdbx_database_accession 
_database_2.pdbx_DOI 
PDB   1UVY         pdb_00001uvy 10.2210/pdb1uvy/pdb 
PDBE  EBI-14452    ?            ?                   
WWPDB D_1290014452 ?            ?                   
# 
_pdbx_database_related.db_name        PDB 
_pdbx_database_related.db_id          1DLW 
_pdbx_database_related.content_type   unspecified 
_pdbx_database_related.details        'X-RAY CRYSTAL STRUCTURE OF TRUNCATED HEMOGLOBIN FROM P.CAUDATUM.' 
# 
_pdbx_database_status.status_code                     REL 
_pdbx_database_status.entry_id                        1UVY 
_pdbx_database_status.deposit_site                    PDBE 
_pdbx_database_status.process_site                    PDBE 
_pdbx_database_status.SG_entry                        . 
_pdbx_database_status.recvd_initial_deposition_date   2004-01-27 
_pdbx_database_status.pdb_format_compatible           Y 
_pdbx_database_status.status_code_sf                  REL 
_pdbx_database_status.status_code_mr                  ? 
_pdbx_database_status.status_code_cs                  ? 
_pdbx_database_status.methods_development_category    ? 
_pdbx_database_status.status_code_nmr_data            ? 
# 
loop_
_audit_author.name 
_audit_author.pdbx_ordinal 
'Milani, M.'    1 
'Pesce, A.'     2 
'Ouellet, Y.'   3 
'Dewilde, S.'   4 
'Friedman, J.'  5 
'Ascenzi, P.'   6 
'Guertin, M.'   7 
'Bolognesi, M.' 8 
# 
_citation.id                        primary 
_citation.title                     'Heme-Ligand Tunneling in Group I Truncated Hemoglobins' 
_citation.journal_abbrev            J.Biol.Chem. 
_citation.journal_volume            279 
_citation.page_first                21520 
_citation.page_last                 ? 
_citation.year                      2004 
_citation.journal_id_ASTM           JBCHA3 
_citation.country                   US 
_citation.journal_id_ISSN           0021-9258 
_citation.journal_id_CSD            0071 
_citation.book_publisher            ? 
_citation.pdbx_database_id_PubMed   15016811 
_citation.pdbx_database_id_DOI      10.1074/JBC.M401320200 
# 
loop_
_citation_author.citation_id 
_citation_author.name 
_citation_author.ordinal 
_citation_author.identifier_ORCID 
primary 'Milani, M.'    1 ? 
primary 'Pesce, A.'     2 ? 
primary 'Ouellet, Y.'   3 ? 
primary 'Dewilde, S.'   4 ? 
primary 'Friedman, J.'  5 ? 
primary 'Ascenzi, P.'   6 ? 
primary 'Guertin, M.'   7 ? 
primary 'Bolognesi, M.' 8 ? 
# 
_cell.entry_id           1UVY 
_cell.length_a           61.380 
_cell.length_b           61.380 
_cell.length_c           33.840 
_cell.angle_alpha        90.00 
_cell.angle_beta         90.00 
_cell.angle_gamma        90.00 
_cell.Z_PDB              4 
_cell.pdbx_unique_axis   ? 
# 
_symmetry.entry_id                         1UVY 
_symmetry.space_group_name_H-M             'P 43' 
_symmetry.pdbx_full_space_group_name_H-M   ? 
_symmetry.cell_setting                     ? 
_symmetry.Int_Tables_number                78 
# 
loop_
_entity.id 
_entity.type 
_entity.src_method 
_entity.pdbx_description 
_entity.formula_weight 
_entity.pdbx_number_of_molecules 
_entity.pdbx_ec 
_entity.pdbx_mutation 
_entity.pdbx_fragment 
_entity.details 
1 polymer     man MYOGLOBIN                         11914.342 1  ? ? ? ? 
2 non-polymer syn 'PROTOPORPHYRIN IX CONTAINING FE' 616.487   1  ? ? ? ? 
3 non-polymer syn XENON                             131.293   1  ? ? ? ? 
4 water       nat water                             18.015    37 ? ? ? ? 
# 
_entity_name_com.entity_id   1 
_entity_name_com.name        HEMOGLOBIN 
# 
_entity_poly.entity_id                      1 
_entity_poly.type                           'polypeptide(L)' 
_entity_poly.nstd_linkage                   no 
_entity_poly.nstd_monomer                   no 
_entity_poly.pdbx_seq_one_letter_code       
;SLFEQLGGQAAVQAVTAQFYANIQADATVATFFNGIDMPNQTNKTAAFLCAALGGPNAWTGRNLKEVHANMGVSNAQFTT
VIGHLRSALTGAGVAAALVEQTVAVAETVRGDVVTV
;
_entity_poly.pdbx_seq_one_letter_code_can   
;SLFEQLGGQAAVQAVTAQFYANIQADATVATFFNGIDMPNQTNKTAAFLCAALGGPNAWTGRNLKEVHANMGVSNAQFTT
VIGHLRSALTGAGVAAALVEQTVAVAETVRGDVVTV
;
_entity_poly.pdbx_strand_id                 A 
_entity_poly.pdbx_target_identifier         ? 
# 
loop_
_entity_poly_seq.entity_id 
_entity_poly_seq.num 
_entity_poly_seq.mon_id 
_entity_poly_seq.hetero 
1 1   SER n 
1 2   LEU n 
1 3   PHE n 
1 4   GLU n 
1 5   GLN n 
1 6   LEU n 
1 7   GLY n 
1 8   GLY n 
1 9   GLN n 
1 10  ALA n 
1 11  ALA n 
1 12  VAL n 
1 13  GLN n 
1 14  ALA n 
1 15  VAL n 
1 16  THR n 
1 17  ALA n 
1 18  GLN n 
1 19  PHE n 
1 20  TYR n 
1 21  ALA n 
1 22  ASN n 
1 23  ILE n 
1 24  GLN n 
1 25  ALA n 
1 26  ASP n 
1 27  ALA n 
1 28  THR n 
1 29  VAL n 
1 30  ALA n 
1 31  THR n 
1 32  PHE n 
1 33  PHE n 
1 34  ASN n 
1 35  GLY n 
1 36  ILE n 
1 37  ASP n 
1 38  MET n 
1 39  PRO n 
1 40  ASN n 
1 41  GLN n 
1 42  THR n 
1 43  ASN n 
1 44  LYS n 
1 45  THR n 
1 46  ALA n 
1 47  ALA n 
1 48  PHE n 
1 49  LEU n 
1 50  CYS n 
1 51  ALA n 
1 52  ALA n 
1 53  LEU n 
1 54  GLY n 
1 55  GLY n 
1 56  PRO n 
1 57  ASN n 
1 58  ALA n 
1 59  TRP n 
1 60  THR n 
1 61  GLY n 
1 62  ARG n 
1 63  ASN n 
1 64  LEU n 
1 65  LYS n 
1 66  GLU n 
1 67  VAL n 
1 68  HIS n 
1 69  ALA n 
1 70  ASN n 
1 71  MET n 
1 72  GLY n 
1 73  VAL n 
1 74  SER n 
1 75  ASN n 
1 76  ALA n 
1 77  GLN n 
1 78  PHE n 
1 79  THR n 
1 80  THR n 
1 81  VAL n 
1 82  ILE n 
1 83  GLY n 
1 84  HIS n 
1 85  LEU n 
1 86  ARG n 
1 87  SER n 
1 88  ALA n 
1 89  LEU n 
1 90  THR n 
1 91  GLY n 
1 92  ALA n 
1 93  GLY n 
1 94  VAL n 
1 95  ALA n 
1 96  ALA n 
1 97  ALA n 
1 98  LEU n 
1 99  VAL n 
1 100 GLU n 
1 101 GLN n 
1 102 THR n 
1 103 VAL n 
1 104 ALA n 
1 105 VAL n 
1 106 ALA n 
1 107 GLU n 
1 108 THR n 
1 109 VAL n 
1 110 ARG n 
1 111 GLY n 
1 112 ASP n 
1 113 VAL n 
1 114 VAL n 
1 115 THR n 
1 116 VAL n 
# 
_entity_src_gen.entity_id                          1 
_entity_src_gen.pdbx_src_id                        1 
_entity_src_gen.pdbx_alt_source_flag               sample 
_entity_src_gen.pdbx_seq_type                      ? 
_entity_src_gen.pdbx_beg_seq_num                   ? 
_entity_src_gen.pdbx_end_seq_num                   ? 
_entity_src_gen.gene_src_common_name               ? 
_entity_src_gen.gene_src_genus                     ? 
_entity_src_gen.pdbx_gene_src_gene                 ? 
_entity_src_gen.gene_src_species                   ? 
_entity_src_gen.gene_src_strain                    ? 
_entity_src_gen.gene_src_tissue                    ? 
_entity_src_gen.gene_src_tissue_fraction           ? 
_entity_src_gen.gene_src_details                   ? 
_entity_src_gen.pdbx_gene_src_fragment             ? 
_entity_src_gen.pdbx_gene_src_scientific_name      'PARAMECIUM CAUDATUM' 
_entity_src_gen.pdbx_gene_src_ncbi_taxonomy_id     5885 
_entity_src_gen.pdbx_gene_src_variant              ? 
_entity_src_gen.pdbx_gene_src_cell_line            ? 
_entity_src_gen.pdbx_gene_src_atcc                 ? 
_entity_src_gen.pdbx_gene_src_organ                ? 
_entity_src_gen.pdbx_gene_src_organelle            ? 
_entity_src_gen.pdbx_gene_src_cell                 ? 
_entity_src_gen.pdbx_gene_src_cellular_location    ? 
_entity_src_gen.host_org_common_name               ? 
_entity_src_gen.pdbx_host_org_scientific_name      'ESCHERICHIA COLI' 
_entity_src_gen.pdbx_host_org_ncbi_taxonomy_id     562 
_entity_src_gen.host_org_genus                     ? 
_entity_src_gen.pdbx_host_org_gene                 ? 
_entity_src_gen.pdbx_host_org_organ                ? 
_entity_src_gen.host_org_species                   ? 
_entity_src_gen.pdbx_host_org_tissue               ? 
_entity_src_gen.pdbx_host_org_tissue_fraction      ? 
_entity_src_gen.pdbx_host_org_strain               ? 
_entity_src_gen.pdbx_host_org_variant              ? 
_entity_src_gen.pdbx_host_org_cell_line            ? 
_entity_src_gen.pdbx_host_org_atcc                 ? 
_entity_src_gen.pdbx_host_org_culture_collection   ? 
_entity_src_gen.pdbx_host_org_cell                 ? 
_entity_src_gen.pdbx_host_org_organelle            ? 
_entity_src_gen.pdbx_host_org_cellular_location    ? 
_entity_src_gen.pdbx_host_org_vector_type          ? 
_entity_src_gen.pdbx_host_org_vector               ? 
_entity_src_gen.host_org_details                   ? 
_entity_src_gen.expression_system_id               ? 
_entity_src_gen.plasmid_name                       ? 
_entity_src_gen.plasmid_details                    ? 
_entity_src_gen.pdbx_description                   ? 
# 
_struct_ref.id                         1 
_struct_ref.db_name                    UNP 
_struct_ref.db_code                    GLB_PARCA 
_struct_ref.entity_id                  1 
_struct_ref.pdbx_seq_one_letter_code   ? 
_struct_ref.pdbx_align_begin           ? 
_struct_ref.pdbx_db_accession          P15160 
_struct_ref.pdbx_db_isoform            ? 
# 
_struct_ref_seq.align_id                      1 
_struct_ref_seq.ref_id                        1 
_struct_ref_seq.pdbx_PDB_id_code              1UVY 
_struct_ref_seq.pdbx_strand_id                A 
_struct_ref_seq.seq_align_beg                 1 
_struct_ref_seq.pdbx_seq_align_beg_ins_code   ? 
_struct_ref_seq.seq_align_end                 116 
_struct_ref_seq.pdbx_seq_align_end_ins_code   ? 
_struct_ref_seq.pdbx_db_accession             P15160 
_struct_ref_seq.db_align_beg                  1 
_struct_ref_seq.pdbx_db_align_beg_ins_code    ? 
_struct_ref_seq.db_align_end                  116 
_struct_ref_seq.pdbx_db_align_end_ins_code    ? 
_struct_ref_seq.pdbx_auth_seq_align_beg       1 
_struct_ref_seq.pdbx_auth_seq_align_end       116 
# 
loop_
_chem_comp.id 
_chem_comp.type 
_chem_comp.mon_nstd_flag 
_chem_comp.name 
_chem_comp.pdbx_synonyms 
_chem_comp.formula 
_chem_comp.formula_weight 
ALA 'L-peptide linking' y ALANINE                           ?    'C3 H7 N O2'       89.093  
ARG 'L-peptide linking' y ARGININE                          ?    'C6 H15 N4 O2 1'   175.209 
ASN 'L-peptide linking' y ASPARAGINE                        ?    'C4 H8 N2 O3'      132.118 
ASP 'L-peptide linking' y 'ASPARTIC ACID'                   ?    'C4 H7 N O4'       133.103 
CYS 'L-peptide linking' y CYSTEINE                          ?    'C3 H7 N O2 S'     121.158 
GLN 'L-peptide linking' y GLUTAMINE                         ?    'C5 H10 N2 O3'     146.144 
GLU 'L-peptide linking' y 'GLUTAMIC ACID'                   ?    'C5 H9 N O4'       147.129 
GLY 'peptide linking'   y GLYCINE                           ?    'C2 H5 N O2'       75.067  
HEM non-polymer         . 'PROTOPORPHYRIN IX CONTAINING FE' HEME 'C34 H32 Fe N4 O4' 616.487 
HIS 'L-peptide linking' y HISTIDINE                         ?    'C6 H10 N3 O2 1'   156.162 
HOH non-polymer         . WATER                             ?    'H2 O'             18.015  
ILE 'L-peptide linking' y ISOLEUCINE                        ?    'C6 H13 N O2'      131.173 
LEU 'L-peptide linking' y LEUCINE                           ?    'C6 H13 N O2'      131.173 
LYS 'L-peptide linking' y LYSINE                            ?    'C6 H15 N2 O2 1'   147.195 
MET 'L-peptide linking' y METHIONINE                        ?    'C5 H11 N O2 S'    149.211 
PHE 'L-peptide linking' y PHENYLALANINE                     ?    'C9 H11 N O2'      165.189 
PRO 'L-peptide linking' y PROLINE                           ?    'C5 H9 N O2'       115.130 
SER 'L-peptide linking' y SERINE                            ?    'C3 H7 N O3'       105.093 
THR 'L-peptide linking' y THREONINE                         ?    'C4 H9 N O3'       119.119 
TRP 'L-peptide linking' y TRYPTOPHAN                        ?    'C11 H12 N2 O2'    204.225 
TYR 'L-peptide linking' y TYROSINE                          ?    'C9 H11 N O3'      181.189 
VAL 'L-peptide linking' y VALINE                            ?    'C5 H11 N O2'      117.146 
XE  non-polymer         . XENON                             ?    Xe                 131.293 
# 
_exptl.entry_id          1UVY 
_exptl.method            'X-RAY DIFFRACTION' 
_exptl.crystals_number   1 
# 
_exptl_crystal.id                    1 
_exptl_crystal.density_meas          ? 
_exptl_crystal.density_Matthews      2.67 
_exptl_crystal.density_percent_sol   54 
_exptl_crystal.description           ? 
# 
_exptl_crystal_grow.crystal_id      1 
_exptl_crystal_grow.method          ? 
_exptl_crystal_grow.temp            ? 
_exptl_crystal_grow.temp_details    ? 
_exptl_crystal_grow.pH              6.00 
_exptl_crystal_grow.pdbx_pH_range   ? 
_exptl_crystal_grow.pdbx_details    'AMMONIUM SULPHATE, SODIUM ACETATE, pH 6.00' 
# 
_diffrn.id                     1 
_diffrn.ambient_temp           100.0 
_diffrn.ambient_temp_details   ? 
_diffrn.crystal_id             1 
# 
_diffrn_detector.diffrn_id              1 
_diffrn_detector.detector               'IMAGE PLATE' 
_diffrn_detector.type                   MARRESEARCH 
_diffrn_detector.pdbx_collection_date   2003-09-15 
_diffrn_detector.details                ? 
# 
_diffrn_radiation.diffrn_id                        1 
_diffrn_radiation.wavelength_id                    1 
_diffrn_radiation.pdbx_monochromatic_or_laue_m_l   M 
_diffrn_radiation.monochromator                    GRAPHITE 
_diffrn_radiation.pdbx_diffrn_protocol             'SINGLE WAVELENGTH' 
_diffrn_radiation.pdbx_scattering_type             x-ray 
# 
_diffrn_radiation_wavelength.id           1 
_diffrn_radiation_wavelength.wavelength   1.54 
_diffrn_radiation_wavelength.wt           1.0 
# 
_diffrn_source.diffrn_id                   1 
_diffrn_source.source                      'ROTATING ANODE' 
_diffrn_source.type                        RIGAKU 
_diffrn_source.pdbx_synchrotron_site       ? 
_diffrn_source.pdbx_synchrotron_beamline   ? 
_diffrn_source.pdbx_wavelength             1.54 
_diffrn_source.pdbx_wavelength_list        ? 
# 
_reflns.pdbx_diffrn_id               1 
_reflns.pdbx_ordinal                 1 
_reflns.entry_id                     1UVY 
_reflns.observed_criterion_sigma_I   0.000 
_reflns.observed_criterion_sigma_F   ? 
_reflns.d_resolution_low             30.000 
_reflns.d_resolution_high            2.400 
_reflns.number_obs                   4985 
_reflns.number_all                   ? 
_reflns.percent_possible_obs         98.3 
_reflns.pdbx_Rmerge_I_obs            0.11200 
_reflns.pdbx_Rsym_value              ? 
_reflns.pdbx_netI_over_sigmaI        8.0000 
_reflns.B_iso_Wilson_estimate        ? 
_reflns.pdbx_redundancy              2.100 
# 
_reflns_shell.pdbx_diffrn_id         1 
_reflns_shell.pdbx_ordinal           1 
_reflns_shell.d_res_high             2.40 
_reflns_shell.d_res_low              2.44 
_reflns_shell.percent_possible_all   98.7 
_reflns_shell.Rmerge_I_obs           0.36000 
_reflns_shell.pdbx_Rsym_value        ? 
_reflns_shell.meanI_over_sigI_obs    2.600 
_reflns_shell.pdbx_redundancy        1.90 
# 
_refine.pdbx_refine_id                           'X-RAY DIFFRACTION' 
_refine.entry_id                                 1UVY 
_refine.pdbx_diffrn_id                           1 
_refine.pdbx_TLS_residual_ADP_flag               ? 
_refine.ls_number_reflns_obs                     4983 
_refine.ls_number_reflns_all                     ? 
_refine.pdbx_ls_sigma_I                          ? 
_refine.pdbx_ls_sigma_F                          0.000 
_refine.pdbx_data_cutoff_high_absF               ? 
_refine.pdbx_data_cutoff_low_absF                ? 
_refine.pdbx_data_cutoff_high_rms_absF           ? 
_refine.ls_d_res_low                             30.00 
_refine.ls_d_res_high                            2.40 
_refine.ls_percent_reflns_obs                    100 
_refine.ls_R_factor_obs                          0.211 
_refine.ls_R_factor_all                          ? 
_refine.ls_R_factor_R_work                       0.211 
_refine.ls_R_factor_R_free                       0.282 
_refine.ls_R_factor_R_free_error                 ? 
_refine.ls_R_factor_R_free_error_details         ? 
_refine.ls_percent_reflns_R_free                 10.0 
_refine.ls_number_reflns_R_free                  486 
_refine.ls_number_parameters                     ? 
_refine.ls_number_restraints                     ? 
_refine.occupancy_min                            ? 
_refine.occupancy_max                            ? 
_refine.correlation_coeff_Fo_to_Fc               ? 
_refine.correlation_coeff_Fo_to_Fc_free          ? 
_refine.B_iso_mean                               33 
_refine.aniso_B[1][1]                            ? 
_refine.aniso_B[2][2]                            ? 
_refine.aniso_B[3][3]                            ? 
_refine.aniso_B[1][2]                            ? 
_refine.aniso_B[1][3]                            ? 
_refine.aniso_B[2][3]                            ? 
_refine.solvent_model_details                    ? 
_refine.solvent_model_param_ksol                 ? 
_refine.solvent_model_param_bsol                 ? 
_refine.pdbx_solvent_vdw_probe_radii             ? 
_refine.pdbx_solvent_ion_probe_radii             ? 
_refine.pdbx_solvent_shrinkage_radii             ? 
_refine.pdbx_ls_cross_valid_method               THROUGHOUT 
_refine.details                                  ? 
_refine.pdbx_starting_model                      'PDB ENTRY 1DLW' 
_refine.pdbx_method_to_determine_struct          'MOLECULAR REPLACEMENT' 
_refine.pdbx_isotropic_thermal_model             ? 
_refine.pdbx_stereochemistry_target_values       ? 
_refine.pdbx_stereochem_target_val_spec_case     ? 
_refine.pdbx_R_Free_selection_details            RANDOM 
_refine.pdbx_overall_ESU_R                       ? 
_refine.pdbx_overall_ESU_R_Free                  ? 
_refine.overall_SU_ML                            ? 
_refine.pdbx_overall_phase_error                 ? 
_refine.overall_SU_B                             ? 
_refine.overall_SU_R_Cruickshank_DPI             ? 
_refine.pdbx_overall_SU_R_free_Cruickshank_DPI   ? 
_refine.pdbx_overall_SU_R_Blow_DPI               ? 
_refine.pdbx_overall_SU_R_free_Blow_DPI          ? 
# 
_refine_hist.pdbx_refine_id                   'X-RAY DIFFRACTION' 
_refine_hist.cycle_id                         LAST 
_refine_hist.pdbx_number_atoms_protein        837 
_refine_hist.pdbx_number_atoms_nucleic_acid   0 
_refine_hist.pdbx_number_atoms_ligand         44 
_refine_hist.number_atoms_solvent             37 
_refine_hist.number_atoms_total               918 
_refine_hist.d_res_high                       2.40 
_refine_hist.d_res_low                        30.00 
# 
loop_
_refine_ls_restr.type 
_refine_ls_restr.dev_ideal 
_refine_ls_restr.dev_ideal_target 
_refine_ls_restr.weight 
_refine_ls_restr.number 
_refine_ls_restr.pdbx_refine_id 
_refine_ls_restr.pdbx_restraint_function 
c_bond_d                0.011 ? ? ? 'X-RAY DIFFRACTION' ? 
c_bond_d_na             ?     ? ? ? 'X-RAY DIFFRACTION' ? 
c_bond_d_prot           ?     ? ? ? 'X-RAY DIFFRACTION' ? 
c_angle_d               ?     ? ? ? 'X-RAY DIFFRACTION' ? 
c_angle_d_na            ?     ? ? ? 'X-RAY DIFFRACTION' ? 
c_angle_d_prot          ?     ? ? ? 'X-RAY DIFFRACTION' ? 
c_angle_deg             1.39  ? ? ? 'X-RAY DIFFRACTION' ? 
c_angle_deg_na          ?     ? ? ? 'X-RAY DIFFRACTION' ? 
c_angle_deg_prot        ?     ? ? ? 'X-RAY DIFFRACTION' ? 
c_dihedral_angle_d      ?     ? ? ? 'X-RAY DIFFRACTION' ? 
c_dihedral_angle_d_na   ?     ? ? ? 'X-RAY DIFFRACTION' ? 
c_dihedral_angle_d_prot ?     ? ? ? 'X-RAY DIFFRACTION' ? 
c_improper_angle_d      ?     ? ? ? 'X-RAY DIFFRACTION' ? 
c_improper_angle_d_na   ?     ? ? ? 'X-RAY DIFFRACTION' ? 
c_improper_angle_d_prot ?     ? ? ? 'X-RAY DIFFRACTION' ? 
c_mcbond_it             ?     ? ? ? 'X-RAY DIFFRACTION' ? 
c_mcangle_it            ?     ? ? ? 'X-RAY DIFFRACTION' ? 
c_scbond_it             ?     ? ? ? 'X-RAY DIFFRACTION' ? 
c_scangle_it            ?     ? ? ? 'X-RAY DIFFRACTION' ? 
# 
_struct.entry_id                  1UVY 
_struct.title                     'HEME-LIGAND TUNNELING IN GROUP I TRUNCATED HEMOGLOBINS' 
_struct.pdbx_model_details        ? 
_struct.pdbx_CASP_flag            ? 
_struct.pdbx_model_type_details   ? 
# 
_struct_keywords.entry_id        1UVY 
_struct_keywords.pdbx_keywords   'OXYGEN STORAGE/TRANSPORT' 
_struct_keywords.text            'OXYGEN STORAGE/TRANSPORT, LIGAND DIFFUSION, HEME, OXYGEN STORAGE-TRANSPORT complex' 
# 
loop_
_struct_asym.id 
_struct_asym.pdbx_blank_PDB_chainid_flag 
_struct_asym.pdbx_modified 
_struct_asym.entity_id 
_struct_asym.details 
A N N 1 ? 
B N N 2 ? 
C N N 3 ? 
D N N 4 ? 
# 
_struct_biol.id   1 
# 
loop_
_struct_conf.conf_type_id 
_struct_conf.id 
_struct_conf.pdbx_PDB_helix_id 
_struct_conf.beg_label_comp_id 
_struct_conf.beg_label_asym_id 
_struct_conf.beg_label_seq_id 
_struct_conf.pdbx_beg_PDB_ins_code 
_struct_conf.end_label_comp_id 
_struct_conf.end_label_asym_id 
_struct_conf.end_label_seq_id 
_struct_conf.pdbx_end_PDB_ins_code 
_struct_conf.beg_auth_comp_id 
_struct_conf.beg_auth_asym_id 
_struct_conf.beg_auth_seq_id 
_struct_conf.end_auth_comp_id 
_struct_conf.end_auth_asym_id 
_struct_conf.end_auth_seq_id 
_struct_conf.pdbx_PDB_helix_class 
_struct_conf.details 
_struct_conf.pdbx_PDB_helix_length 
HELX_P HELX_P1 1 SER A 1   ? GLY A 7   ? SER A 1   GLY A 7   1 ? 7  
HELX_P HELX_P2 2 GLY A 8   ? ALA A 25  ? GLY A 8   ALA A 25  1 ? 18 
HELX_P HELX_P3 3 ASP A 26  ? THR A 31  ? ASP A 26  THR A 31  1 ? 6  
HELX_P HELX_P4 4 PHE A 32  ? ASN A 34  ? PHE A 32  ASN A 34  5 ? 3  
HELX_P HELX_P5 5 ASP A 37  ? LEU A 53  ? ASP A 37  LEU A 53  1 ? 17 
HELX_P HELX_P6 6 ASN A 63  ? HIS A 68  ? ASN A 63  HIS A 68  1 ? 6  
HELX_P HELX_P7 7 SER A 74  ? ALA A 92  ? SER A 74  ALA A 92  1 ? 19 
HELX_P HELX_P8 8 ALA A 95  ? THR A 108 ? ALA A 95  THR A 108 1 ? 14 
HELX_P HELX_P9 9 VAL A 109 ? VAL A 114 ? VAL A 109 VAL A 114 1 ? 6  
# 
_struct_conf_type.id          HELX_P 
_struct_conf_type.criteria    ? 
_struct_conf_type.reference   ? 
# 
loop_
_struct_conn.id 
_struct_conn.conn_type_id 
_struct_conn.pdbx_leaving_atom_flag 
_struct_conn.pdbx_PDB_id 
_struct_conn.ptnr1_label_asym_id 
_struct_conn.ptnr1_label_comp_id 
_struct_conn.ptnr1_label_seq_id 
_struct_conn.ptnr1_label_atom_id 
_struct_conn.pdbx_ptnr1_label_alt_id 
_struct_conn.pdbx_ptnr1_PDB_ins_code 
_struct_conn.pdbx_ptnr1_standard_comp_id 
_struct_conn.ptnr1_symmetry 
_struct_conn.ptnr2_label_asym_id 
_struct_conn.ptnr2_label_comp_id 
_struct_conn.ptnr2_label_seq_id 
_struct_conn.ptnr2_label_atom_id 
_struct_conn.pdbx_ptnr2_label_alt_id 
_struct_conn.pdbx_ptnr2_PDB_ins_code 
_struct_conn.ptnr1_auth_asym_id 
_struct_conn.ptnr1_auth_comp_id 
_struct_conn.ptnr1_auth_seq_id 
_struct_conn.ptnr2_auth_asym_id 
_struct_conn.ptnr2_auth_comp_id 
_struct_conn.ptnr2_auth_seq_id 
_struct_conn.ptnr2_symmetry 
_struct_conn.pdbx_ptnr3_label_atom_id 
_struct_conn.pdbx_ptnr3_label_seq_id 
_struct_conn.pdbx_ptnr3_label_comp_id 
_struct_conn.pdbx_ptnr3_label_asym_id 
_struct_conn.pdbx_ptnr3_label_alt_id 
_struct_conn.pdbx_ptnr3_PDB_ins_code 
_struct_conn.details 
_struct_conn.pdbx_dist_value 
_struct_conn.pdbx_value_order 
_struct_conn.pdbx_role 
metalc1 metalc ? ? A HIS 68 NE2 ? ? ? 1_555 B HEM . FE ? ? A HIS 68   A HEM 1117 1_555 ? ? ? ? ? ? ? 2.261 ? ? 
metalc2 metalc ? ? B HEM .  FE  ? ? ? 1_555 D HOH . O  ? ? A HEM 1117 A HOH 2015 1_555 ? ? ? ? ? ? ? 2.093 ? ? 
# 
_struct_conn_type.id          metalc 
_struct_conn_type.criteria    ? 
_struct_conn_type.reference   ? 
# 
loop_
_struct_site.id 
_struct_site.pdbx_evidence_code 
_struct_site.pdbx_auth_asym_id 
_struct_site.pdbx_auth_comp_id 
_struct_site.pdbx_auth_seq_id 
_struct_site.pdbx_auth_ins_code 
_struct_site.pdbx_num_residues 
_struct_site.details 
AC1 Software ? ? ? ? 14 'BINDING SITE FOR RESIDUE HEM A1117' 
AC2 Software ? ? ? ? 1  'BINDING SITE FOR RESIDUE XE A1118'  
# 
loop_
_struct_site_gen.id 
_struct_site_gen.site_id 
_struct_site_gen.pdbx_num_res 
_struct_site_gen.label_comp_id 
_struct_site_gen.label_asym_id 
_struct_site_gen.label_seq_id 
_struct_site_gen.pdbx_auth_ins_code 
_struct_site_gen.auth_comp_id 
_struct_site_gen.auth_asym_id 
_struct_site_gen.auth_seq_id 
_struct_site_gen.label_atom_id 
_struct_site_gen.label_alt_id 
_struct_site_gen.symmetry 
_struct_site_gen.details 
1  AC1 14 PHE A 32  ? PHE A 32   . ? 1_555 ? 
2  AC1 14 PHE A 33  ? PHE A 33   . ? 1_555 ? 
3  AC1 14 GLN A 41  ? GLN A 41   . ? 1_555 ? 
4  AC1 14 LYS A 44  ? LYS A 44   . ? 1_555 ? 
5  AC1 14 THR A 45  ? THR A 45   . ? 1_555 ? 
6  AC1 14 ARG A 62  ? ARG A 62   . ? 1_555 ? 
7  AC1 14 LEU A 64  ? LEU A 64   . ? 1_555 ? 
8  AC1 14 HIS A 68  ? HIS A 68   . ? 1_555 ? 
9  AC1 14 MET A 71  ? MET A 71   . ? 1_555 ? 
10 AC1 14 VAL A 73  ? VAL A 73   . ? 1_555 ? 
11 AC1 14 PHE A 78  ? PHE A 78   . ? 1_555 ? 
12 AC1 14 VAL A 81  ? VAL A 81   . ? 1_555 ? 
13 AC1 14 VAL A 109 ? VAL A 109  . ? 1_555 ? 
14 AC1 14 HOH D .   ? HOH A 2015 . ? 1_555 ? 
15 AC2 1  VAL A 15  ? VAL A 15   . ? 1_555 ? 
# 
_atom_sites.entry_id                    1UVY 
_atom_sites.fract_transf_matrix[1][1]   0.00147960 
_atom_sites.fract_transf_matrix[1][2]   -0.00814517 
_atom_sites.fract_transf_matrix[1][3]   0.01403197 
_atom_sites.fract_transf_matrix[2][1]   0.01526969 
_atom_sites.fract_transf_matrix[2][2]   -0.00406366 
_atom_sites.fract_transf_matrix[2][3]   -0.00396895 
_atom_sites.fract_transf_matrix[3][1]   0.00994748 
_atom_sites.fract_transf_matrix[3][2]   0.02450840 
_atom_sites.fract_transf_matrix[3][3]   0.01317754 
_atom_sites.fract_transf_vector[1]      0.807501 
_atom_sites.fract_transf_vector[2]      0.411620 
_atom_sites.fract_transf_vector[3]      0.937966 
# 
loop_
_atom_type.symbol 
C  
FE 
N  
O  
S  
XE 
# 
loop_
_atom_site.group_PDB 
_atom_site.id 
_atom_site.type_symbol 
_atom_site.label_atom_id 
_atom_site.label_alt_id 
_atom_site.label_comp_id 
_atom_site.label_asym_id 
_atom_site.label_entity_id 
_atom_site.label_seq_id 
_atom_site.pdbx_PDB_ins_code 
_atom_site.Cartn_x 
_atom_site.Cartn_y 
_atom_site.Cartn_z 
_atom_site.occupancy 
_atom_site.B_iso_or_equiv 
_atom_site.pdbx_formal_charge 
_atom_site.auth_seq_id 
_atom_site.auth_comp_id 
_atom_site.auth_asym_id 
_atom_site.auth_atom_id 
_atom_site.pdbx_PDB_model_num 
ATOM   1   N  N   . SER A 1 1   ? -2.438  18.426  2.604   1.00   40.03 ? 1    SER A N   1 
ATOM   2   C  CA  . SER A 1 1   ? -2.380  16.988  2.973   1.00   39.29 ? 1    SER A CA  1 
ATOM   3   C  C   . SER A 1 1   ? -1.472  16.213  2.029   1.00   40.53 ? 1    SER A C   1 
ATOM   4   O  O   . SER A 1 1   ? -1.281  16.611  0.886   1.00   42.18 ? 1    SER A O   1 
ATOM   5   C  CB  . SER A 1 1   ? -3.772  16.407  2.899   1.00   37.39 ? 1    SER A CB  1 
ATOM   6   O  OG  . SER A 1 1   ? -4.271  16.653  1.620   1.00   37.10 ? 1    SER A OG  1 
ATOM   7   N  N   . LEU A 1 2   ? -0.901  15.107  2.487   1.00   40.15 ? 2    LEU A N   1 
ATOM   8   C  CA  . LEU A 1 2   ? -0.041  14.335  1.597   1.00   39.83 ? 2    LEU A CA  1 
ATOM   9   C  C   . LEU A 1 2   ? -0.900  13.928  0.431   1.00   39.56 ? 2    LEU A C   1 
ATOM   10  O  O   . LEU A 1 2   ? -0.449  13.895  -0.705  1.00   41.06 ? 2    LEU A O   1 
ATOM   11  C  CB  . LEU A 1 2   ? 0.509   13.089  2.281   1.00   37.36 ? 2    LEU A CB  1 
ATOM   12  C  CG  . LEU A 1 2   ? 1.506   13.420  3.381   1.00   37.11 ? 2    LEU A CG  1 
ATOM   13  C  CD1 . LEU A 1 2   ? 1.928   12.128  4.065   1.00   38.71 ? 2    LEU A CD1 1 
ATOM   14  C  CD2 . LEU A 1 2   ? 2.712   14.160  2.807   1.00   37.22 ? 2    LEU A CD2 1 
ATOM   15  N  N   . PHE A 1 3   ? -2.150  13.619  0.711   1.00   39.05 ? 3    PHE A N   1 
ATOM   16  C  CA  . PHE A 1 3   ? -3.045  13.254  -0.365  1.00   41.43 ? 3    PHE A CA  1 
ATOM   17  C  C   . PHE A 1 3   ? -2.972  14.337  -1.455  1.00   42.30 ? 3    PHE A C   1 
ATOM   18  O  O   . PHE A 1 3   ? -2.877  14.026  -2.634  1.00   43.22 ? 3    PHE A O   1 
ATOM   19  C  CB  . PHE A 1 3   ? -4.469  13.155  0.155   1.00   40.86 ? 3    PHE A CB  1 
ATOM   20  C  CG  . PHE A 1 3   ? -5.477  12.821  -0.898  1.00   42.25 ? 3    PHE A CG  1 
ATOM   21  C  CD1 . PHE A 1 3   ? -5.478  11.565  -1.508  1.00   42.53 ? 3    PHE A CD1 1 
ATOM   22  C  CD2 . PHE A 1 3   ? -6.484  13.739  -1.234  1.00   42.61 ? 3    PHE A CD2 1 
ATOM   23  C  CE1 . PHE A 1 3   ? -6.470  11.219  -2.426  1.00   41.99 ? 3    PHE A CE1 1 
ATOM   24  C  CE2 . PHE A 1 3   ? -7.484  13.408  -2.151  1.00   40.36 ? 3    PHE A CE2 1 
ATOM   25  C  CZ  . PHE A 1 3   ? -7.480  12.143  -2.746  1.00   41.87 ? 3    PHE A CZ  1 
ATOM   26  N  N   . GLU A 1 4   ? -3.005  15.613  -1.071  1.00   42.71 ? 4    GLU A N   1 
ATOM   27  C  CA  . GLU A 1 4   ? -2.945  16.671  -2.074  1.00   41.92 ? 4    GLU A CA  1 
ATOM   28  C  C   . GLU A 1 4   ? -1.558  16.853  -2.661  1.00   42.12 ? 4    GLU A C   1 
ATOM   29  O  O   . GLU A 1 4   ? -1.419  17.047  -3.868  1.00   42.06 ? 4    GLU A O   1 
ATOM   30  C  CB  . GLU A 1 4   ? -3.441  18.010  -1.508  1.00   41.97 ? 4    GLU A CB  1 
ATOM   31  C  CG  . GLU A 1 4   ? -4.944  18.087  -1.399  1.00   44.27 ? 4    GLU A CG  1 
ATOM   32  C  CD  . GLU A 1 4   ? -5.453  19.372  -0.787  1.00   44.14 ? 4    GLU A CD  1 
ATOM   33  O  OE1 . GLU A 1 4   ? -4.703  20.056  -0.062  1.00   42.40 ? 4    GLU A OE1 1 
ATOM   34  O  OE2 . GLU A 1 4   ? -6.638  19.679  -1.024  1.00   47.48 ? 4    GLU A OE2 1 
ATOM   35  N  N   . GLN A 1 5   ? -0.529  16.815  -1.821  1.00   40.61 ? 5    GLN A N   1 
ATOM   36  C  CA  . GLN A 1 5   ? 0.815   16.997  -2.334  1.00   40.35 ? 5    GLN A CA  1 
ATOM   37  C  C   . GLN A 1 5   ? 1.074   15.956  -3.429  1.00   38.23 ? 5    GLN A C   1 
ATOM   38  O  O   . GLN A 1 5   ? 1.746   16.234  -4.415  1.00   36.09 ? 5    GLN A O   1 
ATOM   39  C  CB  . GLN A 1 5   ? 1.821   16.885  -1.187  1.00   43.32 ? 5    GLN A CB  1 
ATOM   40  C  CG  . GLN A 1 5   ? 1.692   18.005  -0.149  1.00   46.85 ? 5    GLN A CG  1 
ATOM   41  C  CD  . GLN A 1 5   ? 2.723   17.901  0.986   1.00   51.15 ? 5    GLN A CD  1 
ATOM   42  O  OE1 . GLN A 1 5   ? 2.439   18.288  2.116   1.00   54.31 ? 5    GLN A OE1 1 
ATOM   43  N  NE2 . GLN A 1 5   ? 3.924   17.395  0.685   1.00   51.75 ? 5    GLN A NE2 1 
ATOM   44  N  N   . LEU A 1 6   ? 0.484   14.772  -3.250  1.00   37.05 ? 6    LEU A N   1 
ATOM   45  C  CA  . LEU A 1 6   ? 0.602   13.651  -4.181  1.00   34.85 ? 6    LEU A CA  1 
ATOM   46  C  C   . LEU A 1 6   ? -0.117  13.837  -5.509  1.00   34.28 ? 6    LEU A C   1 
ATOM   47  O  O   . LEU A 1 6   ? 0.224   13.196  -6.488  1.00   33.56 ? 6    LEU A O   1 
ATOM   48  C  CB  . LEU A 1 6   ? 0.079   12.378  -3.523  1.00   32.61 ? 6    LEU A CB  1 
ATOM   49  C  CG  . LEU A 1 6   ? 1.023   11.724  -2.521  1.00   35.09 ? 6    LEU A CG  1 
ATOM   50  C  CD1 . LEU A 1 6   ? 0.276   10.676  -1.729  1.00   33.68 ? 6    LEU A CD1 1 
ATOM   51  C  CD2 . LEU A 1 6   ? 2.227   11.127  -3.262  1.00   32.74 ? 6    LEU A CD2 1 
ATOM   52  N  N   . GLY A 1 7   ? -1.142  14.682  -5.537  1.00   35.30 ? 7    GLY A N   1 
ATOM   53  C  CA  . GLY A 1 7   ? -1.874  14.907  -6.773  1.00   34.82 ? 7    GLY A CA  1 
ATOM   54  C  C   . GLY A 1 7   ? -3.314  14.419  -6.757  1.00   35.61 ? 7    GLY A C   1 
ATOM   55  O  O   . GLY A 1 7   ? -4.013  14.478  -7.764  1.00   35.42 ? 7    GLY A O   1 
ATOM   56  N  N   . GLY A 1 8   ? -3.756  13.910  -5.618  1.00   35.53 ? 8    GLY A N   1 
ATOM   57  C  CA  . GLY A 1 8   ? -5.130  13.465  -5.517  1.00   35.85 ? 8    GLY A CA  1 
ATOM   58  C  C   . GLY A 1 8   ? -5.483  12.031  -5.850  1.00   37.60 ? 8    GLY A C   1 
ATOM   59  O  O   . GLY A 1 8   ? -4.633  11.180  -6.122  1.00   36.64 ? 8    GLY A O   1 
ATOM   60  N  N   . GLN A 1 9   ? -6.794  11.800  -5.826  1.00   39.40 ? 9    GLN A N   1 
ATOM   61  C  CA  . GLN A 1 9   ? -7.426  10.515  -6.063  1.00   39.53 ? 9    GLN A CA  1 
ATOM   62  C  C   . GLN A 1 9   ? -6.743  9.662   -7.109  1.00   38.88 ? 9    GLN A C   1 
ATOM   63  O  O   . GLN A 1 9   ? -6.313  8.543   -6.825  1.00   39.94 ? 9    GLN A O   1 
ATOM   64  C  CB  . GLN A 1 9   ? -8.872  10.735  -6.477  1.00   40.90 ? 9    GLN A CB  1 
ATOM   65  C  CG  . GLN A 1 9   ? -9.755  9.507   -6.320  1.00   45.50 ? 9    GLN A CG  1 
ATOM   66  C  CD  . GLN A 1 9   ? -10.394 9.439   -4.950  1.00   46.66 ? 9    GLN A CD  1 
ATOM   67  O  OE1 . GLN A 1 9   ? -10.035 10.202  -4.061  1.00   49.63 ? 9    GLN A OE1 1 
ATOM   68  N  NE2 . GLN A 1 9   ? -11.343 8.528   -4.772  1.00   47.38 ? 9    GLN A NE2 1 
ATOM   69  N  N   . ALA A 1 10  ? -6.655  10.189  -8.319  1.00   37.37 ? 10   ALA A N   1 
ATOM   70  C  CA  . ALA A 1 10  ? -6.051  9.464   -9.414  1.00   36.61 ? 10   ALA A CA  1 
ATOM   71  C  C   . ALA A 1 10  ? -4.583  9.154   -9.179  1.00   36.58 ? 10   ALA A C   1 
ATOM   72  O  O   . ALA A 1 10  ? -4.090  8.118   -9.629  1.00   36.71 ? 10   ALA A O   1 
ATOM   73  C  CB  . ALA A 1 10  ? -6.216  10.247  -10.703 1.00   37.69 ? 10   ALA A CB  1 
ATOM   74  N  N   . ALA A 1 11  ? -3.875  10.033  -8.475  1.00   34.95 ? 11   ALA A N   1 
ATOM   75  C  CA  . ALA A 1 11  ? -2.457  9.782   -8.238  1.00   33.97 ? 11   ALA A CA  1 
ATOM   76  C  C   . ALA A 1 11  ? -2.238  8.593   -7.318  1.00   33.98 ? 11   ALA A C   1 
ATOM   77  O  O   . ALA A 1 11  ? -1.382  7.762   -7.597  1.00   35.55 ? 11   ALA A O   1 
ATOM   78  C  CB  . ALA A 1 11  ? -1.773  11.017  -7.667  1.00   33.60 ? 11   ALA A CB  1 
ATOM   79  N  N   . VAL A 1 12  ? -3.002  8.517   -6.225  1.00   32.96 ? 12   VAL A N   1 
ATOM   80  C  CA  . VAL A 1 12  ? -2.899  7.424   -5.259  1.00   31.12 ? 12   VAL A CA  1 
ATOM   81  C  C   . VAL A 1 12  ? -3.297  6.128   -5.954  1.00   31.05 ? 12   VAL A C   1 
ATOM   82  O  O   . VAL A 1 12  ? -2.696  5.069   -5.752  1.00   30.26 ? 12   VAL A O   1 
ATOM   83  C  CB  . VAL A 1 12  ? -3.845  7.678   -4.079  1.00   31.60 ? 12   VAL A CB  1 
ATOM   84  C  CG1 . VAL A 1 12  ? -3.823  6.506   -3.101  1.00   29.94 ? 12   VAL A CG1 1 
ATOM   85  C  CG2 . VAL A 1 12  ? -3.435  8.954   -3.388  1.00   32.75 ? 12   VAL A CG2 1 
ATOM   86  N  N   . GLN A 1 13  ? -4.295  6.239   -6.816  1.00   31.13 ? 13   GLN A N   1 
ATOM   87  C  CA  . GLN A 1 13  ? -4.775  5.097   -7.553  1.00   33.47 ? 13   GLN A CA  1 
ATOM   88  C  C   . GLN A 1 13  ? -3.648  4.546   -8.406  1.00   31.81 ? 13   GLN A C   1 
ATOM   89  O  O   . GLN A 1 13  ? -3.245  3.397   -8.256  1.00   32.49 ? 13   GLN A O   1 
ATOM   90  C  CB  . GLN A 1 13  ? -5.944  5.504   -8.440  1.00   38.80 ? 13   GLN A CB  1 
ATOM   91  C  CG  . GLN A 1 13  ? -6.786  4.333   -8.972  1.00   45.14 ? 13   GLN A CG  1 
ATOM   92  C  CD  . GLN A 1 13  ? -7.687  3.748   -7.904  1.00   50.76 ? 13   GLN A CD  1 
ATOM   93  O  OE1 . GLN A 1 13  ? -8.116  4.460   -6.980  1.00   52.83 ? 13   GLN A OE1 1 
ATOM   94  N  NE2 . GLN A 1 13  ? -8.001  2.449   -8.027  1.00   52.62 ? 13   GLN A NE2 1 
ATOM   95  N  N   . ALA A 1 14  ? -3.112  5.383   -9.277  1.00   30.51 ? 14   ALA A N   1 
ATOM   96  C  CA  . ALA A 1 14  ? -2.062  4.943   -10.153 1.00   30.77 ? 14   ALA A CA  1 
ATOM   97  C  C   . ALA A 1 14  ? -0.901  4.362   -9.373  1.00   33.07 ? 14   ALA A C   1 
ATOM   98  O  O   . ALA A 1 14  ? -0.311  3.366   -9.769  1.00   34.89 ? 14   ALA A O   1 
ATOM   99  C  CB  . ALA A 1 14  ? -1.590  6.091   -11.032 1.00   27.98 ? 14   ALA A CB  1 
ATOM   100 N  N   . VAL A 1 15  ? -0.558  4.981   -8.258  1.00   34.16 ? 15   VAL A N   1 
ATOM   101 C  CA  . VAL A 1 15  ? 0.557   4.482   -7.482  1.00   34.10 ? 15   VAL A CA  1 
ATOM   102 C  C   . VAL A 1 15  ? 0.241   3.119   -6.876  1.00   34.21 ? 15   VAL A C   1 
ATOM   103 O  O   . VAL A 1 15  ? 1.112   2.235   -6.810  1.00   33.92 ? 15   VAL A O   1 
ATOM   104 C  CB  . VAL A 1 15  ? 0.938   5.497   -6.376  1.00   33.51 ? 15   VAL A CB  1 
ATOM   105 C  CG1 . VAL A 1 15  ? 1.779   4.860   -5.327  1.00   33.36 ? 15   VAL A CG1 1 
ATOM   106 C  CG2 . VAL A 1 15  ? 1.715   6.622   -6.991  1.00   33.04 ? 15   VAL A CG2 1 
ATOM   107 N  N   . THR A 1 16  ? -1.001  2.936   -6.440  1.00   33.64 ? 16   THR A N   1 
ATOM   108 C  CA  . THR A 1 16  ? -1.373  1.675   -5.827  1.00   32.91 ? 16   THR A CA  1 
ATOM   109 C  C   . THR A 1 16  ? -1.365  0.586   -6.858  1.00   33.69 ? 16   THR A C   1 
ATOM   110 O  O   . THR A 1 16  ? -0.934  -0.527  -6.575  1.00   35.11 ? 16   THR A O   1 
ATOM   111 C  CB  . THR A 1 16  ? -2.723  1.778   -5.179  1.00   33.90 ? 16   THR A CB  1 
ATOM   112 O  OG1 . THR A 1 16  ? -2.638  2.727   -4.119  1.00   33.84 ? 16   THR A OG1 1 
ATOM   113 C  CG2 . THR A 1 16  ? -3.133  0.460   -4.599  1.00   34.27 ? 16   THR A CG2 1 
ATOM   114 N  N   . ALA A 1 17  ? -1.828  0.915   -8.063  1.00   33.37 ? 17   ALA A N   1 
ATOM   115 C  CA  . ALA A 1 17  ? -1.823  -0.027  -9.179  1.00   32.57 ? 17   ALA A CA  1 
ATOM   116 C  C   . ALA A 1 17  ? -0.381  -0.538  -9.406  1.00   34.70 ? 17   ALA A C   1 
ATOM   117 O  O   . ALA A 1 17  ? -0.140  -1.738  -9.467  1.00   34.66 ? 17   ALA A O   1 
ATOM   118 C  CB  . ALA A 1 17  ? -2.318  0.656   -10.415 1.00   28.97 ? 17   ALA A CB  1 
ATOM   119 N  N   . GLN A 1 18  ? 0.573   0.387   -9.532  1.00   35.76 ? 18   GLN A N   1 
ATOM   120 C  CA  . GLN A 1 18  ? 1.976   0.031   -9.753  1.00   37.25 ? 18   GLN A CA  1 
ATOM   121 C  C   . GLN A 1 18  ? 2.559   -0.773  -8.558  1.00   37.62 ? 18   GLN A C   1 
ATOM   122 O  O   . GLN A 1 18  ? 3.442   -1.627  -8.719  1.00   36.40 ? 18   GLN A O   1 
ATOM   123 C  CB  . GLN A 1 18  ? 2.791   1.304   -9.974  1.00   36.62 ? 18   GLN A CB  1 
ATOM   124 C  CG  . GLN A 1 18  ? 4.260   1.033   -10.121 1.00   36.62 ? 18   GLN A CG  1 
ATOM   125 C  CD  . GLN A 1 18  ? 4.542   0.283   -11.386 1.00   37.93 ? 18   GLN A CD  1 
ATOM   126 O  OE1 . GLN A 1 18  ? 3.667   0.167   -12.242 1.00   37.51 ? 18   GLN A OE1 1 
ATOM   127 N  NE2 . GLN A 1 18  ? 5.765   -0.218  -11.530 1.00   40.24 ? 18   GLN A NE2 1 
ATOM   128 N  N   . PHE A 1 19  ? 2.032   -0.458  -7.373  1.00   38.32 ? 19   PHE A N   1 
ATOM   129 C  CA  . PHE A 1 19  ? 2.388   -1.075  -6.094  1.00   37.50 ? 19   PHE A CA  1 
ATOM   130 C  C   . PHE A 1 19  ? 2.113   -2.578  -6.192  1.00   38.81 ? 19   PHE A C   1 
ATOM   131 O  O   . PHE A 1 19  ? 3.011   -3.402  -5.971  1.00   39.96 ? 19   PHE A O   1 
ATOM   132 C  CB  . PHE A 1 19  ? 1.533   -0.413  -4.992  1.00   34.88 ? 19   PHE A CB  1 
ATOM   133 C  CG  . PHE A 1 19  ? 1.720   -0.989  -3.616  1.00   33.80 ? 19   PHE A CG  1 
ATOM   134 C  CD1 . PHE A 1 19  ? 2.984   -1.090  -3.046  1.00   31.69 ? 19   PHE A CD1 1 
ATOM   135 C  CD2 . PHE A 1 19  ? 0.608   -1.388  -2.868  1.00   33.83 ? 19   PHE A CD2 1 
ATOM   136 C  CE1 . PHE A 1 19  ? 3.132   -1.571  -1.759  1.00   32.31 ? 19   PHE A CE1 1 
ATOM   137 C  CE2 . PHE A 1 19  ? 0.747   -1.872  -1.585  1.00   31.46 ? 19   PHE A CE2 1 
ATOM   138 C  CZ  . PHE A 1 19  ? 2.009   -1.964  -1.023  1.00   32.18 ? 19   PHE A CZ  1 
ATOM   139 N  N   . TYR A 1 20  ? 0.881   -2.944  -6.532  1.00   38.85 ? 20   TYR A N   1 
ATOM   140 C  CA  . TYR A 1 20  ? 0.557   -4.353  -6.676  1.00   40.39 ? 20   TYR A CA  1 
ATOM   141 C  C   . TYR A 1 20  ? 1.289   -5.004  -7.839  1.00   39.68 ? 20   TYR A C   1 
ATOM   142 O  O   . TYR A 1 20  ? 1.676   -6.171  -7.765  1.00   42.31 ? 20   TYR A O   1 
ATOM   143 C  CB  . TYR A 1 20  ? -0.961  -4.547  -6.779  1.00   40.83 ? 20   TYR A CB  1 
ATOM   144 C  CG  . TYR A 1 20  ? -1.554  -4.439  -5.403  1.00   42.31 ? 20   TYR A CG  1 
ATOM   145 C  CD1 . TYR A 1 20  ? -2.317  -3.322  -5.026  1.00   40.75 ? 20   TYR A CD1 1 
ATOM   146 C  CD2 . TYR A 1 20  ? -1.188  -5.360  -4.409  1.00   42.76 ? 20   TYR A CD2 1 
ATOM   147 C  CE1 . TYR A 1 20  ? -2.685  -3.116  -3.694  1.00   41.61 ? 20   TYR A CE1 1 
ATOM   148 C  CE2 . TYR A 1 20  ? -1.550  -5.164  -3.070  1.00   43.90 ? 20   TYR A CE2 1 
ATOM   149 C  CZ  . TYR A 1 20  ? -2.295  -4.035  -2.712  1.00   43.83 ? 20   TYR A CZ  1 
ATOM   150 O  OH  . TYR A 1 20  ? -2.608  -3.822  -1.375  1.00   42.71 ? 20   TYR A OH  1 
ATOM   151 N  N   . ALA A 1 21  ? 1.512   -4.257  -8.905  1.00   38.08 ? 21   ALA A N   1 
ATOM   152 C  CA  . ALA A 1 21  ? 2.234   -4.827  -10.022 1.00   38.19 ? 21   ALA A CA  1 
ATOM   153 C  C   . ALA A 1 21  ? 3.626   -5.212  -9.509  1.00   38.29 ? 21   ALA A C   1 
ATOM   154 O  O   . ALA A 1 21  ? 4.064   -6.351  -9.660  1.00   38.07 ? 21   ALA A O   1 
ATOM   155 C  CB  . ALA A 1 21  ? 2.325   -3.827  -11.142 1.00   36.62 ? 21   ALA A CB  1 
ATOM   156 N  N   . ASN A 1 22  ? 4.308   -4.271  -8.866  1.00   40.01 ? 22   ASN A N   1 
ATOM   157 C  CA  . ASN A 1 22  ? 5.641   -4.551  -8.331  1.00   40.82 ? 22   ASN A CA  1 
ATOM   158 C  C   . ASN A 1 22  ? 5.606   -5.715  -7.368  1.00   42.74 ? 22   ASN A C   1 
ATOM   159 O  O   . ASN A 1 22  ? 6.611   -6.372  -7.142  1.00   44.01 ? 22   ASN A O   1 
ATOM   160 C  CB  . ASN A 1 22  ? 6.227   -3.338  -7.593  1.00   38.66 ? 22   ASN A CB  1 
ATOM   161 C  CG  . ASN A 1 22  ? 6.657   -2.226  -8.533  1.00   38.59 ? 22   ASN A CG  1 
ATOM   162 O  OD1 . ASN A 1 22  ? 6.990   -2.471  -9.692  1.00   38.61 ? 22   ASN A OD1 1 
ATOM   163 N  ND2 . ASN A 1 22  ? 6.675   -0.999  -8.028  1.00   36.23 ? 22   ASN A ND2 1 
ATOM   164 N  N   . ILE A 1 23  ? 4.453   -5.964  -6.771  1.00   44.81 ? 23   ILE A N   1 
ATOM   165 C  CA  . ILE A 1 23  ? 4.362   -7.057  -5.821  1.00   47.48 ? 23   ILE A CA  1 
ATOM   166 C  C   . ILE A 1 23  ? 4.304   -8.385  -6.574  1.00   49.27 ? 23   ILE A C   1 
ATOM   167 O  O   . ILE A 1 23  ? 5.094   -9.305  -6.313  1.00   49.16 ? 23   ILE A O   1 
ATOM   168 C  CB  . ILE A 1 23  ? 3.120   -6.883  -4.884  1.00   47.31 ? 23   ILE A CB  1 
ATOM   169 C  CG1 . ILE A 1 23  ? 3.402   -5.796  -3.844  1.00   44.86 ? 23   ILE A CG1 1 
ATOM   170 C  CG2 . ILE A 1 23  ? 2.791   -8.184  -4.188  1.00   46.96 ? 23   ILE A CG2 1 
ATOM   171 C  CD1 . ILE A 1 23  ? 2.181   -5.362  -3.091  1.00   43.26 ? 23   ILE A CD1 1 
ATOM   172 N  N   . GLN A 1 24  ? 3.394   -8.471  -7.531  1.00   50.51 ? 24   GLN A N   1 
ATOM   173 C  CA  . GLN A 1 24  ? 3.260   -9.696  -8.277  1.00   54.00 ? 24   GLN A CA  1 
ATOM   174 C  C   . GLN A 1 24  ? 4.503   -9.984  -9.098  1.00   55.12 ? 24   GLN A C   1 
ATOM   175 O  O   . GLN A 1 24  ? 4.714   -11.105 -9.542  1.00   54.78 ? 24   GLN A O   1 
ATOM   176 C  CB  . GLN A 1 24  ? 2.015   -9.626  -9.141  1.00   56.31 ? 24   GLN A CB  1 
ATOM   177 C  CG  . GLN A 1 24  ? 0.790   -9.377  -8.290  1.00   60.43 ? 24   GLN A CG  1 
ATOM   178 C  CD  . GLN A 1 24  ? -0.481  -9.822  -8.952  1.00   64.34 ? 24   GLN A CD  1 
ATOM   179 O  OE1 . GLN A 1 24  ? -0.967  -9.182  -9.899  1.00   67.13 ? 24   GLN A OE1 1 
ATOM   180 N  NE2 . GLN A 1 24  ? -1.038  -10.942 -8.467  1.00   66.28 ? 24   GLN A NE2 1 
ATOM   181 N  N   . ALA A 1 25  ? 5.346   -8.981  -9.288  1.00   55.59 ? 25   ALA A N   1 
ATOM   182 C  CA  . ALA A 1 25  ? 6.567   -9.213  -10.037 1.00   56.21 ? 25   ALA A CA  1 
ATOM   183 C  C   . ALA A 1 25  ? 7.692   -9.677  -9.100  1.00   56.66 ? 25   ALA A C   1 
ATOM   184 O  O   . ALA A 1 25  ? 8.781   -10.021 -9.553  1.00   57.28 ? 25   ALA A O   1 
ATOM   185 C  CB  . ALA A 1 25  ? 6.975   -7.955  -10.786 1.00   55.39 ? 25   ALA A CB  1 
ATOM   186 N  N   . ASP A 1 26  ? 7.435   -9.682  -7.793  1.00   56.89 ? 26   ASP A N   1 
ATOM   187 C  CA  . ASP A 1 26  ? 8.441   -10.131 -6.840  1.00   56.56 ? 26   ASP A CA  1 
ATOM   188 C  C   . ASP A 1 26  ? 8.085   -11.524 -6.319  1.00   57.06 ? 26   ASP A C   1 
ATOM   189 O  O   . ASP A 1 26  ? 7.081   -11.716 -5.615  1.00   55.24 ? 26   ASP A O   1 
ATOM   190 C  CB  . ASP A 1 26  ? 8.580   -9.172  -5.649  1.00   57.48 ? 26   ASP A CB  1 
ATOM   191 C  CG  . ASP A 1 26  ? 9.692   -9.609  -4.689  1.00   58.61 ? 26   ASP A CG  1 
ATOM   192 O  OD1 . ASP A 1 26  ? 9.791   -10.828 -4.458  1.00   59.79 ? 26   ASP A OD1 1 
ATOM   193 O  OD2 . ASP A 1 26  ? 10.464  -8.772  -4.159  1.00   57.58 ? 26   ASP A OD2 1 
ATOM   194 N  N   . ALA A 1 27  ? 8.929   -12.488 -6.684  1.00   57.30 ? 27   ALA A N   1 
ATOM   195 C  CA  . ALA A 1 27  ? 8.777   -13.884 -6.287  1.00   57.51 ? 27   ALA A CA  1 
ATOM   196 C  C   . ALA A 1 27  ? 8.602   -14.063 -4.765  1.00   57.84 ? 27   ALA A C   1 
ATOM   197 O  O   . ALA A 1 27  ? 7.688   -14.775 -4.309  1.00   58.58 ? 27   ALA A O   1 
ATOM   198 C  CB  . ALA A 1 27  ? 9.984   -14.660 -6.759  1.00   56.77 ? 27   ALA A CB  1 
ATOM   199 N  N   . THR A 1 28  ? 9.463   -13.389 -3.999  1.00   56.30 ? 28   THR A N   1 
ATOM   200 C  CA  . THR A 1 28  ? 9.474   -13.455 -2.538  1.00   55.36 ? 28   THR A CA  1 
ATOM   201 C  C   . THR A 1 28  ? 8.218   -13.089 -1.754  1.00   54.65 ? 28   THR A C   1 
ATOM   202 O  O   . THR A 1 28  ? 8.158   -13.385 -0.549  1.00   55.26 ? 28   THR A O   1 
ATOM   203 C  CB  . THR A 1 28  ? 10.654  -12.610 -1.929  1.00   57.92 ? 28   THR A CB  1 
ATOM   204 O  OG1 . THR A 1 28  ? 10.482  -11.215 -2.220  1.00   56.89 ? 28   THR A OG1 1 
ATOM   205 C  CG2 . THR A 1 28  ? 12.010  -13.088 -2.485  1.00   58.42 ? 28   THR A CG2 1 
ATOM   206 N  N   . VAL A 1 29  ? 7.239   -12.448 -2.406  1.00   52.96 ? 29   VAL A N   1 
ATOM   207 C  CA  . VAL A 1 29  ? 5.973   -12.048 -1.752  1.00   50.55 ? 29   VAL A CA  1 
ATOM   208 C  C   . VAL A 1 29  ? 4.772   -12.260 -2.640  1.00   48.44 ? 29   VAL A C   1 
ATOM   209 O  O   . VAL A 1 29  ? 3.648   -12.280 -2.165  1.00   48.46 ? 29   VAL A O   1 
ATOM   210 C  CB  . VAL A 1 29  ? 5.933   -10.524 -1.337  1.00   51.59 ? 29   VAL A CB  1 
ATOM   211 C  CG1 . VAL A 1 29  ? 7.005   -10.213 -0.280  1.00   51.39 ? 29   VAL A CG1 1 
ATOM   212 C  CG2 . VAL A 1 29  ? 6.115   -9.623  -2.578  1.00   51.07 ? 29   VAL A CG2 1 
ATOM   213 N  N   . ALA A 1 30  ? 5.017   -12.404 -3.938  1.00   48.94 ? 30   ALA A N   1 
ATOM   214 C  CA  . ALA A 1 30  ? 3.950   -12.576 -4.916  1.00   46.99 ? 30   ALA A CA  1 
ATOM   215 C  C   . ALA A 1 30  ? 2.976   -13.663 -4.504  1.00   46.46 ? 30   ALA A C   1 
ATOM   216 O  O   . ALA A 1 30  ? 1.777   -13.562 -4.768  1.00   45.33 ? 30   ALA A O   1 
ATOM   217 C  CB  . ALA A 1 30  ? 4.549   -12.879 -6.269  1.00   45.05 ? 30   ALA A CB  1 
ATOM   218 N  N   . THR A 1 31  ? 3.515   -14.687 -3.840  1.00   47.05 ? 31   THR A N   1 
ATOM   219 C  CA  . THR A 1 31  ? 2.776   -15.854 -3.341  1.00   46.92 ? 31   THR A CA  1 
ATOM   220 C  C   . THR A 1 31  ? 1.511   -15.574 -2.498  1.00   47.04 ? 31   THR A C   1 
ATOM   221 O  O   . THR A 1 31  ? 0.472   -16.195 -2.713  1.00   45.63 ? 31   THR A O   1 
ATOM   222 C  CB  . THR A 1 31  ? 3.725   -16.759 -2.523  1.00   47.28 ? 31   THR A CB  1 
ATOM   223 O  OG1 . THR A 1 31  ? 4.825   -17.153 -3.345  1.00   48.37 ? 31   THR A OG1 1 
ATOM   224 C  CG2 . THR A 1 31  ? 3.010   -17.994 -2.023  1.00   46.82 ? 31   THR A CG2 1 
ATOM   225 N  N   . PHE A 1 32  ? 1.586   -14.646 -1.547  1.00   48.89 ? 32   PHE A N   1 
ATOM   226 C  CA  . PHE A 1 32  ? 0.423   -14.342 -0.714  1.00   50.79 ? 32   PHE A CA  1 
ATOM   227 C  C   . PHE A 1 32  ? -0.771  -13.916 -1.562  1.00   50.72 ? 32   PHE A C   1 
ATOM   228 O  O   . PHE A 1 32  ? -1.920  -14.187 -1.224  1.00   50.14 ? 32   PHE A O   1 
ATOM   229 C  CB  . PHE A 1 32  ? 0.727   -13.224 0.291   1.00   52.70 ? 32   PHE A CB  1 
ATOM   230 C  CG  . PHE A 1 32  ? 1.865   -13.523 1.235   1.00   54.72 ? 32   PHE A CG  1 
ATOM   231 C  CD1 . PHE A 1 32  ? 3.164   -13.113 0.934   1.00   55.69 ? 32   PHE A CD1 1 
ATOM   232 C  CD2 . PHE A 1 32  ? 1.627   -14.142 2.462   1.00   54.21 ? 32   PHE A CD2 1 
ATOM   233 C  CE1 . PHE A 1 32  ? 4.212   -13.310 1.855   1.00   56.67 ? 32   PHE A CE1 1 
ATOM   234 C  CE2 . PHE A 1 32  ? 2.664   -14.343 3.384   1.00   54.44 ? 32   PHE A CE2 1 
ATOM   235 C  CZ  . PHE A 1 32  ? 3.956   -13.926 3.085   1.00   54.10 ? 32   PHE A CZ  1 
ATOM   236 N  N   . PHE A 1 33  ? -0.485  -13.251 -2.672  1.00   51.80 ? 33   PHE A N   1 
ATOM   237 C  CA  . PHE A 1 33  ? -1.527  -12.763 -3.556  1.00   53.18 ? 33   PHE A CA  1 
ATOM   238 C  C   . PHE A 1 33  ? -1.943  -13.737 -4.638  1.00   55.46 ? 33   PHE A C   1 
ATOM   239 O  O   . PHE A 1 33  ? -2.516  -13.334 -5.665  1.00   55.39 ? 33   PHE A O   1 
ATOM   240 C  CB  . PHE A 1 33  ? -1.107  -11.426 -4.161  1.00   50.73 ? 33   PHE A CB  1 
ATOM   241 C  CG  . PHE A 1 33  ? -1.008  -10.330 -3.146  1.00   47.76 ? 33   PHE A CG  1 
ATOM   242 C  CD1 . PHE A 1 33  ? 0.203   -10.046 -2.523  1.00   46.03 ? 33   PHE A CD1 1 
ATOM   243 C  CD2 . PHE A 1 33  ? -2.137  -9.619  -2.771  1.00   45.95 ? 33   PHE A CD2 1 
ATOM   244 C  CE1 . PHE A 1 33  ? 0.282   -9.068  -1.541  1.00   44.37 ? 33   PHE A CE1 1 
ATOM   245 C  CE2 . PHE A 1 33  ? -2.066  -8.643  -1.789  1.00   44.89 ? 33   PHE A CE2 1 
ATOM   246 C  CZ  . PHE A 1 33  ? -0.852  -8.369  -1.177  1.00   42.99 ? 33   PHE A CZ  1 
ATOM   247 N  N   . ASN A 1 34  ? -1.654  -15.021 -4.399  1.00   57.28 ? 34   ASN A N   1 
ATOM   248 C  CA  . ASN A 1 34  ? -2.043  -16.074 -5.329  1.00   58.75 ? 34   ASN A CA  1 
ATOM   249 C  C   . ASN A 1 34  ? -3.559  -16.196 -5.322  1.00   59.43 ? 34   ASN A C   1 
ATOM   250 O  O   . ASN A 1 34  ? -4.172  -16.309 -4.265  1.00   58.57 ? 34   ASN A O   1 
ATOM   251 C  CB  . ASN A 1 34  ? -1.445  -17.411 -4.912  1.00   59.82 ? 34   ASN A CB  1 
ATOM   252 C  CG  . ASN A 1 34  ? 0.025   -17.487 -5.180  1.00   59.84 ? 34   ASN A CG  1 
ATOM   253 O  OD1 . ASN A 1 34  ? 0.615   -16.530 -5.677  1.00   60.48 ? 34   ASN A OD1 1 
ATOM   254 N  ND2 . ASN A 1 34  ? 0.635   -18.624 -4.855  1.00   58.91 ? 34   ASN A ND2 1 
ATOM   255 N  N   . GLY A 1 35  ? -4.154  -16.168 -6.507  1.00   60.86 ? 35   GLY A N   1 
ATOM   256 C  CA  . GLY A 1 35  ? -5.595  -16.288 -6.617  1.00   62.84 ? 35   GLY A CA  1 
ATOM   257 C  C   . GLY A 1 35  ? -6.343  -15.164 -5.938  1.00   63.63 ? 35   GLY A C   1 
ATOM   258 O  O   . GLY A 1 35  ? -7.469  -15.346 -5.474  1.00   63.97 ? 35   GLY A O   1 
ATOM   259 N  N   . ILE A 1 36  ? -5.709  -13.999 -5.881  1.00   64.25 ? 36   ILE A N   1 
ATOM   260 C  CA  . ILE A 1 36  ? -6.305  -12.822 -5.269  1.00   64.38 ? 36   ILE A CA  1 
ATOM   261 C  C   . ILE A 1 36  ? -6.743  -11.851 -6.354  1.00   64.60 ? 36   ILE A C   1 
ATOM   262 O  O   . ILE A 1 36  ? -6.055  -11.702 -7.370  1.00   64.07 ? 36   ILE A O   1 
ATOM   263 C  CB  . ILE A 1 36  ? -5.297  -12.128 -4.330  1.00   64.82 ? 36   ILE A CB  1 
ATOM   264 C  CG1 . ILE A 1 36  ? -5.036  -13.024 -3.113  1.00   65.61 ? 36   ILE A CG1 1 
ATOM   265 C  CG2 . ILE A 1 36  ? -5.810  -10.761 -3.912  1.00   65.39 ? 36   ILE A CG2 1 
ATOM   266 C  CD1 . ILE A 1 36  ? -6.323  -13.505 -2.409  1.00   65.63 ? 36   ILE A CD1 1 
ATOM   267 N  N   . ASP A 1 37  ? -7.896  -11.209 -6.145  1.00   65.37 ? 37   ASP A N   1 
ATOM   268 C  CA  . ASP A 1 37  ? -8.427  -10.233 -7.107  1.00   65.52 ? 37   ASP A CA  1 
ATOM   269 C  C   . ASP A 1 37  ? -7.572  -8.960  -7.072  1.00   63.91 ? 37   ASP A C   1 
ATOM   270 O  O   . ASP A 1 37  ? -7.720  -8.121  -6.174  1.00   63.07 ? 37   ASP A O   1 
ATOM   271 C  CB  . ASP A 1 37  ? -9.870  -9.873  -6.764  1.00   66.72 ? 37   ASP A CB  1 
ATOM   272 C  CG  . ASP A 1 37  ? -10.561 -9.147  -7.897  1.00   68.77 ? 37   ASP A CG  1 
ATOM   273 O  OD1 . ASP A 1 37  ? -9.975  -8.172  -8.417  1.00   68.50 ? 37   ASP A OD1 1 
ATOM   274 O  OD2 . ASP A 1 37  ? -11.687 -9.553  -8.265  1.00   69.71 ? 37   ASP A OD2 1 
ATOM   275 N  N   . MET A 1 38  ? -6.690  -8.807  -8.055  1.00   61.55 ? 38   MET A N   1 
ATOM   276 C  CA  . MET A 1 38  ? -5.813  -7.652  -8.058  1.00   59.99 ? 38   MET A CA  1 
ATOM   277 C  C   . MET A 1 38  ? -6.473  -6.288  -8.302  1.00   59.15 ? 38   MET A C   1 
ATOM   278 O  O   . MET A 1 38  ? -6.086  -5.299  -7.678  1.00   59.03 ? 38   MET A O   1 
ATOM   279 C  CB  . MET A 1 38  ? -4.635  -7.912  -8.997  1.00   58.84 ? 38   MET A CB  1 
ATOM   280 C  CG  . MET A 1 38  ? -3.805  -9.124  -8.549  1.00   58.37 ? 38   MET A CG  1 
ATOM   281 S  SD  . MET A 1 38  ? -3.670  -9.361  -6.696  1.00   58.81 ? 38   MET A SD  1 
ATOM   282 C  CE  . MET A 1 38  ? -2.225  -8.378  -6.320  1.00   57.65 ? 38   MET A CE  1 
ATOM   283 N  N   . PRO A 1 39  ? -7.456  -6.201  -9.211  1.00   57.90 ? 39   PRO A N   1 
ATOM   284 C  CA  . PRO A 1 39  ? -8.067  -4.888  -9.395  1.00   57.06 ? 39   PRO A CA  1 
ATOM   285 C  C   . PRO A 1 39  ? -8.825  -4.475  -8.141  1.00   56.85 ? 39   PRO A C   1 
ATOM   286 O  O   . PRO A 1 39  ? -9.027  -3.282  -7.902  1.00   55.78 ? 39   PRO A O   1 
ATOM   287 C  CB  . PRO A 1 39  ? -8.991  -5.101  -10.582 1.00   57.21 ? 39   PRO A CB  1 
ATOM   288 C  CG  . PRO A 1 39  ? -8.205  -6.021  -11.426 1.00   57.90 ? 39   PRO A CG  1 
ATOM   289 C  CD  . PRO A 1 39  ? -7.700  -7.040  -10.397 1.00   59.56 ? 39   PRO A CD  1 
ATOM   290 N  N   . ASN A 1 40  ? -9.242  -5.458  -7.334  1.00   56.76 ? 40   ASN A N   1 
ATOM   291 C  CA  . ASN A 1 40  ? -9.968  -5.135  -6.098  1.00   55.61 ? 40   ASN A CA  1 
ATOM   292 C  C   . ASN A 1 40  ? -8.976  -4.726  -5.033  1.00   54.39 ? 40   ASN A C   1 
ATOM   293 O  O   . ASN A 1 40  ? -9.223  -3.803  -4.250  1.00   54.40 ? 40   ASN A O   1 
ATOM   294 C  CB  . ASN A 1 40  ? -10.822 -6.312  -5.601  1.00   55.48 ? 40   ASN A CB  1 
ATOM   295 C  CG  . ASN A 1 40  ? -11.474 -6.025  -4.236  1.00   56.45 ? 40   ASN A CG  1 
ATOM   296 O  OD1 . ASN A 1 40  ? -10.871 -6.259  -3.185  1.00   58.56 ? 40   ASN A OD1 1 
ATOM   297 N  ND2 . ASN A 1 40  ? -12.694 -5.500  -4.253  1.00   55.75 ? 40   ASN A ND2 1 
ATOM   298 N  N   . GLN A 1 41  ? -7.849  -5.419  -5.006  1.00   53.28 ? 41   GLN A N   1 
ATOM   299 C  CA  . GLN A 1 41  ? -6.811  -5.088  -4.053  1.00   53.89 ? 41   GLN A CA  1 
ATOM   300 C  C   . GLN A 1 41  ? -6.393  -3.644  -4.331  1.00   53.33 ? 41   GLN A C   1 
ATOM   301 O  O   . GLN A 1 41  ? -6.202  -2.848  -3.404  1.00   54.02 ? 41   GLN A O   1 
ATOM   302 C  CB  . GLN A 1 41  ? -5.616  -6.051  -4.202  1.00   55.05 ? 41   GLN A CB  1 
ATOM   303 C  CG  . GLN A 1 41  ? -5.744  -7.306  -3.349  1.00   56.30 ? 41   GLN A CG  1 
ATOM   304 C  CD  . GLN A 1 41  ? -5.771  -6.977  -1.857  1.00   58.40 ? 41   GLN A CD  1 
ATOM   305 O  OE1 . GLN A 1 41  ? -4.724  -6.875  -1.212  1.00   59.47 ? 41   GLN A OE1 1 
ATOM   306 N  NE2 . GLN A 1 41  ? -6.972  -6.780  -1.311  1.00   57.73 ? 41   GLN A NE2 1 
ATOM   307 N  N   . THR A 1 42  ? -6.281  -3.304  -5.613  1.00   51.34 ? 42   THR A N   1 
ATOM   308 C  CA  . THR A 1 42  ? -5.900  -1.962  -5.995  1.00   49.43 ? 42   THR A CA  1 
ATOM   309 C  C   . THR A 1 42  ? -6.928  -0.960  -5.522  1.00   49.03 ? 42   THR A C   1 
ATOM   310 O  O   . THR A 1 42  ? -6.577  0.088   -4.980  1.00   46.38 ? 42   THR A O   1 
ATOM   311 C  CB  . THR A 1 42  ? -5.757  -1.820  -7.520  1.00   49.71 ? 42   THR A CB  1 
ATOM   312 O  OG1 . THR A 1 42  ? -4.659  -2.620  -7.973  1.00   49.47 ? 42   THR A OG1 1 
ATOM   313 C  CG2 . THR A 1 42  ? -5.524  -0.361  -7.902  1.00   46.56 ? 42   THR A CG2 1 
ATOM   314 N  N   . ASN A 1 43  ? -8.200  -1.281  -5.712  1.00   50.14 ? 43   ASN A N   1 
ATOM   315 C  CA  . ASN A 1 43  ? -9.234  -0.340  -5.320  1.00   52.51 ? 43   ASN A CA  1 
ATOM   316 C  C   . ASN A 1 43  ? -9.395  -0.102  -3.849  1.00   52.42 ? 43   ASN A C   1 
ATOM   317 O  O   . ASN A 1 43  ? -9.493  1.050   -3.424  1.00   50.90 ? 43   ASN A O   1 
ATOM   318 C  CB  . ASN A 1 43  ? -10.574 -0.735  -5.906  1.00   56.05 ? 43   ASN A CB  1 
ATOM   319 C  CG  . ASN A 1 43  ? -10.652 -0.426  -7.369  1.00   60.63 ? 43   ASN A CG  1 
ATOM   320 O  OD1 . ASN A 1 43  ? -10.394 0.709   -7.781  1.00   63.94 ? 43   ASN A OD1 1 
ATOM   321 N  ND2 . ASN A 1 43  ? -10.992 -1.427  -8.178  1.00   63.93 ? 43   ASN A ND2 1 
ATOM   322 N  N   . LYS A 1 44  ? -9.415  -1.185  -3.072  1.00   52.64 ? 44   LYS A N   1 
ATOM   323 C  CA  . LYS A 1 44  ? -9.598  -1.070  -1.632  1.00   52.37 ? 44   LYS A CA  1 
ATOM   324 C  C   . LYS A 1 44  ? -8.430  -0.346  -1.018  1.00   51.44 ? 44   LYS A C   1 
ATOM   325 O  O   . LYS A 1 44  ? -8.614  0.602   -0.259  1.00   52.74 ? 44   LYS A O   1 
ATOM   326 C  CB  . LYS A 1 44  ? -9.753  -2.451  -0.979  1.00   54.84 ? 44   LYS A CB  1 
ATOM   327 C  CG  . LYS A 1 44  ? -11.117 -3.129  -1.197  1.00   56.22 ? 44   LYS A CG  1 
ATOM   328 C  CD  . LYS A 1 44  ? -12.244 -2.333  -0.540  1.00   59.50 ? 44   LYS A CD  1 
ATOM   329 C  CE  . LYS A 1 44  ? -13.595 -3.068  -0.585  1.00   60.74 ? 44   LYS A CE  1 
ATOM   330 N  NZ  . LYS A 1 44  ? -13.681 -4.261  0.332   1.00   60.99 ? 44   LYS A NZ  1 
ATOM   331 N  N   . THR A 1 45  ? -7.226  -0.789  -1.359  1.00   49.84 ? 45   THR A N   1 
ATOM   332 C  CA  . THR A 1 45  ? -6.022  -0.181  -0.823  1.00   47.27 ? 45   THR A CA  1 
ATOM   333 C  C   . THR A 1 45  ? -6.004  1.306   -1.163  1.00   47.09 ? 45   THR A C   1 
ATOM   334 O  O   . THR A 1 45  ? -5.665  2.151   -0.319  1.00   47.56 ? 45   THR A O   1 
ATOM   335 C  CB  . THR A 1 45  ? -4.759  -0.876  -1.386  1.00   47.23 ? 45   THR A CB  1 
ATOM   336 O  OG1 . THR A 1 45  ? -4.722  -2.233  -0.935  1.00   45.46 ? 45   THR A OG1 1 
ATOM   337 C  CG2 . THR A 1 45  ? -3.488  -0.162  -0.931  1.00   46.65 ? 45   THR A CG2 1 
ATOM   338 N  N   . ALA A 1 46  ? -6.389  1.639   -2.388  1.00   45.33 ? 46   ALA A N   1 
ATOM   339 C  CA  . ALA A 1 46  ? -6.393  3.031   -2.774  1.00   44.23 ? 46   ALA A CA  1 
ATOM   340 C  C   . ALA A 1 46  ? -7.306  3.797   -1.817  1.00   43.54 ? 46   ALA A C   1 
ATOM   341 O  O   . ALA A 1 46  ? -6.891  4.794   -1.206  1.00   41.82 ? 46   ALA A O   1 
ATOM   342 C  CB  . ALA A 1 46  ? -6.853  3.177   -4.195  1.00   44.48 ? 46   ALA A CB  1 
ATOM   343 N  N   . ALA A 1 47  ? -8.535  3.318   -1.667  1.00   42.43 ? 47   ALA A N   1 
ATOM   344 C  CA  . ALA A 1 47  ? -9.493  3.972   -0.774  1.00   42.65 ? 47   ALA A CA  1 
ATOM   345 C  C   . ALA A 1 47  ? -8.845  4.174   0.584   1.00   42.34 ? 47   ALA A C   1 
ATOM   346 O  O   . ALA A 1 47  ? -8.865  5.276   1.151   1.00   42.03 ? 47   ALA A O   1 
ATOM   347 C  CB  . ALA A 1 47  ? -10.740 3.117   -0.626  1.00   43.57 ? 47   ALA A CB  1 
ATOM   348 N  N   . PHE A 1 48  ? -8.248  3.094   1.085   1.00   41.32 ? 48   PHE A N   1 
ATOM   349 C  CA  . PHE A 1 48  ? -7.586  3.103   2.383   1.00   39.66 ? 48   PHE A CA  1 
ATOM   350 C  C   . PHE A 1 48  ? -6.486  4.180   2.510   1.00   39.37 ? 48   PHE A C   1 
ATOM   351 O  O   . PHE A 1 48  ? -6.423  4.896   3.509   1.00   38.63 ? 48   PHE A O   1 
ATOM   352 C  CB  . PHE A 1 48  ? -7.002  1.701   2.688   1.00   38.99 ? 48   PHE A CB  1 
ATOM   353 C  CG  . PHE A 1 48  ? -6.317  1.619   4.026   1.00   40.03 ? 48   PHE A CG  1 
ATOM   354 C  CD1 . PHE A 1 48  ? -7.059  1.622   5.207   1.00   41.37 ? 48   PHE A CD1 1 
ATOM   355 C  CD2 . PHE A 1 48  ? -4.932  1.671   4.123   1.00   39.28 ? 48   PHE A CD2 1 
ATOM   356 C  CE1 . PHE A 1 48  ? -6.430  1.695   6.470   1.00   40.37 ? 48   PHE A CE1 1 
ATOM   357 C  CE2 . PHE A 1 48  ? -4.301  1.745   5.385   1.00   39.79 ? 48   PHE A CE2 1 
ATOM   358 C  CZ  . PHE A 1 48  ? -5.052  1.758   6.553   1.00   37.83 ? 48   PHE A CZ  1 
ATOM   359 N  N   . LEU A 1 49  ? -5.624  4.291   1.497   1.00   39.60 ? 49   LEU A N   1 
ATOM   360 C  CA  . LEU A 1 49  ? -4.515  5.236   1.548   1.00   38.78 ? 49   LEU A CA  1 
ATOM   361 C  C   . LEU A 1 49  ? -4.946  6.688   1.414   1.00   39.88 ? 49   LEU A C   1 
ATOM   362 O  O   . LEU A 1 49  ? -4.378  7.583   2.059   1.00   38.06 ? 49   LEU A O   1 
ATOM   363 C  CB  . LEU A 1 49  ? -3.485  4.853   0.490   1.00   37.27 ? 49   LEU A CB  1 
ATOM   364 C  CG  . LEU A 1 49  ? -2.708  3.602   0.910   1.00   37.66 ? 49   LEU A CG  1 
ATOM   365 C  CD1 . LEU A 1 49  ? -2.177  2.840   -0.310  1.00   38.14 ? 49   LEU A CD1 1 
ATOM   366 C  CD2 . LEU A 1 49  ? -1.569  4.034   1.830   1.00   36.56 ? 49   LEU A CD2 1 
ATOM   367 N  N   . CYS A 1 50  ? -5.949  6.929   0.576   1.00   40.94 ? 50   CYS A N   1 
ATOM   368 C  CA  . CYS A 1 50  ? -6.452  8.285   0.408   1.00   42.46 ? 50   CYS A CA  1 
ATOM   369 C  C   . CYS A 1 50  ? -6.909  8.758   1.783   1.00   42.95 ? 50   CYS A C   1 
ATOM   370 O  O   . CYS A 1 50  ? -6.601  9.881   2.203   1.00   44.78 ? 50   CYS A O   1 
ATOM   371 C  CB  . CYS A 1 50  ? -7.635  8.313   -0.567  1.00   43.11 ? 50   CYS A CB  1 
ATOM   372 S  SG  . CYS A 1 50  ? -7.177  7.971   -2.276  1.00   48.38 ? 50   CYS A SG  1 
ATOM   373 N  N   . ALA A 1 51  ? -7.627  7.893   2.492   1.00   40.44 ? 51   ALA A N   1 
ATOM   374 C  CA  . ALA A 1 51  ? -8.103  8.249   3.809   1.00   40.84 ? 51   ALA A CA  1 
ATOM   375 C  C   . ALA A 1 51  ? -6.947  8.513   4.780   1.00   41.87 ? 51   ALA A C   1 
ATOM   376 O  O   . ALA A 1 51  ? -6.918  9.551   5.451   1.00   42.82 ? 51   ALA A O   1 
ATOM   377 C  CB  . ALA A 1 51  ? -9.004  7.154   4.339   1.00   40.87 ? 51   ALA A CB  1 
ATOM   378 N  N   . ALA A 1 52  ? -5.991  7.584   4.838   1.00   41.57 ? 52   ALA A N   1 
ATOM   379 C  CA  . ALA A 1 52  ? -4.847  7.699   5.732   1.00   40.08 ? 52   ALA A CA  1 
ATOM   380 C  C   . ALA A 1 52  ? -3.935  8.854   5.341   1.00   42.00 ? 52   ALA A C   1 
ATOM   381 O  O   . ALA A 1 52  ? -3.224  9.396   6.189   1.00   44.27 ? 52   ALA A O   1 
ATOM   382 C  CB  . ALA A 1 52  ? -4.075  6.415   5.725   1.00   37.07 ? 52   ALA A CB  1 
ATOM   383 N  N   . LEU A 1 53  ? -3.950  9.221   4.062   1.00   42.40 ? 53   LEU A N   1 
ATOM   384 C  CA  . LEU A 1 53  ? -3.122  10.302  3.554   1.00   44.36 ? 53   LEU A CA  1 
ATOM   385 C  C   . LEU A 1 53  ? -3.786  11.696  3.719   1.00   47.11 ? 53   LEU A C   1 
ATOM   386 O  O   . LEU A 1 53  ? -3.199  12.730  3.364   1.00   46.92 ? 53   LEU A O   1 
ATOM   387 C  CB  . LEU A 1 53  ? -2.775  10.013  2.083   1.00   42.84 ? 53   LEU A CB  1 
ATOM   388 C  CG  . LEU A 1 53  ? -1.806  8.836   1.835   1.00   42.39 ? 53   LEU A CG  1 
ATOM   389 C  CD1 . LEU A 1 53  ? -1.781  8.460   0.352   1.00   39.63 ? 53   LEU A CD1 1 
ATOM   390 C  CD2 . LEU A 1 53  ? -0.403  9.201   2.308   1.00   39.34 ? 53   LEU A CD2 1 
ATOM   391 N  N   . GLY A 1 54  ? -5.000  11.722  4.274   1.00   48.59 ? 54   GLY A N   1 
ATOM   392 C  CA  . GLY A 1 54  ? -5.682  12.989  4.491   1.00   50.90 ? 54   GLY A CA  1 
ATOM   393 C  C   . GLY A 1 54  ? -6.865  13.242  3.580   1.00   53.17 ? 54   GLY A C   1 
ATOM   394 O  O   . GLY A 1 54  ? -7.466  14.311  3.613   1.00   53.11 ? 54   GLY A O   1 
ATOM   395 N  N   . GLY A 1 55  ? -7.213  12.249  2.772   1.00   54.65 ? 55   GLY A N   1 
ATOM   396 C  CA  . GLY A 1 55  ? -8.324  12.399  1.849   1.00   57.51 ? 55   GLY A CA  1 
ATOM   397 C  C   . GLY A 1 55  ? -9.667  12.678  2.498   1.00   59.39 ? 55   GLY A C   1 
ATOM   398 O  O   . GLY A 1 55  ? -9.810  12.502  3.699   1.00   59.80 ? 55   GLY A O   1 
ATOM   399 N  N   . PRO A 1 56  ? -10.677 13.094  1.715   1.00   60.72 ? 56   PRO A N   1 
ATOM   400 C  CA  . PRO A 1 56  ? -12.047 13.425  2.129   1.00   61.83 ? 56   PRO A CA  1 
ATOM   401 C  C   . PRO A 1 56  ? -12.846 12.258  2.718   1.00   62.78 ? 56   PRO A C   1 
ATOM   402 O  O   . PRO A 1 56  ? -13.273 12.338  3.879   1.00   62.67 ? 56   PRO A O   1 
ATOM   403 C  CB  . PRO A 1 56  ? -12.683 13.936  0.841   1.00   62.30 ? 56   PRO A CB  1 
ATOM   404 C  CG  . PRO A 1 56  ? -11.506 14.341  -0.014  1.00   62.24 ? 56   PRO A CG  1 
ATOM   405 C  CD  . PRO A 1 56  ? -10.539 13.246  0.259   1.00   61.09 ? 56   PRO A CD  1 
ATOM   406 N  N   . ASN A 1 57  ? -13.063 11.202  1.913   1.00   63.26 ? 57   ASN A N   1 
ATOM   407 C  CA  . ASN A 1 57  ? -13.811 10.012  2.355   1.00   63.74 ? 57   ASN A CA  1 
ATOM   408 C  C   . ASN A 1 57  ? -12.917 9.115   3.187   1.00   64.01 ? 57   ASN A C   1 
ATOM   409 O  O   . ASN A 1 57  ? -11.961 8.526   2.674   1.00   64.38 ? 57   ASN A O   1 
ATOM   410 C  CB  . ASN A 1 57  ? -14.334 9.176   1.185   1.00   63.56 ? 57   ASN A CB  1 
ATOM   411 C  CG  . ASN A 1 57  ? -14.330 9.923   -0.116  1.00   65.89 ? 57   ASN A CG  1 
ATOM   412 O  OD1 . ASN A 1 57  ? -14.802 11.050  -0.192  1.00   67.63 ? 57   ASN A OD1 1 
ATOM   413 N  ND2 . ASN A 1 57  ? -13.804 9.293   -1.162  1.00   65.99 ? 57   ASN A ND2 1 
ATOM   414 N  N   . ALA A 1 58  ? -13.235 9.008   4.470   1.00   64.30 ? 58   ALA A N   1 
ATOM   415 C  CA  . ALA A 1 58  ? -12.449 8.179   5.367   1.00   64.61 ? 58   ALA A CA  1 
ATOM   416 C  C   . ALA A 1 58  ? -12.701 6.666   5.122   1.00   63.94 ? 58   ALA A C   1 
ATOM   417 O  O   . ALA A 1 58  ? -13.668 6.279   4.440   1.00   62.97 ? 58   ALA A O   1 
ATOM   418 C  CB  . ALA A 1 58  ? -12.741 8.569   6.811   1.00   63.98 ? 58   ALA A CB  1 
ATOM   419 N  N   . TRP A 1 59  ? -11.812 5.832   5.668   1.00   62.48 ? 59   TRP A N   1 
ATOM   420 C  CA  . TRP A 1 59  ? -11.877 4.386   5.491   1.00   62.00 ? 59   TRP A CA  1 
ATOM   421 C  C   . TRP A 1 59  ? -13.043 3.736   6.204   1.00   63.59 ? 59   TRP A C   1 
ATOM   422 O  O   . TRP A 1 59  ? -13.243 3.935   7.400   1.00   63.04 ? 59   TRP A O   1 
ATOM   423 C  CB  . TRP A 1 59  ? -10.571 3.739   5.963   1.00   59.11 ? 59   TRP A CB  1 
ATOM   424 C  CG  . TRP A 1 59  ? -10.542 2.224   5.875   1.00   55.89 ? 59   TRP A CG  1 
ATOM   425 C  CD1 . TRP A 1 59  ? -10.380 1.352   6.913   1.00   55.79 ? 59   TRP A CD1 1 
ATOM   426 C  CD2 . TRP A 1 59  ? -10.602 1.416   4.684   1.00   54.13 ? 59   TRP A CD2 1 
ATOM   427 N  NE1 . TRP A 1 59  ? -10.329 0.057   6.448   1.00   54.31 ? 59   TRP A NE1 1 
ATOM   428 C  CE2 . TRP A 1 59  ? -10.463 0.066   5.084   1.00   53.31 ? 59   TRP A CE2 1 
ATOM   429 C  CE3 . TRP A 1 59  ? -10.756 1.700   3.319   1.00   52.92 ? 59   TRP A CE3 1 
ATOM   430 C  CZ2 . TRP A 1 59  ? -10.471 -0.995  4.173   1.00   52.58 ? 59   TRP A CZ2 1 
ATOM   431 C  CZ3 . TRP A 1 59  ? -10.763 0.639   2.409   1.00   52.62 ? 59   TRP A CZ3 1 
ATOM   432 C  CH2 . TRP A 1 59  ? -10.621 -0.693  2.844   1.00   52.71 ? 59   TRP A CH2 1 
ATOM   433 N  N   . THR A 1 60  ? -13.799 2.943   5.458   1.00   64.74 ? 60   THR A N   1 
ATOM   434 C  CA  . THR A 1 60  ? -14.946 2.253   6.013   1.00   66.96 ? 60   THR A CA  1 
ATOM   435 C  C   . THR A 1 60  ? -14.694 0.751   6.087   1.00   67.30 ? 60   THR A C   1 
ATOM   436 O  O   . THR A 1 60  ? -15.028 0.112   7.080   1.00   68.74 ? 60   THR A O   1 
ATOM   437 C  CB  . THR A 1 60  ? -16.204 2.519   5.160   1.00   68.52 ? 60   THR A CB  1 
ATOM   438 O  OG1 . THR A 1 60  ? -15.990 2.056   3.812   1.00   70.14 ? 60   THR A OG1 1 
ATOM   439 C  CG2 . THR A 1 60  ? -16.514 4.013   5.153   1.00   67.50 ? 60   THR A CG2 1 
ATOM   440 N  N   . GLY A 1 61  ? -14.090 0.208   5.034   1.00   67.27 ? 61   GLY A N   1 
ATOM   441 C  CA  . GLY A 1 61  ? -13.790 -1.213  4.949   1.00   66.85 ? 61   GLY A CA  1 
ATOM   442 C  C   . GLY A 1 61  ? -13.397 -1.933  6.228   1.00   66.79 ? 61   GLY A C   1 
ATOM   443 O  O   . GLY A 1 61  ? -13.316 -1.343  7.317   1.00   66.33 ? 61   GLY A O   1 
ATOM   444 N  N   . ARG A 1 62  ? -13.132 -3.229  6.066   1.00   67.01 ? 62   ARG A N   1 
ATOM   445 C  CA  . ARG A 1 62  ? -12.763 -4.144  7.157   1.00   66.64 ? 62   ARG A CA  1 
ATOM   446 C  C   . ARG A 1 62  ? -11.546 -3.724  7.971   1.00   65.15 ? 62   ARG A C   1 
ATOM   447 O  O   . ARG A 1 62  ? -10.782 -2.860  7.562   1.00   65.15 ? 62   ARG A O   1 
ATOM   448 C  CB  . ARG A 1 62  ? -12.583 -5.552  6.571   1.00   67.44 ? 62   ARG A CB  1 
ATOM   449 C  CG  . ARG A 1 62  ? -13.825 -5.977  5.748   1.00   70.31 ? 62   ARG A CG  1 
ATOM   450 C  CD  . ARG A 1 62  ? -13.646 -7.231  4.893   1.00   71.77 ? 62   ARG A CD  1 
ATOM   451 N  NE  . ARG A 1 62  ? -14.766 -7.418  3.958   1.00   72.63 ? 62   ARG A NE  1 
ATOM   452 C  CZ  . ARG A 1 62  ? -15.073 -6.583  2.971   0.0000 72.81 ? 62   ARG A CZ  1 
ATOM   453 N  NH1 . ARG A 1 62  ? -14.353 -5.488  2.771   0.0000 73.01 ? 62   ARG A NH1 1 
ATOM   454 N  NH2 . ARG A 1 62  ? -16.103 -6.846  2.180   0.0000 73.01 ? 62   ARG A NH2 1 
ATOM   455 N  N   . ASN A 1 63  ? -11.394 -4.304  9.154   1.00   64.54 ? 63   ASN A N   1 
ATOM   456 C  CA  . ASN A 1 63  ? -10.256 -3.975  9.996   1.00   64.47 ? 63   ASN A CA  1 
ATOM   457 C  C   . ASN A 1 63  ? -9.073  -4.711  9.385   1.00   63.68 ? 63   ASN A C   1 
ATOM   458 O  O   . ASN A 1 63  ? -9.119  -5.927  9.179   1.00   61.69 ? 63   ASN A O   1 
ATOM   459 C  CB  . ASN A 1 63  ? -10.494 -4.440  11.441  1.00   66.08 ? 63   ASN A CB  1 
ATOM   460 C  CG  . ASN A 1 63  ? -9.227  -4.399  12.281  1.00   68.52 ? 63   ASN A CG  1 
ATOM   461 O  OD1 . ASN A 1 63  ? -8.240  -5.061  11.960  1.00   69.52 ? 63   ASN A OD1 1 
ATOM   462 N  ND2 . ASN A 1 63  ? -9.247  -3.620  13.362  1.00   69.02 ? 63   ASN A ND2 1 
ATOM   463 N  N   . LEU A 1 64  ? -8.015  -3.975  9.080   1.00   62.96 ? 64   LEU A N   1 
ATOM   464 C  CA  . LEU A 1 64  ? -6.865  -4.609  8.470   1.00   62.20 ? 64   LEU A CA  1 
ATOM   465 C  C   . LEU A 1 64  ? -6.197  -5.622  9.380   1.00   61.94 ? 64   LEU A C   1 
ATOM   466 O  O   . LEU A 1 64  ? -5.784  -6.678  8.905   1.00   61.25 ? 64   LEU A O   1 
ATOM   467 C  CB  . LEU A 1 64  ? -5.860  -3.562  7.994   1.00   61.28 ? 64   LEU A CB  1 
ATOM   468 C  CG  . LEU A 1 64  ? -6.354  -2.687  6.842   1.00   60.92 ? 64   LEU A CG  1 
ATOM   469 C  CD1 . LEU A 1 64  ? -5.208  -1.867  6.279   1.00   61.11 ? 64   LEU A CD1 1 
ATOM   470 C  CD2 . LEU A 1 64  ? -6.938  -3.569  5.763   1.00   60.37 ? 64   LEU A CD2 1 
ATOM   471 N  N   . LYS A 1 65  ? -6.079  -5.312  10.673  1.00   62.02 ? 65   LYS A N   1 
ATOM   472 C  CA  . LYS A 1 65  ? -5.461  -6.260  11.614  1.00   62.80 ? 65   LYS A CA  1 
ATOM   473 C  C   . LYS A 1 65  ? -6.194  -7.589  11.451  1.00   62.38 ? 65   LYS A C   1 
ATOM   474 O  O   . LYS A 1 65  ? -5.595  -8.653  11.336  1.00   61.75 ? 65   LYS A O   1 
ATOM   475 C  CB  . LYS A 1 65  ? -5.601  -5.782  13.071  1.00   61.79 ? 65   LYS A CB  1 
ATOM   476 C  CG  . LYS A 1 65  ? -5.077  -6.774  14.116  1.00   59.59 ? 65   LYS A CG  1 
ATOM   477 C  CD  . LYS A 1 65  ? -5.336  -6.295  15.537  0.0000 60.68 ? 65   LYS A CD  1 
ATOM   478 C  CE  . LYS A 1 65  ? -4.583  -5.012  15.845  0.0000 60.60 ? 65   LYS A CE  1 
ATOM   479 N  NZ  . LYS A 1 65  ? -4.826  -4.551  17.240  0.0000 60.83 ? 65   LYS A NZ  1 
ATOM   480 N  N   . GLU A 1 66  ? -7.511  -7.493  11.417  1.00   63.02 ? 66   GLU A N   1 
ATOM   481 C  CA  . GLU A 1 66  ? -8.372  -8.647  11.267  1.00   64.23 ? 66   GLU A CA  1 
ATOM   482 C  C   . GLU A 1 66  ? -8.281  -9.291  9.886   1.00   63.60 ? 66   GLU A C   1 
ATOM   483 O  O   . GLU A 1 66  ? -8.251  -10.507 9.767   1.00   65.34 ? 66   GLU A O   1 
ATOM   484 C  CB  . GLU A 1 66  ? -9.799  -8.219  11.530  1.00   65.95 ? 66   GLU A CB  1 
ATOM   485 C  CG  . GLU A 1 66  ? -10.808 -9.291  11.317  1.00   68.40 ? 66   GLU A CG  1 
ATOM   486 C  CD  . GLU A 1 66  ? -12.182 -8.750  11.529  1.00   71.00 ? 66   GLU A CD  1 
ATOM   487 O  OE1 . GLU A 1 66  ? -12.485 -8.378  12.688  1.00   70.73 ? 66   GLU A OE1 1 
ATOM   488 O  OE2 . GLU A 1 66  ? -12.940 -8.672  10.528  1.00   72.91 ? 66   GLU A OE2 1 
ATOM   489 N  N   . VAL A 1 67  ? -8.256  -8.477  8.842   1.00   61.85 ? 67   VAL A N   1 
ATOM   490 C  CA  . VAL A 1 67  ? -8.165  -8.987  7.483   1.00   59.14 ? 67   VAL A CA  1 
ATOM   491 C  C   . VAL A 1 67  ? -6.952  -9.877  7.261   1.00   59.68 ? 67   VAL A C   1 
ATOM   492 O  O   . VAL A 1 67  ? -7.059  -10.930 6.633   1.00   59.36 ? 67   VAL A O   1 
ATOM   493 C  CB  . VAL A 1 67  ? -8.097  -7.827  6.479   1.00   58.47 ? 67   VAL A CB  1 
ATOM   494 C  CG1 . VAL A 1 67  ? -7.540  -8.311  5.145   1.00   55.09 ? 67   VAL A CG1 1 
ATOM   495 C  CG2 . VAL A 1 67  ? -9.480  -7.220  6.316   1.00   55.11 ? 67   VAL A CG2 1 
ATOM   496 N  N   . HIS A 1 68  ? -5.805  -9.448  7.789   1.00   59.37 ? 68   HIS A N   1 
ATOM   497 C  CA  . HIS A 1 68  ? -4.534  -10.164 7.628   1.00   58.59 ? 68   HIS A CA  1 
ATOM   498 C  C   . HIS A 1 68  ? -4.108  -11.159 8.730   1.00   59.48 ? 68   HIS A C   1 
ATOM   499 O  O   . HIS A 1 68  ? -2.943  -11.586 8.738   1.00   59.33 ? 68   HIS A O   1 
ATOM   500 C  CB  . HIS A 1 68  ? -3.385  -9.153  7.452   1.00   57.01 ? 68   HIS A CB  1 
ATOM   501 C  CG  . HIS A 1 68  ? -3.644  -8.097  6.426   1.00   55.67 ? 68   HIS A CG  1 
ATOM   502 N  ND1 . HIS A 1 68  ? -4.291  -6.916  6.720   1.00   55.38 ? 68   HIS A ND1 1 
ATOM   503 C  CD2 . HIS A 1 68  ? -3.326  -8.031  5.113   1.00   54.82 ? 68   HIS A CD2 1 
ATOM   504 C  CE1 . HIS A 1 68  ? -4.354  -6.169  5.635   1.00   54.55 ? 68   HIS A CE1 1 
ATOM   505 N  NE2 . HIS A 1 68  ? -3.776  -6.823  4.644   1.00   54.16 ? 68   HIS A NE2 1 
ATOM   506 N  N   . ALA A 1 69  ? -4.998  -11.516 9.665   1.00   59.85 ? 69   ALA A N   1 
ATOM   507 C  CA  . ALA A 1 69  ? -4.620  -12.464 10.728  1.00   59.09 ? 69   ALA A CA  1 
ATOM   508 C  C   . ALA A 1 69  ? -4.351  -13.816 10.082  1.00   59.21 ? 69   ALA A C   1 
ATOM   509 O  O   . ALA A 1 69  ? -5.048  -14.202 9.137   1.00   57.68 ? 69   ALA A O   1 
ATOM   510 C  CB  . ALA A 1 69  ? -5.713  -12.583 11.758  1.00   57.67 ? 69   ALA A CB  1 
ATOM   511 N  N   . ASN A 1 70  ? -3.329  -14.516 10.577  1.00   59.52 ? 70   ASN A N   1 
ATOM   512 C  CA  . ASN A 1 70  ? -2.940  -15.813 10.020  1.00   60.34 ? 70   ASN A CA  1 
ATOM   513 C  C   . ASN A 1 70  ? -2.779  -15.717 8.499   1.00   60.77 ? 70   ASN A C   1 
ATOM   514 O  O   . ASN A 1 70  ? -3.609  -16.225 7.738   1.00   61.52 ? 70   ASN A O   1 
ATOM   515 C  CB  . ASN A 1 70  ? -3.991  -16.877 10.346  1.00   60.46 ? 70   ASN A CB  1 
ATOM   516 C  CG  . ASN A 1 70  ? -4.274  -16.974 11.828  1.00   61.56 ? 70   ASN A CG  1 
ATOM   517 O  OD1 . ASN A 1 70  ? -3.349  -17.021 12.653  1.00   61.45 ? 70   ASN A OD1 1 
ATOM   518 N  ND2 . ASN A 1 70  ? -5.558  -17.011 12.182  1.00   61.93 ? 70   ASN A ND2 1 
ATOM   519 N  N   . MET A 1 71  ? -1.720  -15.056 8.048   1.00   59.46 ? 71   MET A N   1 
ATOM   520 C  CA  . MET A 1 71  ? -1.512  -14.909 6.616   1.00   58.97 ? 71   MET A CA  1 
ATOM   521 C  C   . MET A 1 71  ? -0.062  -15.213 6.362   1.00   58.52 ? 71   MET A C   1 
ATOM   522 O  O   . MET A 1 71  ? 0.372   -15.354 5.210   1.00   58.70 ? 71   MET A O   1 
ATOM   523 C  CB  . MET A 1 71  ? -1.846  -13.490 6.168   1.00   58.81 ? 71   MET A CB  1 
ATOM   524 C  CG  . MET A 1 71  ? -2.593  -13.408 4.871   1.00   57.63 ? 71   MET A CG  1 
ATOM   525 S  SD  . MET A 1 71  ? -3.097  -11.721 4.623   1.00   60.19 ? 71   MET A SD  1 
ATOM   526 C  CE  . MET A 1 71  ? -4.831  -11.901 4.229   1.00   58.57 ? 71   MET A CE  1 
ATOM   527 N  N   . GLY A 1 72  ? 0.678   -15.300 7.466   1.00   55.77 ? 72   GLY A N   1 
ATOM   528 C  CA  . GLY A 1 72  ? 2.084   -15.638 7.400   1.00   54.71 ? 72   GLY A CA  1 
ATOM   529 C  C   . GLY A 1 72  ? 3.033   -14.531 7.028   1.00   52.44 ? 72   GLY A C   1 
ATOM   530 O  O   . GLY A 1 72  ? 4.190   -14.785 6.717   1.00   52.74 ? 72   GLY A O   1 
ATOM   531 N  N   . VAL A 1 73  ? 2.564   -13.298 7.061   1.00   50.63 ? 73   VAL A N   1 
ATOM   532 C  CA  . VAL A 1 73  ? 3.449   -12.203 6.716   1.00   49.07 ? 73   VAL A CA  1 
ATOM   533 C  C   . VAL A 1 73  ? 4.454   -11.921 7.826   1.00   48.24 ? 73   VAL A C   1 
ATOM   534 O  O   . VAL A 1 73  ? 4.084   -11.782 8.991   1.00   48.65 ? 73   VAL A O   1 
ATOM   535 C  CB  . VAL A 1 73  ? 2.666   -10.927 6.430   1.00   47.11 ? 73   VAL A CB  1 
ATOM   536 C  CG1 . VAL A 1 73  ? 3.613   -9.871  5.951   1.00   47.14 ? 73   VAL A CG1 1 
ATOM   537 C  CG2 . VAL A 1 73  ? 1.579   -11.205 5.400   1.00   47.32 ? 73   VAL A CG2 1 
ATOM   538 N  N   . SER A 1 74  ? 5.722   -11.826 7.437   1.00   47.86 ? 74   SER A N   1 
ATOM   539 C  CA  . SER A 1 74  ? 6.826   -11.547 8.343   1.00   47.62 ? 74   SER A CA  1 
ATOM   540 C  C   . SER A 1 74  ? 7.262   -10.087 8.160   1.00   48.31 ? 74   SER A C   1 
ATOM   541 O  O   . SER A 1 74  ? 6.878   -9.453  7.177   1.00   48.80 ? 74   SER A O   1 
ATOM   542 C  CB  . SER A 1 74  ? 8.007   -12.440 8.004   1.00   47.61 ? 74   SER A CB  1 
ATOM   543 O  OG  . SER A 1 74  ? 8.813   -11.817 7.011   1.00   47.06 ? 74   SER A OG  1 
ATOM   544 N  N   . ASN A 1 75  ? 8.077   -9.567  9.083   1.00   47.50 ? 75   ASN A N   1 
ATOM   545 C  CA  . ASN A 1 75  ? 8.546   -8.184  8.996   1.00   47.59 ? 75   ASN A CA  1 
ATOM   546 C  C   . ASN A 1 75  ? 9.400   -7.971  7.749   1.00   47.83 ? 75   ASN A C   1 
ATOM   547 O  O   . ASN A 1 75  ? 9.300   -6.943  7.081   1.00   48.51 ? 75   ASN A O   1 
ATOM   548 C  CB  . ASN A 1 75  ? 9.366   -7.782  10.241  1.00   47.65 ? 75   ASN A CB  1 
ATOM   549 C  CG  . ASN A 1 75  ? 8.494   -7.425  11.444  1.00   47.33 ? 75   ASN A CG  1 
ATOM   550 O  OD1 . ASN A 1 75  ? 7.718   -6.468  11.410  1.00   47.65 ? 75   ASN A OD1 1 
ATOM   551 N  ND2 . ASN A 1 75  ? 8.628   -8.192  12.514  1.00   46.43 ? 75   ASN A ND2 1 
ATOM   552 N  N   . ALA A 1 76  ? 10.248  -8.941  7.440   1.00   47.84 ? 76   ALA A N   1 
ATOM   553 C  CA  . ALA A 1 76  ? 11.095  -8.827  6.270   1.00   46.84 ? 76   ALA A CA  1 
ATOM   554 C  C   . ALA A 1 76  ? 10.159  -8.638  5.101   1.00   46.34 ? 76   ALA A C   1 
ATOM   555 O  O   . ALA A 1 76  ? 10.249  -7.635  4.383   1.00   46.13 ? 76   ALA A O   1 
ATOM   556 C  CB  . ALA A 1 76  ? 11.892  -10.063 6.091   1.00   49.06 ? 76   ALA A CB  1 
ATOM   557 N  N   . GLN A 1 77  ? 9.245   -9.590  4.934   1.00   43.47 ? 77   GLN A N   1 
ATOM   558 C  CA  . GLN A 1 77  ? 8.274   -9.517  3.856   1.00   42.46 ? 77   GLN A CA  1 
ATOM   559 C  C   . GLN A 1 77  ? 7.498   -8.190  3.854   1.00   42.39 ? 77   GLN A C   1 
ATOM   560 O  O   . GLN A 1 77  ? 7.355   -7.559  2.808   1.00   44.56 ? 77   GLN A O   1 
ATOM   561 C  CB  . GLN A 1 77  ? 7.314   -10.707 3.928   1.00   42.18 ? 77   GLN A CB  1 
ATOM   562 C  CG  . GLN A 1 77  ? 7.970   -12.043 3.558   1.00   43.73 ? 77   GLN A CG  1 
ATOM   563 C  CD  . GLN A 1 77  ? 7.370   -13.207 4.322   1.00   46.74 ? 77   GLN A CD  1 
ATOM   564 O  OE1 . GLN A 1 77  ? 6.918   -13.035 5.444   1.00   50.23 ? 77   GLN A OE1 1 
ATOM   565 N  NE2 . GLN A 1 77  ? 7.388   -14.397 3.738   1.00   47.82 ? 77   GLN A NE2 1 
ATOM   566 N  N   . PHE A 1 78  ? 7.006   -7.734  4.999   1.00   41.99 ? 78   PHE A N   1 
ATOM   567 C  CA  . PHE A 1 78  ? 6.279   -6.463  4.983   1.00   40.19 ? 78   PHE A CA  1 
ATOM   568 C  C   . PHE A 1 78  ? 7.201   -5.379  4.443   1.00   39.99 ? 78   PHE A C   1 
ATOM   569 O  O   . PHE A 1 78  ? 6.801   -4.581  3.608   1.00   41.03 ? 78   PHE A O   1 
ATOM   570 C  CB  . PHE A 1 78  ? 5.800   -6.041  6.368   1.00   36.82 ? 78   PHE A CB  1 
ATOM   571 C  CG  . PHE A 1 78  ? 4.846   -4.875  6.345   1.00   34.47 ? 78   PHE A CG  1 
ATOM   572 C  CD1 . PHE A 1 78  ? 3.481   -5.081  6.166   1.00   33.39 ? 78   PHE A CD1 1 
ATOM   573 C  CD2 . PHE A 1 78  ? 5.312   -3.568  6.457   1.00   32.71 ? 78   PHE A CD2 1 
ATOM   574 C  CE1 . PHE A 1 78  ? 2.588   -4.010  6.098   1.00   31.32 ? 78   PHE A CE1 1 
ATOM   575 C  CE2 . PHE A 1 78  ? 4.421   -2.487  6.387   1.00   32.19 ? 78   PHE A CE2 1 
ATOM   576 C  CZ  . PHE A 1 78  ? 3.060   -2.716  6.208   1.00   31.59 ? 78   PHE A CZ  1 
ATOM   577 N  N   . THR A 1 79  ? 8.438   -5.371  4.919   1.00   40.05 ? 79   THR A N   1 
ATOM   578 C  CA  . THR A 1 79  ? 9.426   -4.389  4.498   1.00   40.27 ? 79   THR A CA  1 
ATOM   579 C  C   . THR A 1 79  ? 9.582   -4.347  2.984   1.00   41.08 ? 79   THR A C   1 
ATOM   580 O  O   . THR A 1 79  ? 9.671   -3.272  2.374   1.00   42.21 ? 79   THR A O   1 
ATOM   581 C  CB  . THR A 1 79  ? 10.775  -4.717  5.121   1.00   39.80 ? 79   THR A CB  1 
ATOM   582 O  OG1 . THR A 1 79  ? 10.684  -4.478  6.521   1.00   37.77 ? 79   THR A OG1 1 
ATOM   583 C  CG2 . THR A 1 79  ? 11.908  -3.856  4.495   1.00   37.82 ? 79   THR A CG2 1 
ATOM   584 N  N   . THR A 1 80  ? 9.626   -5.540  2.407   1.00   40.05 ? 80   THR A N   1 
ATOM   585 C  CA  . THR A 1 80  ? 9.757   -5.746  0.982   1.00   39.46 ? 80   THR A CA  1 
ATOM   586 C  C   . THR A 1 80  ? 8.606   -5.055  0.237   1.00   40.14 ? 80   THR A C   1 
ATOM   587 O  O   . THR A 1 80  ? 8.825   -4.344  -0.755  1.00   38.56 ? 80   THR A O   1 
ATOM   588 C  CB  . THR A 1 80  ? 9.761   -7.239  0.715   1.00   39.62 ? 80   THR A CB  1 
ATOM   589 O  OG1 . THR A 1 80  ? 11.039  -7.768  1.104   1.00   38.82 ? 80   THR A OG1 1 
ATOM   590 C  CG2 . THR A 1 80  ? 9.447   -7.548  -0.752  1.00   40.21 ? 80   THR A CG2 1 
ATOM   591 N  N   . VAL A 1 81  ? 7.383   -5.259  0.722   1.00   39.24 ? 81   VAL A N   1 
ATOM   592 C  CA  . VAL A 1 81  ? 6.227   -4.620  0.121   1.00   37.57 ? 81   VAL A CA  1 
ATOM   593 C  C   . VAL A 1 81  ? 6.388   -3.094  0.271   1.00   37.50 ? 81   VAL A C   1 
ATOM   594 O  O   . VAL A 1 81  ? 6.218   -2.333  -0.699  1.00   35.00 ? 81   VAL A O   1 
ATOM   595 C  CB  . VAL A 1 81  ? 4.939   -5.141  0.778   1.00   37.23 ? 81   VAL A CB  1 
ATOM   596 C  CG1 . VAL A 1 81  ? 3.717   -4.372  0.309   1.00   36.78 ? 81   VAL A CG1 1 
ATOM   597 C  CG2 . VAL A 1 81  ? 4.748   -6.557  0.358   1.00   37.96 ? 81   VAL A CG2 1 
ATOM   598 N  N   . ILE A 1 82  ? 6.765   -2.635  1.464   1.00   35.06 ? 82   ILE A N   1 
ATOM   599 C  CA  . ILE A 1 82  ? 6.964   -1.208  1.615   1.00   33.32 ? 82   ILE A CA  1 
ATOM   600 C  C   . ILE A 1 82  ? 7.900   -0.717  0.507   1.00   33.07 ? 82   ILE A C   1 
ATOM   601 O  O   . ILE A 1 82  ? 7.655   0.306   -0.099  1.00   33.46 ? 82   ILE A O   1 
ATOM   602 C  CB  . ILE A 1 82  ? 7.535   -0.869  2.984   1.00   32.50 ? 82   ILE A CB  1 
ATOM   603 C  CG1 . ILE A 1 82  ? 6.431   -1.022  4.033   1.00   32.58 ? 82   ILE A CG1 1 
ATOM   604 C  CG2 . ILE A 1 82  ? 8.096   0.550   2.991   1.00   30.27 ? 82   ILE A CG2 1 
ATOM   605 C  CD1 . ILE A 1 82  ? 5.211   -0.159  3.761   1.00   32.34 ? 82   ILE A CD1 1 
ATOM   606 N  N   . GLY A 1 83  ? 8.960   -1.463  0.224   1.00   34.71 ? 83   GLY A N   1 
ATOM   607 C  CA  . GLY A 1 83  ? 9.877   -1.048  -0.826  1.00   35.60 ? 83   GLY A CA  1 
ATOM   608 C  C   . GLY A 1 83  ? 9.188   -1.025  -2.191  1.00   38.83 ? 83   GLY A C   1 
ATOM   609 O  O   . GLY A 1 83  ? 9.614   -0.282  -3.103  1.00   37.27 ? 83   GLY A O   1 
ATOM   610 N  N   . HIS A 1 84  ? 8.129   -1.836  -2.342  1.00   39.17 ? 84   HIS A N   1 
ATOM   611 C  CA  . HIS A 1 84  ? 7.400   -1.885  -3.601  1.00   40.01 ? 84   HIS A CA  1 
ATOM   612 C  C   . HIS A 1 84  ? 6.565   -0.645  -3.719  1.00   39.49 ? 84   HIS A C   1 
ATOM   613 O  O   . HIS A 1 84  ? 6.291   -0.173  -4.812  1.00   41.78 ? 84   HIS A O   1 
ATOM   614 C  CB  . HIS A 1 84  ? 6.535   -3.134  -3.693  1.00   41.78 ? 84   HIS A CB  1 
ATOM   615 C  CG  . HIS A 1 84  ? 7.324   -4.385  -3.981  1.00   47.08 ? 84   HIS A CG  1 
ATOM   616 N  ND1 . HIS A 1 84  ? 8.050   -4.558  -5.140  1.00   48.03 ? 84   HIS A ND1 1 
ATOM   617 C  CD2 . HIS A 1 84  ? 7.510   -5.512  -3.250  1.00   47.65 ? 84   HIS A CD2 1 
ATOM   618 C  CE1 . HIS A 1 84  ? 8.650   -5.738  -5.112  1.00   48.83 ? 84   HIS A CE1 1 
ATOM   619 N  NE2 . HIS A 1 84  ? 8.339   -6.335  -3.977  1.00   48.59 ? 84   HIS A NE2 1 
ATOM   620 N  N   . LEU A 1 85  ? 6.193   -0.097  -2.578  1.00   37.83 ? 85   LEU A N   1 
ATOM   621 C  CA  . LEU A 1 85  ? 5.410   1.118   -2.547  1.00   37.43 ? 85   LEU A CA  1 
ATOM   622 C  C   . LEU A 1 85  ? 6.328   2.303   -2.870  1.00   36.27 ? 85   LEU A C   1 
ATOM   623 O  O   . LEU A 1 85  ? 5.937   3.230   -3.592  1.00   35.92 ? 85   LEU A O   1 
ATOM   624 C  CB  . LEU A 1 85  ? 4.778   1.309   -1.155  1.00   36.14 ? 85   LEU A CB  1 
ATOM   625 C  CG  . LEU A 1 85  ? 4.197   2.709   -0.940  1.00   37.17 ? 85   LEU A CG  1 
ATOM   626 C  CD1 . LEU A 1 85  ? 2.971   2.868   -1.816  1.00   38.51 ? 85   LEU A CD1 1 
ATOM   627 C  CD2 . LEU A 1 85  ? 3.832   2.926   0.531   1.00   38.20 ? 85   LEU A CD2 1 
ATOM   628 N  N   . ARG A 1 86  ? 7.543   2.253   -2.320  1.00   35.36 ? 86   ARG A N   1 
ATOM   629 C  CA  . ARG A 1 86  ? 8.549   3.302   -2.490  1.00   34.37 ? 86   ARG A CA  1 
ATOM   630 C  C   . ARG A 1 86  ? 9.029   3.364   -3.922  1.00   34.64 ? 86   ARG A C   1 
ATOM   631 O  O   . ARG A 1 86  ? 9.177   4.453   -4.472  1.00   36.03 ? 86   ARG A O   1 
ATOM   632 C  CB  . ARG A 1 86  ? 9.757   3.077   -1.562  1.00   32.95 ? 86   ARG A CB  1 
ATOM   633 C  CG  . ARG A 1 86  ? 10.933  4.004   -1.840  1.00   32.29 ? 86   ARG A CG  1 
ATOM   634 C  CD  . ARG A 1 86  ? 12.134  3.809   -0.879  1.00   33.78 ? 86   ARG A CD  1 
ATOM   635 N  NE  . ARG A 1 86  ? 11.893  4.334   0.470   1.00   34.87 ? 86   ARG A NE  1 
ATOM   636 C  CZ  . ARG A 1 86  ? 11.549  3.589   1.515   1.00   37.32 ? 86   ARG A CZ  1 
ATOM   637 N  NH1 . ARG A 1 86  ? 11.410  2.272   1.376   1.00   41.77 ? 86   ARG A NH1 1 
ATOM   638 N  NH2 . ARG A 1 86  ? 11.325  4.149   2.701   1.00   38.48 ? 86   ARG A NH2 1 
ATOM   639 N  N   . SER A 1 87  ? 9.290   2.211   -4.529  1.00   33.54 ? 87   SER A N   1 
ATOM   640 C  CA  . SER A 1 87  ? 9.745   2.243   -5.905  1.00   36.20 ? 87   SER A CA  1 
ATOM   641 C  C   . SER A 1 87  ? 8.554   2.782   -6.730  1.00   36.42 ? 87   SER A C   1 
ATOM   642 O  O   . SER A 1 87  ? 8.721   3.683   -7.547  1.00   36.97 ? 87   SER A O   1 
ATOM   643 C  CB  . SER A 1 87  ? 10.204  0.848   -6.387  1.00   36.61 ? 87   SER A CB  1 
ATOM   644 O  OG  . SER A 1 87  ? 9.114   -0.043  -6.604  1.00   37.99 ? 87   SER A OG  1 
ATOM   645 N  N   . ALA A 1 88  ? 7.352   2.268   -6.472  1.00   34.93 ? 88   ALA A N   1 
ATOM   646 C  CA  . ALA A 1 88  ? 6.155   2.737   -7.174  1.00   33.75 ? 88   ALA A CA  1 
ATOM   647 C  C   . ALA A 1 88  ? 6.015   4.257   -7.086  1.00   32.44 ? 88   ALA A C   1 
ATOM   648 O  O   . ALA A 1 88  ? 5.791   4.923   -8.082  1.00   34.15 ? 88   ALA A O   1 
ATOM   649 C  CB  . ALA A 1 88  ? 4.896   2.061   -6.602  1.00   30.74 ? 88   ALA A CB  1 
ATOM   650 N  N   . LEU A 1 89  ? 6.137   4.809   -5.891  1.00   32.50 ? 89   LEU A N   1 
ATOM   651 C  CA  . LEU A 1 89  ? 6.015   6.250   -5.730  1.00   31.11 ? 89   LEU A CA  1 
ATOM   652 C  C   . LEU A 1 89  ? 7.123   6.950   -6.490  1.00   30.73 ? 89   LEU A C   1 
ATOM   653 O  O   . LEU A 1 89  ? 6.914   7.977   -7.111  1.00   30.61 ? 89   LEU A O   1 
ATOM   654 C  CB  . LEU A 1 89  ? 6.085   6.617   -4.243  1.00   30.43 ? 89   LEU A CB  1 
ATOM   655 C  CG  . LEU A 1 89  ? 4.833   6.252   -3.443  1.00   30.80 ? 89   LEU A CG  1 
ATOM   656 C  CD1 . LEU A 1 89  ? 5.110   6.113   -1.943  1.00   30.73 ? 89   LEU A CD1 1 
ATOM   657 C  CD2 . LEU A 1 89  ? 3.806   7.327   -3.707  1.00   31.03 ? 89   LEU A CD2 1 
ATOM   658 N  N   . THR A 1 90  ? 8.313   6.375   -6.472  1.00   32.28 ? 90   THR A N   1 
ATOM   659 C  CA  . THR A 1 90  ? 9.418   7.032   -7.123  1.00   34.48 ? 90   THR A CA  1 
ATOM   660 C  C   . THR A 1 90  ? 9.300   7.125   -8.626  1.00   35.09 ? 90   THR A C   1 
ATOM   661 O  O   . THR A 1 90  ? 9.484   8.190   -9.197  1.00   37.88 ? 90   THR A O   1 
ATOM   662 C  CB  . THR A 1 90  ? 10.751  6.363   -6.778  1.00   36.31 ? 90   THR A CB  1 
ATOM   663 O  OG1 . THR A 1 90  ? 10.872  6.232   -5.358  1.00   35.80 ? 90   THR A OG1 1 
ATOM   664 C  CG2 . THR A 1 90  ? 11.897  7.212   -7.305  1.00   34.83 ? 90   THR A CG2 1 
ATOM   665 N  N   . GLY A 1 91  ? 9.008   6.007   -9.267  1.00   35.54 ? 91   GLY A N   1 
ATOM   666 C  CA  . GLY A 1 91  ? 8.875   5.985   -10.707 1.00   36.33 ? 91   GLY A CA  1 
ATOM   667 C  C   . GLY A 1 91  ? 7.686   6.805   -11.133 1.00   38.91 ? 91   GLY A C   1 
ATOM   668 O  O   . GLY A 1 91  ? 7.525   7.083   -12.327 1.00   42.58 ? 91   GLY A O   1 
ATOM   669 N  N   . ALA A 1 92  ? 6.858   7.190   -10.163 1.00   39.05 ? 92   ALA A N   1 
ATOM   670 C  CA  . ALA A 1 92  ? 5.661   8.011   -10.402 1.00   40.61 ? 92   ALA A CA  1 
ATOM   671 C  C   . ALA A 1 92  ? 6.038   9.512   -10.450 1.00   42.17 ? 92   ALA A C   1 
ATOM   672 O  O   . ALA A 1 92  ? 5.236   10.364  -10.829 1.00   41.35 ? 92   ALA A O   1 
ATOM   673 C  CB  . ALA A 1 92  ? 4.624   7.771   -9.302  1.00   37.92 ? 92   ALA A CB  1 
ATOM   674 N  N   . GLY A 1 93  ? 7.270   9.820   -10.063 1.00   43.28 ? 93   GLY A N   1 
ATOM   675 C  CA  . GLY A 1 93  ? 7.708   11.196  -10.093 1.00   44.14 ? 93   GLY A CA  1 
ATOM   676 C  C   . GLY A 1 93  ? 7.655   11.887  -8.747  1.00   45.54 ? 93   GLY A C   1 
ATOM   677 O  O   . GLY A 1 93  ? 8.077   13.046  -8.636  1.00   47.07 ? 93   GLY A O   1 
ATOM   678 N  N   . VAL A 1 94  ? 7.160   11.206  -7.718  1.00   44.34 ? 94   VAL A N   1 
ATOM   679 C  CA  . VAL A 1 94  ? 7.073   11.844  -6.415  1.00   42.07 ? 94   VAL A CA  1 
ATOM   680 C  C   . VAL A 1 94  ? 8.435   12.354  -5.919  1.00   43.53 ? 94   VAL A C   1 
ATOM   681 O  O   . VAL A 1 94  ? 9.477   11.745  -6.193  1.00   44.37 ? 94   VAL A O   1 
ATOM   682 C  CB  . VAL A 1 94  ? 6.442   10.886  -5.405  1.00   40.55 ? 94   VAL A CB  1 
ATOM   683 C  CG1 . VAL A 1 94  ? 6.562   11.435  -3.993  1.00   38.91 ? 94   VAL A CG1 1 
ATOM   684 C  CG2 . VAL A 1 94  ? 4.993   10.695  -5.759  1.00   37.78 ? 94   VAL A CG2 1 
ATOM   685 N  N   . ALA A 1 95  ? 8.437   13.501  -5.233  1.00   42.66 ? 95   ALA A N   1 
ATOM   686 C  CA  . ALA A 1 95  ? 9.684   14.065  -4.702  1.00   40.28 ? 95   ALA A CA  1 
ATOM   687 C  C   . ALA A 1 95  ? 10.081  13.181  -3.526  1.00   39.89 ? 95   ALA A C   1 
ATOM   688 O  O   . ALA A 1 95  ? 9.215   12.670  -2.813  1.00   38.87 ? 95   ALA A O   1 
ATOM   689 C  CB  . ALA A 1 95  ? 9.467   15.495  -4.236  1.00   37.00 ? 95   ALA A CB  1 
ATOM   690 N  N   . ALA A 1 96  ? 11.377  13.002  -3.320  1.00   40.05 ? 96   ALA A N   1 
ATOM   691 C  CA  . ALA A 1 96  ? 11.854  12.148  -2.238  1.00   41.97 ? 96   ALA A CA  1 
ATOM   692 C  C   . ALA A 1 96  ? 11.136  12.337  -0.881  1.00   42.53 ? 96   ALA A C   1 
ATOM   693 O  O   . ALA A 1 96  ? 10.560  11.393  -0.320  1.00   42.77 ? 96   ALA A O   1 
ATOM   694 C  CB  . ALA A 1 96  ? 13.343  12.346  -2.077  1.00   44.20 ? 96   ALA A CB  1 
ATOM   695 N  N   . ALA A 1 97  ? 11.180  13.552  -0.349  1.00   41.87 ? 97   ALA A N   1 
ATOM   696 C  CA  . ALA A 1 97  ? 10.525  13.842  0.907   1.00   40.45 ? 97   ALA A CA  1 
ATOM   697 C  C   . ALA A 1 97  ? 9.082   13.317  0.944   1.00   40.88 ? 97   ALA A C   1 
ATOM   698 O  O   . ALA A 1 97  ? 8.684   12.672  1.908   1.00   42.53 ? 97   ALA A O   1 
ATOM   699 C  CB  . ALA A 1 97  ? 10.540  15.321  1.147   1.00   40.11 ? 97   ALA A CB  1 
ATOM   700 N  N   . LEU A 1 98  ? 8.295   13.575  -0.095  1.00   40.72 ? 98   LEU A N   1 
ATOM   701 C  CA  . LEU A 1 98  ? 6.904   13.109  -0.103  1.00   39.67 ? 98   LEU A CA  1 
ATOM   702 C  C   . LEU A 1 98  ? 6.822   11.563  -0.107  1.00   39.64 ? 98   LEU A C   1 
ATOM   703 O  O   . LEU A 1 98  ? 5.960   10.960  0.569   1.00   39.53 ? 98   LEU A O   1 
ATOM   704 C  CB  . LEU A 1 98  ? 6.152   13.729  -1.291  1.00   37.74 ? 98   LEU A CB  1 
ATOM   705 C  CG  . LEU A 1 98  ? 4.686   13.356  -1.507  1.00   39.38 ? 98   LEU A CG  1 
ATOM   706 C  CD1 . LEU A 1 98  ? 3.902   13.614  -0.253  1.00   39.82 ? 98   LEU A CD1 1 
ATOM   707 C  CD2 . LEU A 1 98  ? 4.104   14.159  -2.669  1.00   39.00 ? 98   LEU A CD2 1 
ATOM   708 N  N   . VAL A 1 99  ? 7.749   10.930  -0.826  1.00   37.68 ? 99   VAL A N   1 
ATOM   709 C  CA  . VAL A 1 99  ? 7.813   9.468   -0.903  1.00   36.61 ? 99   VAL A CA  1 
ATOM   710 C  C   . VAL A 1 99  ? 7.867   8.906   0.504   1.00   38.33 ? 99   VAL A C   1 
ATOM   711 O  O   . VAL A 1 99  ? 7.027   8.085   0.911   1.00   38.34 ? 99   VAL A O   1 
ATOM   712 C  CB  . VAL A 1 99  ? 9.078   9.024   -1.631  1.00   34.31 ? 99   VAL A CB  1 
ATOM   713 C  CG1 . VAL A 1 99  ? 9.180   7.548   -1.654  1.00   33.29 ? 99   VAL A CG1 1 
ATOM   714 C  CG2 . VAL A 1 99  ? 9.072   9.568   -3.035  1.00   36.56 ? 99   VAL A CG2 1 
ATOM   715 N  N   . GLU A 1 100 ? 8.875   9.351   1.250   1.00   40.63 ? 100  GLU A N   1 
ATOM   716 C  CA  . GLU A 1 100 ? 9.059   8.886   2.615   1.00   41.96 ? 100  GLU A CA  1 
ATOM   717 C  C   . GLU A 1 100 ? 7.852   9.214   3.484   1.00   41.60 ? 100  GLU A C   1 
ATOM   718 O  O   . GLU A 1 100 ? 7.464   8.417   4.352   1.00   41.48 ? 100  GLU A O   1 
ATOM   719 C  CB  . GLU A 1 100 ? 10.328  9.487   3.213   1.00   43.69 ? 100  GLU A CB  1 
ATOM   720 C  CG  . GLU A 1 100 ? 11.614  9.129   2.449   1.00   48.19 ? 100  GLU A CG  1 
ATOM   721 C  CD  . GLU A 1 100 ? 11.718  7.634   2.068   1.00   50.84 ? 100  GLU A CD  1 
ATOM   722 O  OE1 . GLU A 1 100 ? 11.329  6.778   2.903   1.00   48.44 ? 100  GLU A OE1 1 
ATOM   723 O  OE2 . GLU A 1 100 ? 12.208  7.333   0.936   1.00   53.40 ? 100  GLU A OE2 1 
ATOM   724 N  N   . GLN A 1 101 ? 7.225   10.360  3.247   1.00   40.44 ? 101  GLN A N   1 
ATOM   725 C  CA  . GLN A 1 101 ? 6.068   10.698  4.065   1.00   41.88 ? 101  GLN A CA  1 
ATOM   726 C  C   . GLN A 1 101 ? 4.897   9.764   3.773   1.00   40.39 ? 101  GLN A C   1 
ATOM   727 O  O   . GLN A 1 101 ? 4.110   9.412   4.666   1.00   40.87 ? 101  GLN A O   1 
ATOM   728 C  CB  . GLN A 1 101 ? 5.669   12.154  3.843   1.00   44.42 ? 101  GLN A CB  1 
ATOM   729 C  CG  . GLN A 1 101 ? 6.745   13.130  4.279   1.00   50.19 ? 101  GLN A CG  1 
ATOM   730 C  CD  . GLN A 1 101 ? 6.187   14.522  4.560   1.00   55.60 ? 101  GLN A CD  1 
ATOM   731 O  OE1 . GLN A 1 101 ? 6.344   15.466  3.749   1.00   55.77 ? 101  GLN A OE1 1 
ATOM   732 N  NE2 . GLN A 1 101 ? 5.517   14.661  5.719   1.00   55.28 ? 101  GLN A NE2 1 
ATOM   733 N  N   . THR A 1 102 ? 4.783   9.368   2.511   1.00   38.50 ? 102  THR A N   1 
ATOM   734 C  CA  . THR A 1 102 ? 3.722   8.473   2.106   1.00   36.68 ? 102  THR A CA  1 
ATOM   735 C  C   . THR A 1 102 ? 4.075   7.093   2.579   1.00   35.98 ? 102  THR A C   1 
ATOM   736 O  O   . THR A 1 102 ? 3.226   6.378   3.063   1.00   35.15 ? 102  THR A O   1 
ATOM   737 C  CB  . THR A 1 102 ? 3.559   8.462   0.605   1.00   36.07 ? 102  THR A CB  1 
ATOM   738 O  OG1 . THR A 1 102 ? 3.106   9.744   0.189   1.00   34.08 ? 102  THR A OG1 1 
ATOM   739 C  CG2 . THR A 1 102 ? 2.557   7.409   0.182   1.00   37.43 ? 102  THR A CG2 1 
ATOM   740 N  N   . VAL A 1 103 ? 5.331   6.707   2.424   1.00   36.77 ? 103  VAL A N   1 
ATOM   741 C  CA  . VAL A 1 103 ? 5.744   5.405   2.913   1.00   38.66 ? 103  VAL A CA  1 
ATOM   742 C  C   . VAL A 1 103 ? 5.543   5.358   4.453   1.00   40.06 ? 103  VAL A C   1 
ATOM   743 O  O   . VAL A 1 103 ? 5.105   4.327   5.023   1.00   38.24 ? 103  VAL A O   1 
ATOM   744 C  CB  . VAL A 1 103 ? 7.210   5.152   2.589   1.00   38.84 ? 103  VAL A CB  1 
ATOM   745 C  CG1 . VAL A 1 103 ? 7.740   4.000   3.443   1.00   38.26 ? 103  VAL A CG1 1 
ATOM   746 C  CG2 . VAL A 1 103 ? 7.350   4.859   1.114   1.00   37.83 ? 103  VAL A CG2 1 
ATOM   747 N  N   . ALA A 1 104 ? 5.847   6.478   5.123   1.00   39.73 ? 104  ALA A N   1 
ATOM   748 C  CA  . ALA A 1 104 ? 5.677   6.554   6.584   1.00   39.38 ? 104  ALA A CA  1 
ATOM   749 C  C   . ALA A 1 104 ? 4.232   6.245   6.988   1.00   39.32 ? 104  ALA A C   1 
ATOM   750 O  O   . ALA A 1 104 ? 4.001   5.553   7.977   1.00   40.22 ? 104  ALA A O   1 
ATOM   751 C  CB  . ALA A 1 104 ? 6.089   7.925   7.103   1.00   37.90 ? 104  ALA A CB  1 
ATOM   752 N  N   . VAL A 1 105 ? 3.257   6.746   6.232   1.00   37.80 ? 105  VAL A N   1 
ATOM   753 C  CA  . VAL A 1 105 ? 1.878   6.451   6.565   1.00   39.45 ? 105  VAL A CA  1 
ATOM   754 C  C   . VAL A 1 105 ? 1.581   4.980   6.265   1.00   41.37 ? 105  VAL A C   1 
ATOM   755 O  O   . VAL A 1 105 ? 0.830   4.309   6.991   1.00   42.15 ? 105  VAL A O   1 
ATOM   756 C  CB  . VAL A 1 105 ? 0.931   7.341   5.773   1.00   39.51 ? 105  VAL A CB  1 
ATOM   757 C  CG1 . VAL A 1 105 ? -0.512  6.881   5.949   1.00   37.93 ? 105  VAL A CG1 1 
ATOM   758 C  CG2 . VAL A 1 105 ? 1.103   8.755   6.231   1.00   40.29 ? 105  VAL A CG2 1 
ATOM   759 N  N   . ALA A 1 106 ? 2.185   4.462   5.201   1.00   40.57 ? 106  ALA A N   1 
ATOM   760 C  CA  . ALA A 1 106 ? 1.947   3.078   4.866   1.00   39.25 ? 106  ALA A CA  1 
ATOM   761 C  C   . ALA A 1 106 ? 2.468   2.180   5.984   1.00   38.43 ? 106  ALA A C   1 
ATOM   762 O  O   . ALA A 1 106 ? 1.821   1.197   6.316   1.00   39.15 ? 106  ALA A O   1 
ATOM   763 C  CB  . ALA A 1 106 ? 2.612   2.750   3.560   1.00   38.58 ? 106  ALA A CB  1 
ATOM   764 N  N   . GLU A 1 107 ? 3.612   2.539   6.569   1.00   38.21 ? 107  GLU A N   1 
ATOM   765 C  CA  . GLU A 1 107 ? 4.249   1.768   7.645   1.00   40.09 ? 107  GLU A CA  1 
ATOM   766 C  C   . GLU A 1 107 ? 3.448   1.642   8.920   1.00   42.82 ? 107  GLU A C   1 
ATOM   767 O  O   . GLU A 1 107 ? 3.660   0.712   9.707   1.00   44.45 ? 107  GLU A O   1 
ATOM   768 C  CB  . GLU A 1 107 ? 5.602   2.365   8.014   1.00   38.92 ? 107  GLU A CB  1 
ATOM   769 C  CG  . GLU A 1 107 ? 6.673   2.111   6.977   1.00   41.46 ? 107  GLU A CG  1 
ATOM   770 C  CD  . GLU A 1 107 ? 7.399   0.781   7.167   1.00   42.42 ? 107  GLU A CD  1 
ATOM   771 O  OE1 . GLU A 1 107 ? 6.825   -0.156  7.782   1.00   43.38 ? 107  GLU A OE1 1 
ATOM   772 O  OE2 . GLU A 1 107 ? 8.550   0.683   6.686   1.00   42.63 ? 107  GLU A OE2 1 
ATOM   773 N  N   . THR A 1 108 ? 2.534   2.572   9.141   1.00   43.72 ? 108  THR A N   1 
ATOM   774 C  CA  . THR A 1 108 ? 1.736   2.519   10.347  1.00   45.17 ? 108  THR A CA  1 
ATOM   775 C  C   . THR A 1 108 ? 0.918   1.232   10.408  1.00   46.59 ? 108  THR A C   1 
ATOM   776 O  O   . THR A 1 108 ? 0.583   0.765   11.499  1.00   48.52 ? 108  THR A O   1 
ATOM   777 C  CB  . THR A 1 108 ? 0.774   3.708   10.427  1.00   45.26 ? 108  THR A CB  1 
ATOM   778 O  OG1 . THR A 1 108 ? -0.313  3.508   9.515   1.00   46.22 ? 108  THR A OG1 1 
ATOM   779 C  CG2 . THR A 1 108 ? 1.504   5.006   10.072  1.00   44.03 ? 108  THR A CG2 1 
ATOM   780 N  N   . VAL A 1 109 ? 0.619   0.639   9.253   1.00   46.10 ? 109  VAL A N   1 
ATOM   781 C  CA  . VAL A 1 109 ? -0.190  -0.576  9.227   1.00   45.34 ? 109  VAL A CA  1 
ATOM   782 C  C   . VAL A 1 109 ? 0.653   -1.834  9.373   1.00   44.23 ? 109  VAL A C   1 
ATOM   783 O  O   . VAL A 1 109 ? 0.134   -2.959  9.288   1.00   43.68 ? 109  VAL A O   1 
ATOM   784 C  CB  . VAL A 1 109 ? -1.062  -0.652  7.913   1.00   48.31 ? 109  VAL A CB  1 
ATOM   785 C  CG1 . VAL A 1 109 ? -1.137  0.727   7.251   1.00   48.47 ? 109  VAL A CG1 1 
ATOM   786 C  CG2 . VAL A 1 109 ? -0.501  -1.681  6.919   1.00   48.19 ? 109  VAL A CG2 1 
ATOM   787 N  N   . ARG A 1 110 ? 1.952   -1.654  9.593   1.00   42.98 ? 110  ARG A N   1 
ATOM   788 C  CA  . ARG A 1 110 ? 2.846   -2.805  9.745   1.00   43.36 ? 110  ARG A CA  1 
ATOM   789 C  C   . ARG A 1 110 ? 2.375   -3.706  10.906  1.00   45.08 ? 110  ARG A C   1 
ATOM   790 O  O   . ARG A 1 110 ? 2.352   -4.936  10.799  1.00   44.28 ? 110  ARG A O   1 
ATOM   791 C  CB  . ARG A 1 110 ? 4.268   -2.330  10.004  1.00   40.28 ? 110  ARG A CB  1 
ATOM   792 C  CG  . ARG A 1 110 ? 5.258   -3.453  10.162  1.00   39.02 ? 110  ARG A CG  1 
ATOM   793 C  CD  . ARG A 1 110 ? 6.631   -2.897  10.479  1.00   40.85 ? 110  ARG A CD  1 
ATOM   794 N  NE  . ARG A 1 110 ? 7.339   -2.372  9.310   1.00   41.43 ? 110  ARG A NE  1 
ATOM   795 C  CZ  . ARG A 1 110 ? 8.097   -3.117  8.500   1.00   41.91 ? 110  ARG A CZ  1 
ATOM   796 N  NH1 . ARG A 1 110 ? 8.243   -4.419  8.729   1.00   39.93 ? 110  ARG A NH1 1 
ATOM   797 N  NH2 . ARG A 1 110 ? 8.729   -2.567  7.471   1.00   40.50 ? 110  ARG A NH2 1 
ATOM   798 N  N   . GLY A 1 111 ? 1.983   -3.070  12.007  1.00   46.90 ? 111  GLY A N   1 
ATOM   799 C  CA  . GLY A 1 111 ? 1.512   -3.799  13.170  1.00   47.13 ? 111  GLY A CA  1 
ATOM   800 C  C   . GLY A 1 111 ? 0.253   -4.610  12.946  1.00   47.63 ? 111  GLY A C   1 
ATOM   801 O  O   . GLY A 1 111 ? 0.011   -5.576  13.667  1.00   48.59 ? 111  GLY A O   1 
ATOM   802 N  N   . ASP A 1 112 ? -0.545  -4.244  11.949  1.00   48.04 ? 112  ASP A N   1 
ATOM   803 C  CA  . ASP A 1 112 ? -1.782  -4.974  11.671  1.00   50.58 ? 112  ASP A CA  1 
ATOM   804 C  C   . ASP A 1 112 ? -1.680  -6.043  10.603  1.00   50.76 ? 112  ASP A C   1 
ATOM   805 O  O   . ASP A 1 112 ? -2.592  -6.863  10.464  1.00   51.59 ? 112  ASP A O   1 
ATOM   806 C  CB  . ASP A 1 112 ? -2.885  -4.011  11.264  1.00   52.81 ? 112  ASP A CB  1 
ATOM   807 C  CG  . ASP A 1 112 ? -3.197  -3.033  12.341  1.00   55.89 ? 112  ASP A CG  1 
ATOM   808 O  OD1 . ASP A 1 112 ? -3.604  -3.484  13.433  1.00   57.14 ? 112  ASP A OD1 1 
ATOM   809 O  OD2 . ASP A 1 112 ? -3.019  -1.822  12.104  1.00   59.03 ? 112  ASP A OD2 1 
ATOM   810 N  N   . VAL A 1 113 ? -0.584  -6.031  9.848   1.00   49.68 ? 113  VAL A N   1 
ATOM   811 C  CA  . VAL A 1 113 ? -0.380  -6.994  8.777   1.00   48.88 ? 113  VAL A CA  1 
ATOM   812 C  C   . VAL A 1 113 ? 0.634   -8.083  9.147   1.00   49.45 ? 113  VAL A C   1 
ATOM   813 O  O   . VAL A 1 113 ? 0.449   -9.258  8.787   1.00   48.69 ? 113  VAL A O   1 
ATOM   814 C  CB  . VAL A 1 113 ? 0.058   -6.256  7.500   1.00   49.30 ? 113  VAL A CB  1 
ATOM   815 C  CG1 . VAL A 1 113 ? 0.565   -7.243  6.452   1.00   47.30 ? 113  VAL A CG1 1 
ATOM   816 C  CG2 . VAL A 1 113 ? -1.122  -5.447  6.969   1.00   47.93 ? 113  VAL A CG2 1 
ATOM   817 N  N   . VAL A 1 114 ? 1.693   -7.690  9.866   1.00   48.89 ? 114  VAL A N   1 
ATOM   818 C  CA  . VAL A 1 114 ? 2.738   -8.620  10.306  1.00   46.85 ? 114  VAL A CA  1 
ATOM   819 C  C   . VAL A 1 114 ? 2.253   -9.507  11.453  1.00   47.60 ? 114  VAL A C   1 
ATOM   820 O  O   . VAL A 1 114 ? 1.691   -9.008  12.435  1.00   47.34 ? 114  VAL A O   1 
ATOM   821 C  CB  . VAL A 1 114 ? 3.968   -7.879  10.777  1.00   43.43 ? 114  VAL A CB  1 
ATOM   822 C  CG1 . VAL A 1 114 ? 4.952   -8.859  11.355  1.00   43.19 ? 114  VAL A CG1 1 
ATOM   823 C  CG2 . VAL A 1 114 ? 4.584   -7.137  9.620   1.00   43.74 ? 114  VAL A CG2 1 
ATOM   824 N  N   . THR A 1 115 ? 2.468   -10.817 11.312  1.00   48.54 ? 115  THR A N   1 
ATOM   825 C  CA  . THR A 1 115 ? 2.048   -11.791 12.315  1.00   47.27 ? 115  THR A CA  1 
ATOM   826 C  C   . THR A 1 115 ? 3.063   -12.913 12.495  1.00   49.28 ? 115  THR A C   1 
ATOM   827 O  O   . THR A 1 115 ? 2.697   -14.009 12.944  1.00   50.92 ? 115  THR A O   1 
ATOM   828 C  CB  . THR A 1 115 ? 0.702   -12.458 11.941  1.00   47.54 ? 115  THR A CB  1 
ATOM   829 O  OG1 . THR A 1 115 ? 0.899   -13.408 10.876  1.00   44.44 ? 115  THR A OG1 1 
ATOM   830 C  CG2 . THR A 1 115 ? -0.311  -11.402 11.499  1.00   46.75 ? 115  THR A CG2 1 
ATOM   831 N  N   . VAL A 1 116 ? 4.333   -12.685 12.164  1.00   47.65 ? 116  VAL A N   1 
ATOM   832 C  CA  . VAL A 1 116 ? 5.282   -13.782 12.335  1.00   47.80 ? 116  VAL A CA  1 
ATOM   833 C  C   . VAL A 1 116 ? 6.728   -13.415 12.037  1.00   46.98 ? 116  VAL A C   1 
ATOM   834 O  O   . VAL A 1 116 ? 7.045   -12.243 11.853  1.00   47.97 ? 116  VAL A O   1 
ATOM   835 C  CB  . VAL A 1 116 ? 4.841   -15.015 11.463  1.00   47.59 ? 116  VAL A CB  1 
ATOM   836 C  CG1 . VAL A 1 116 ? 5.235   -14.831 10.017  1.00   45.93 ? 116  VAL A CG1 1 
ATOM   837 C  CG2 . VAL A 1 116 ? 5.432   -16.269 12.005  1.00   49.13 ? 116  VAL A CG2 1 
HETATM 838 C  CHA . HEM B 2 .   ? -6.310  -7.419  1.682   1.00   44.29 ? 1117 HEM A CHA 1 
HETATM 839 C  CHB . HEM B 2 .   ? -1.923  -9.461  1.768   1.00   41.76 ? 1117 HEM A CHB 1 
HETATM 840 C  CHC . HEM B 2 .   ? -0.004  -5.292  3.150   1.00   42.62 ? 1117 HEM A CHC 1 
HETATM 841 C  CHD . HEM B 2 .   ? -4.342  -3.178  2.947   1.00   43.43 ? 1117 HEM A CHD 1 
HETATM 842 C  C1A . HEM B 2 .   ? -5.281  -8.351  1.571   1.00   45.86 ? 1117 HEM A C1A 1 
HETATM 843 C  C2A . HEM B 2 .   ? -5.419  -9.710  1.035   1.00   47.41 ? 1117 HEM A C2A 1 
HETATM 844 C  C3A . HEM B 2 .   ? -4.161  -10.272 1.055   1.00   46.68 ? 1117 HEM A C3A 1 
HETATM 845 C  C4A . HEM B 2 .   ? -3.279  -9.270  1.598   1.00   43.92 ? 1117 HEM A C4A 1 
HETATM 846 C  CMA . HEM B 2 .   ? -3.746  -11.681 0.583   1.00   44.97 ? 1117 HEM A CMA 1 
HETATM 847 C  CAA . HEM B 2 .   ? -6.692  -10.365 0.488   1.00   50.87 ? 1117 HEM A CAA 1 
HETATM 848 C  CBA . HEM B 2 .   ? -7.627  -10.978 1.522   1.00   59.36 ? 1117 HEM A CBA 1 
HETATM 849 C  CGA . HEM B 2 .   ? -8.439  -12.127 0.927   1.00   63.93 ? 1117 HEM A CGA 1 
HETATM 850 O  O1A . HEM B 2 .   ? -9.474  -11.858 0.252   1.00   65.80 ? 1117 HEM A O1A 1 
HETATM 851 O  O2A . HEM B 2 .   ? -8.020  -13.308 1.084   1.00   65.70 ? 1117 HEM A O2A 1 
HETATM 852 C  C1B . HEM B 2 .   ? -1.041  -8.505  2.242   1.00   41.54 ? 1117 HEM A C1B 1 
HETATM 853 C  C2B . HEM B 2 .   ? 0.365   -8.751  2.380   1.00   41.84 ? 1117 HEM A C2B 1 
HETATM 854 C  C3B . HEM B 2 .   ? 0.901   -7.568  2.780   1.00   42.35 ? 1117 HEM A C3B 1 
HETATM 855 C  C4B . HEM B 2 .   ? -0.187  -6.629  2.855   1.00   42.90 ? 1117 HEM A C4B 1 
HETATM 856 C  CMB . HEM B 2 .   ? 1.074   -10.097 2.062   1.00   42.67 ? 1117 HEM A CMB 1 
HETATM 857 C  CAB . HEM B 2 .   ? 2.378   -7.146  3.065   1.00   43.42 ? 1117 HEM A CAB 1 
HETATM 858 C  CBB . HEM B 2 .   ? 3.569   -8.118  3.007   1.00   46.36 ? 1117 HEM A CBB 1 
HETATM 859 C  C1C . HEM B 2 .   ? -1.025  -4.362  3.148   1.00   43.09 ? 1117 HEM A C1C 1 
HETATM 860 C  C2C . HEM B 2 .   ? -0.773  -2.949  3.320   1.00   42.20 ? 1117 HEM A C2C 1 
HETATM 861 C  C3C . HEM B 2 .   ? -1.980  -2.368  3.243   1.00   40.45 ? 1117 HEM A C3C 1 
HETATM 862 C  C4C . HEM B 2 .   ? -2.982  -3.415  3.060   1.00   41.23 ? 1117 HEM A C4C 1 
HETATM 863 C  CMC . HEM B 2 .   ? 0.609   -2.255  3.494   1.00   37.94 ? 1117 HEM A CMC 1 
HETATM 864 C  CAC . HEM B 2 .   ? -2.236  -0.903  3.266   1.00   38.33 ? 1117 HEM A CAC 1 
HETATM 865 C  CBC . HEM B 2 .   ? -1.737  -0.066  2.108   1.00   40.52 ? 1117 HEM A CBC 1 
HETATM 866 C  C1D . HEM B 2 .   ? -5.290  -4.154  2.647   1.00   44.70 ? 1117 HEM A C1D 1 
HETATM 867 C  C2D . HEM B 2 .   ? -6.698  -3.876  2.398   1.00   46.13 ? 1117 HEM A C2D 1 
HETATM 868 C  C3D . HEM B 2 .   ? -7.245  -5.106  2.079   1.00   47.10 ? 1117 HEM A C3D 1 
HETATM 869 C  C4D . HEM B 2 .   ? -6.169  -6.085  2.071   1.00   45.78 ? 1117 HEM A C4D 1 
HETATM 870 C  CMD . HEM B 2 .   ? -7.399  -2.502  2.404   1.00   46.41 ? 1117 HEM A CMD 1 
HETATM 871 C  CAD . HEM B 2 .   ? -8.683  -5.450  1.678   1.00   49.82 ? 1117 HEM A CAD 1 
HETATM 872 C  CBD . HEM B 2 .   ? -9.565  -5.228  2.904   1.00   55.09 ? 1117 HEM A CBD 1 
HETATM 873 C  CGD . HEM B 2 .   ? -11.071 -5.188  2.637   1.00   57.71 ? 1117 HEM A CGD 1 
HETATM 874 O  O1D . HEM B 2 .   ? -11.799 -4.835  3.586   1.00   59.06 ? 1117 HEM A O1D 1 
HETATM 875 O  O2D . HEM B 2 .   ? -11.537 -5.466  1.489   1.00   59.47 ? 1117 HEM A O2D 1 
HETATM 876 N  NA  . HEM B 2 .   ? -3.953  -8.089  1.895   1.00   43.51 ? 1117 HEM A NA  1 
HETATM 877 N  NB  . HEM B 2 .   ? -1.393  -7.219  2.545   1.00   42.01 ? 1117 HEM A NB  1 
HETATM 878 N  NC  . HEM B 2 .   ? -2.384  -4.649  2.940   1.00   41.91 ? 1117 HEM A NC  1 
HETATM 879 N  ND  . HEM B 2 .   ? -4.963  -5.510  2.426   1.00   42.89 ? 1117 HEM A ND  1 
HETATM 880 FE FE  . HEM B 2 .   ? -3.210  -6.414  2.493   1.00   46.04 ? 1117 HEM A FE  1 
HETATM 881 XE XE  . XE  C 3 .   ? -0.022  6.066   -2.535  1.00   36.82 ? 1118 XE  A XE  1 
HETATM 882 O  O   . HOH D 4 .   ? -7.105  16.517  1.364   1.00   46.47 ? 2001 HOH A O   1 
HETATM 883 O  O   . HOH D 4 .   ? -1.311  14.969  5.195   1.00   49.99 ? 2002 HOH A O   1 
HETATM 884 O  O   . HOH D 4 .   ? -10.201 15.056  -3.273  1.00   44.88 ? 2003 HOH A O   1 
HETATM 885 O  O   . HOH D 4 .   ? 3.502   18.535  -4.476  1.00   49.05 ? 2004 HOH A O   1 
HETATM 886 O  O   . HOH D 4 .   ? -11.514 12.359  -3.280  1.00   29.54 ? 2005 HOH A O   1 
HETATM 887 O  O   . HOH D 4 .   ? -4.981  6.485   -12.227 1.00   57.37 ? 2006 HOH A O   1 
HETATM 888 O  O   . HOH D 4 .   ? 0.034   12.481  7.961   1.00   45.39 ? 2007 HOH A O   1 
HETATM 889 O  O   . HOH D 4 .   ? 3.245   -7.574  -12.067 1.00   39.79 ? 2008 HOH A O   1 
HETATM 890 O  O   . HOH D 4 .   ? 3.665   -13.819 -10.364 1.00   42.52 ? 2009 HOH A O   1 
HETATM 891 O  O   . HOH D 4 .   ? -1.617  -6.448  -10.949 1.00   43.44 ? 2010 HOH A O   1 
HETATM 892 O  O   . HOH D 4 .   ? 0.596   -13.683 -6.760  1.00   46.31 ? 2011 HOH A O   1 
HETATM 893 O  O   . HOH D 4 .   ? 13.453  -4.530  -0.636  1.00   48.48 ? 2012 HOH A O   1 
HETATM 894 O  O   . HOH D 4 .   ? -3.057  -16.874 -8.423  1.00   39.78 ? 2013 HOH A O   1 
HETATM 895 O  O   . HOH D 4 .   ? -8.525  -8.596  -3.210  1.00   37.30 ? 2014 HOH A O   1 
HETATM 896 O  O   . HOH D 4 .   ? -3.071  -6.073  0.433   1.00   37.72 ? 2015 HOH A O   1 
HETATM 897 O  O   . HOH D 4 .   ? -2.896  -3.985  -10.582 1.00   61.00 ? 2016 HOH A O   1 
HETATM 898 O  O   . HOH D 4 .   ? -9.945  5.072   -3.591  1.00   38.62 ? 2017 HOH A O   1 
HETATM 899 O  O   . HOH D 4 .   ? -2.062  11.471  6.350   1.00   41.86 ? 2018 HOH A O   1 
HETATM 900 O  O   . HOH D 4 .   ? -15.925 13.542  1.744   1.00   51.54 ? 2019 HOH A O   1 
HETATM 901 O  O   . HOH D 4 .   ? -10.367 10.120  1.215   1.00   43.35 ? 2020 HOH A O   1 
HETATM 902 O  O   . HOH D 4 .   ? -10.909 9.093   -1.097  1.00   41.09 ? 2021 HOH A O   1 
HETATM 903 O  O   . HOH D 4 .   ? -16.496 9.795   4.704   1.00   42.32 ? 2022 HOH A O   1 
HETATM 904 O  O   . HOH D 4 .   ? -2.973  -10.187 11.322  1.00   47.65 ? 2023 HOH A O   1 
HETATM 905 O  O   . HOH D 4 .   ? 5.301   -16.765 5.676   1.00   47.69 ? 2024 HOH A O   1 
HETATM 906 O  O   . HOH D 4 .   ? 13.178  -7.532  4.226   1.00   54.44 ? 2025 HOH A O   1 
HETATM 907 O  O   . HOH D 4 .   ? 11.382  -10.891 9.183   1.00   52.81 ? 2026 HOH A O   1 
HETATM 908 O  O   . HOH D 4 .   ? 7.959   -15.776 6.671   1.00   51.45 ? 2027 HOH A O   1 
HETATM 909 O  O   . HOH D 4 .   ? 11.091  -4.018  -1.767  1.00   30.16 ? 2028 HOH A O   1 
HETATM 910 O  O   . HOH D 4 .   ? 9.835   -2.696  -6.339  1.00   20.31 ? 2029 HOH A O   1 
HETATM 911 O  O   . HOH D 4 .   ? 12.871  7.175   -2.810  1.00   51.85 ? 2030 HOH A O   1 
HETATM 912 O  O   . HOH D 4 .   ? 7.893   5.456   -15.797 1.00   40.60 ? 2031 HOH A O   1 
HETATM 913 O  O   . HOH D 4 .   ? 6.068   15.324  -5.463  1.00   41.59 ? 2032 HOH A O   1 
HETATM 914 O  O   . HOH D 4 .   ? 13.682  14.148  -4.850  1.00   43.26 ? 2033 HOH A O   1 
HETATM 915 O  O   . HOH D 4 .   ? 7.761   16.333  -1.295  1.00   45.94 ? 2034 HOH A O   1 
HETATM 916 O  O   . HOH D 4 .   ? 9.423   8.573   6.747   1.00   48.30 ? 2035 HOH A O   1 
HETATM 917 O  O   . HOH D 4 .   ? 4.528   17.618  4.540   1.00   55.27 ? 2036 HOH A O   1 
HETATM 918 O  O   . HOH D 4 .   ? 9.165   -11.024 11.378  1.00   38.33 ? 2037 HOH A O   1 
# 
loop_
_pdbx_poly_seq_scheme.asym_id 
_pdbx_poly_seq_scheme.entity_id 
_pdbx_poly_seq_scheme.seq_id 
_pdbx_poly_seq_scheme.mon_id 
_pdbx_poly_seq_scheme.ndb_seq_num 
_pdbx_poly_seq_scheme.pdb_seq_num 
_pdbx_poly_seq_scheme.auth_seq_num 
_pdbx_poly_seq_scheme.pdb_mon_id 
_pdbx_poly_seq_scheme.auth_mon_id 
_pdbx_poly_seq_scheme.pdb_strand_id 
_pdbx_poly_seq_scheme.pdb_ins_code 
_pdbx_poly_seq_scheme.hetero 
A 1 1   SER 1   1   1   SER SER A . n 
A 1 2   LEU 2   2   2   LEU LEU A . n 
A 1 3   PHE 3   3   3   PHE PHE A . n 
A 1 4   GLU 4   4   4   GLU GLU A . n 
A 1 5   GLN 5   5   5   GLN GLN A . n 
A 1 6   LEU 6   6   6   LEU LEU A . n 
A 1 7   GLY 7   7   7   GLY GLY A . n 
A 1 8   GLY 8   8   8   GLY GLY A . n 
A 1 9   GLN 9   9   9   GLN GLN A . n 
A 1 10  ALA 10  10  10  ALA ALA A . n 
A 1 11  ALA 11  11  11  ALA ALA A . n 
A 1 12  VAL 12  12  12  VAL VAL A . n 
A 1 13  GLN 13  13  13  GLN GLN A . n 
A 1 14  ALA 14  14  14  ALA ALA A . n 
A 1 15  VAL 15  15  15  VAL VAL A . n 
A 1 16  THR 16  16  16  THR THR A . n 
A 1 17  ALA 17  17  17  ALA ALA A . n 
A 1 18  GLN 18  18  18  GLN GLN A . n 
A 1 19  PHE 19  19  19  PHE PHE A . n 
A 1 20  TYR 20  20  20  TYR TYR A . n 
A 1 21  ALA 21  21  21  ALA ALA A . n 
A 1 22  ASN 22  22  22  ASN ASN A . n 
A 1 23  ILE 23  23  23  ILE ILE A . n 
A 1 24  GLN 24  24  24  GLN GLN A . n 
A 1 25  ALA 25  25  25  ALA ALA A . n 
A 1 26  ASP 26  26  26  ASP ASP A . n 
A 1 27  ALA 27  27  27  ALA ALA A . n 
A 1 28  THR 28  28  28  THR THR A . n 
A 1 29  VAL 29  29  29  VAL VAL A . n 
A 1 30  ALA 30  30  30  ALA ALA A . n 
A 1 31  THR 31  31  31  THR THR A . n 
A 1 32  PHE 32  32  32  PHE PHE A . n 
A 1 33  PHE 33  33  33  PHE PHE A . n 
A 1 34  ASN 34  34  34  ASN ASN A . n 
A 1 35  GLY 35  35  35  GLY GLY A . n 
A 1 36  ILE 36  36  36  ILE ILE A . n 
A 1 37  ASP 37  37  37  ASP ASP A . n 
A 1 38  MET 38  38  38  MET MET A . n 
A 1 39  PRO 39  39  39  PRO PRO A . n 
A 1 40  ASN 40  40  40  ASN ASN A . n 
A 1 41  GLN 41  41  41  GLN GLN A . n 
A 1 42  THR 42  42  42  THR THR A . n 
A 1 43  ASN 43  43  43  ASN ASN A . n 
A 1 44  LYS 44  44  44  LYS LYS A . n 
A 1 45  THR 45  45  45  THR THR A . n 
A 1 46  ALA 46  46  46  ALA ALA A . n 
A 1 47  ALA 47  47  47  ALA ALA A . n 
A 1 48  PHE 48  48  48  PHE PHE A . n 
A 1 49  LEU 49  49  49  LEU LEU A . n 
A 1 50  CYS 50  50  50  CYS CYS A . n 
A 1 51  ALA 51  51  51  ALA ALA A . n 
A 1 52  ALA 52  52  52  ALA ALA A . n 
A 1 53  LEU 53  53  53  LEU LEU A . n 
A 1 54  GLY 54  54  54  GLY GLY A . n 
A 1 55  GLY 55  55  55  GLY GLY A . n 
A 1 56  PRO 56  56  56  PRO PRO A . n 
A 1 57  ASN 57  57  57  ASN ASN A . n 
A 1 58  ALA 58  58  58  ALA ALA A . n 
A 1 59  TRP 59  59  59  TRP TRP A . n 
A 1 60  THR 60  60  60  THR THR A . n 
A 1 61  GLY 61  61  61  GLY GLY A . n 
A 1 62  ARG 62  62  62  ARG ARG A . n 
A 1 63  ASN 63  63  63  ASN ASN A . n 
A 1 64  LEU 64  64  64  LEU LEU A . n 
A 1 65  LYS 65  65  65  LYS LYS A . n 
A 1 66  GLU 66  66  66  GLU GLU A . n 
A 1 67  VAL 67  67  67  VAL VAL A . n 
A 1 68  HIS 68  68  68  HIS HIS A . n 
A 1 69  ALA 69  69  69  ALA ALA A . n 
A 1 70  ASN 70  70  70  ASN ASN A . n 
A 1 71  MET 71  71  71  MET MET A . n 
A 1 72  GLY 72  72  72  GLY GLY A . n 
A 1 73  VAL 73  73  73  VAL VAL A . n 
A 1 74  SER 74  74  74  SER SER A . n 
A 1 75  ASN 75  75  75  ASN ASN A . n 
A 1 76  ALA 76  76  76  ALA ALA A . n 
A 1 77  GLN 77  77  77  GLN GLN A . n 
A 1 78  PHE 78  78  78  PHE PHE A . n 
A 1 79  THR 79  79  79  THR THR A . n 
A 1 80  THR 80  80  80  THR THR A . n 
A 1 81  VAL 81  81  81  VAL VAL A . n 
A 1 82  ILE 82  82  82  ILE ILE A . n 
A 1 83  GLY 83  83  83  GLY GLY A . n 
A 1 84  HIS 84  84  84  HIS HIS A . n 
A 1 85  LEU 85  85  85  LEU LEU A . n 
A 1 86  ARG 86  86  86  ARG ARG A . n 
A 1 87  SER 87  87  87  SER SER A . n 
A 1 88  ALA 88  88  88  ALA ALA A . n 
A 1 89  LEU 89  89  89  LEU LEU A . n 
A 1 90  THR 90  90  90  THR THR A . n 
A 1 91  GLY 91  91  91  GLY GLY A . n 
A 1 92  ALA 92  92  92  ALA ALA A . n 
A 1 93  GLY 93  93  93  GLY GLY A . n 
A 1 94  VAL 94  94  94  VAL VAL A . n 
A 1 95  ALA 95  95  95  ALA ALA A . n 
A 1 96  ALA 96  96  96  ALA ALA A . n 
A 1 97  ALA 97  97  97  ALA ALA A . n 
A 1 98  LEU 98  98  98  LEU LEU A . n 
A 1 99  VAL 99  99  99  VAL VAL A . n 
A 1 100 GLU 100 100 100 GLU GLU A . n 
A 1 101 GLN 101 101 101 GLN GLN A . n 
A 1 102 THR 102 102 102 THR THR A . n 
A 1 103 VAL 103 103 103 VAL VAL A . n 
A 1 104 ALA 104 104 104 ALA ALA A . n 
A 1 105 VAL 105 105 105 VAL VAL A . n 
A 1 106 ALA 106 106 106 ALA ALA A . n 
A 1 107 GLU 107 107 107 GLU GLU A . n 
A 1 108 THR 108 108 108 THR THR A . n 
A 1 109 VAL 109 109 109 VAL VAL A . n 
A 1 110 ARG 110 110 110 ARG ARG A . n 
A 1 111 GLY 111 111 111 GLY GLY A . n 
A 1 112 ASP 112 112 112 ASP ASP A . n 
A 1 113 VAL 113 113 113 VAL VAL A . n 
A 1 114 VAL 114 114 114 VAL VAL A . n 
A 1 115 THR 115 115 115 THR THR A . n 
A 1 116 VAL 116 116 116 VAL VAL A . n 
# 
loop_
_pdbx_nonpoly_scheme.asym_id 
_pdbx_nonpoly_scheme.entity_id 
_pdbx_nonpoly_scheme.mon_id 
_pdbx_nonpoly_scheme.ndb_seq_num 
_pdbx_nonpoly_scheme.pdb_seq_num 
_pdbx_nonpoly_scheme.auth_seq_num 
_pdbx_nonpoly_scheme.pdb_mon_id 
_pdbx_nonpoly_scheme.auth_mon_id 
_pdbx_nonpoly_scheme.pdb_strand_id 
_pdbx_nonpoly_scheme.pdb_ins_code 
B 2 HEM 1  1117 1117 HEM HEM A . 
C 3 XE  1  1118 1118 XE  XE  A . 
D 4 HOH 1  2001 2001 HOH HOH A . 
D 4 HOH 2  2002 2002 HOH HOH A . 
D 4 HOH 3  2003 2003 HOH HOH A . 
D 4 HOH 4  2004 2004 HOH HOH A . 
D 4 HOH 5  2005 2005 HOH HOH A . 
D 4 HOH 6  2006 2006 HOH HOH A . 
D 4 HOH 7  2007 2007 HOH HOH A . 
D 4 HOH 8  2008 2008 HOH HOH A . 
D 4 HOH 9  2009 2009 HOH HOH A . 
D 4 HOH 10 2010 2010 HOH HOH A . 
D 4 HOH 11 2011 2011 HOH HOH A . 
D 4 HOH 12 2012 2012 HOH HOH A . 
D 4 HOH 13 2013 2013 HOH HOH A . 
D 4 HOH 14 2014 2014 HOH HOH A . 
D 4 HOH 15 2015 2015 HOH HOH A . 
D 4 HOH 16 2016 2016 HOH HOH A . 
D 4 HOH 17 2017 2017 HOH HOH A . 
D 4 HOH 18 2018 2018 HOH HOH A . 
D 4 HOH 19 2019 2019 HOH HOH A . 
D 4 HOH 20 2020 2020 HOH HOH A . 
D 4 HOH 21 2021 2021 HOH HOH A . 
D 4 HOH 22 2022 2022 HOH HOH A . 
D 4 HOH 23 2023 2023 HOH HOH A . 
D 4 HOH 24 2024 2024 HOH HOH A . 
D 4 HOH 25 2025 2025 HOH HOH A . 
D 4 HOH 26 2026 2026 HOH HOH A . 
D 4 HOH 27 2027 2027 HOH HOH A . 
D 4 HOH 28 2028 2028 HOH HOH A . 
D 4 HOH 29 2029 2029 HOH HOH A . 
D 4 HOH 30 2030 2030 HOH HOH A . 
D 4 HOH 31 2031 2031 HOH HOH A . 
D 4 HOH 32 2032 2032 HOH HOH A . 
D 4 HOH 33 2033 2033 HOH HOH A . 
D 4 HOH 34 2034 2034 HOH HOH A . 
D 4 HOH 35 2035 2035 HOH HOH A . 
D 4 HOH 36 2036 2036 HOH HOH A . 
D 4 HOH 37 2037 2037 HOH HOH A . 
# 
_pdbx_struct_assembly.id                   1 
_pdbx_struct_assembly.details              author_and_software_defined_assembly 
_pdbx_struct_assembly.method_details       PQS 
_pdbx_struct_assembly.oligomeric_details   monomeric 
_pdbx_struct_assembly.oligomeric_count     1 
# 
_pdbx_struct_assembly_gen.assembly_id       1 
_pdbx_struct_assembly_gen.oper_expression   1 
_pdbx_struct_assembly_gen.asym_id_list      A,B,C,D 
# 
_pdbx_struct_oper_list.id                   1 
_pdbx_struct_oper_list.type                 'identity operation' 
_pdbx_struct_oper_list.name                 1_555 
_pdbx_struct_oper_list.symmetry_operation   x,y,z 
_pdbx_struct_oper_list.matrix[1][1]         1.0000000000 
_pdbx_struct_oper_list.matrix[1][2]         0.0000000000 
_pdbx_struct_oper_list.matrix[1][3]         0.0000000000 
_pdbx_struct_oper_list.vector[1]            0.0000000000 
_pdbx_struct_oper_list.matrix[2][1]         0.0000000000 
_pdbx_struct_oper_list.matrix[2][2]         1.0000000000 
_pdbx_struct_oper_list.matrix[2][3]         0.0000000000 
_pdbx_struct_oper_list.vector[2]            0.0000000000 
_pdbx_struct_oper_list.matrix[3][1]         0.0000000000 
_pdbx_struct_oper_list.matrix[3][2]         0.0000000000 
_pdbx_struct_oper_list.matrix[3][3]         1.0000000000 
_pdbx_struct_oper_list.vector[3]            0.0000000000 
# 
loop_
_pdbx_struct_conn_angle.id 
_pdbx_struct_conn_angle.ptnr1_label_atom_id 
_pdbx_struct_conn_angle.ptnr1_label_alt_id 
_pdbx_struct_conn_angle.ptnr1_label_asym_id 
_pdbx_struct_conn_angle.ptnr1_label_comp_id 
_pdbx_struct_conn_angle.ptnr1_label_seq_id 
_pdbx_struct_conn_angle.ptnr1_auth_atom_id 
_pdbx_struct_conn_angle.ptnr1_auth_asym_id 
_pdbx_struct_conn_angle.ptnr1_auth_comp_id 
_pdbx_struct_conn_angle.ptnr1_auth_seq_id 
_pdbx_struct_conn_angle.ptnr1_PDB_ins_code 
_pdbx_struct_conn_angle.ptnr1_symmetry 
_pdbx_struct_conn_angle.ptnr2_label_atom_id 
_pdbx_struct_conn_angle.ptnr2_label_alt_id 
_pdbx_struct_conn_angle.ptnr2_label_asym_id 
_pdbx_struct_conn_angle.ptnr2_label_comp_id 
_pdbx_struct_conn_angle.ptnr2_label_seq_id 
_pdbx_struct_conn_angle.ptnr2_auth_atom_id 
_pdbx_struct_conn_angle.ptnr2_auth_asym_id 
_pdbx_struct_conn_angle.ptnr2_auth_comp_id 
_pdbx_struct_conn_angle.ptnr2_auth_seq_id 
_pdbx_struct_conn_angle.ptnr2_PDB_ins_code 
_pdbx_struct_conn_angle.ptnr2_symmetry 
_pdbx_struct_conn_angle.ptnr3_label_atom_id 
_pdbx_struct_conn_angle.ptnr3_label_alt_id 
_pdbx_struct_conn_angle.ptnr3_label_asym_id 
_pdbx_struct_conn_angle.ptnr3_label_comp_id 
_pdbx_struct_conn_angle.ptnr3_label_seq_id 
_pdbx_struct_conn_angle.ptnr3_auth_atom_id 
_pdbx_struct_conn_angle.ptnr3_auth_asym_id 
_pdbx_struct_conn_angle.ptnr3_auth_comp_id 
_pdbx_struct_conn_angle.ptnr3_auth_seq_id 
_pdbx_struct_conn_angle.ptnr3_PDB_ins_code 
_pdbx_struct_conn_angle.ptnr3_symmetry 
_pdbx_struct_conn_angle.value 
_pdbx_struct_conn_angle.value_esd 
1  NE2 ? A HIS 68 ? A HIS 68   ? 1_555 FE ? B HEM . ? A HEM 1117 ? 1_555 NA ? B HEM . ? A HEM 1117 ? 1_555 92.4  ? 
2  NE2 ? A HIS 68 ? A HIS 68   ? 1_555 FE ? B HEM . ? A HEM 1117 ? 1_555 NB ? B HEM . ? A HEM 1117 ? 1_555 97.5  ? 
3  NA  ? B HEM .  ? A HEM 1117 ? 1_555 FE ? B HEM . ? A HEM 1117 ? 1_555 NB ? B HEM . ? A HEM 1117 ? 1_555 90.5  ? 
4  NE2 ? A HIS 68 ? A HIS 68   ? 1_555 FE ? B HEM . ? A HEM 1117 ? 1_555 NC ? B HEM . ? A HEM 1117 ? 1_555 92.9  ? 
5  NA  ? B HEM .  ? A HEM 1117 ? 1_555 FE ? B HEM . ? A HEM 1117 ? 1_555 NC ? B HEM . ? A HEM 1117 ? 1_555 174.7 ? 
6  NB  ? B HEM .  ? A HEM 1117 ? 1_555 FE ? B HEM . ? A HEM 1117 ? 1_555 NC ? B HEM . ? A HEM 1117 ? 1_555 88.5  ? 
7  NE2 ? A HIS 68 ? A HIS 68   ? 1_555 FE ? B HEM . ? A HEM 1117 ? 1_555 ND ? B HEM . ? A HEM 1117 ? 1_555 83.9  ? 
8  NA  ? B HEM .  ? A HEM 1117 ? 1_555 FE ? B HEM . ? A HEM 1117 ? 1_555 ND ? B HEM . ? A HEM 1117 ? 1_555 92.6  ? 
9  NB  ? B HEM .  ? A HEM 1117 ? 1_555 FE ? B HEM . ? A HEM 1117 ? 1_555 ND ? B HEM . ? A HEM 1117 ? 1_555 176.6 ? 
10 NC  ? B HEM .  ? A HEM 1117 ? 1_555 FE ? B HEM . ? A HEM 1117 ? 1_555 ND ? B HEM . ? A HEM 1117 ? 1_555 88.3  ? 
11 NE2 ? A HIS 68 ? A HIS 68   ? 1_555 FE ? B HEM . ? A HEM 1117 ? 1_555 O  ? D HOH . ? A HOH 2015 ? 1_555 169.2 ? 
12 NA  ? B HEM .  ? A HEM 1117 ? 1_555 FE ? B HEM . ? A HEM 1117 ? 1_555 O  ? D HOH . ? A HOH 2015 ? 1_555 82.0  ? 
13 NB  ? B HEM .  ? A HEM 1117 ? 1_555 FE ? B HEM . ? A HEM 1117 ? 1_555 O  ? D HOH . ? A HOH 2015 ? 1_555 91.8  ? 
14 NC  ? B HEM .  ? A HEM 1117 ? 1_555 FE ? B HEM . ? A HEM 1117 ? 1_555 O  ? D HOH . ? A HOH 2015 ? 1_555 92.8  ? 
15 ND  ? B HEM .  ? A HEM 1117 ? 1_555 FE ? B HEM . ? A HEM 1117 ? 1_555 O  ? D HOH . ? A HOH 2015 ? 1_555 87.2  ? 
# 
loop_
_pdbx_audit_revision_history.ordinal 
_pdbx_audit_revision_history.data_content_type 
_pdbx_audit_revision_history.major_revision 
_pdbx_audit_revision_history.minor_revision 
_pdbx_audit_revision_history.revision_date 
1 'Structure model' 1 0 2004-03-18 
2 'Structure model' 1 1 2011-05-08 
3 'Structure model' 1 2 2011-07-13 
4 'Structure model' 1 3 2023-12-13 
# 
_pdbx_audit_revision_details.ordinal             1 
_pdbx_audit_revision_details.revision_ordinal    1 
_pdbx_audit_revision_details.data_content_type   'Structure model' 
_pdbx_audit_revision_details.provider            repository 
_pdbx_audit_revision_details.type                'Initial release' 
_pdbx_audit_revision_details.description         ? 
_pdbx_audit_revision_details.details             ? 
# 
loop_
_pdbx_audit_revision_group.ordinal 
_pdbx_audit_revision_group.revision_ordinal 
_pdbx_audit_revision_group.data_content_type 
_pdbx_audit_revision_group.group 
1 2 'Structure model' 'Version format compliance' 
2 3 'Structure model' 'Version format compliance' 
3 4 'Structure model' 'Data collection'           
4 4 'Structure model' 'Database references'       
5 4 'Structure model' 'Derived calculations'      
6 4 'Structure model' Other                       
7 4 'Structure model' 'Refinement description'    
# 
loop_
_pdbx_audit_revision_category.ordinal 
_pdbx_audit_revision_category.revision_ordinal 
_pdbx_audit_revision_category.data_content_type 
_pdbx_audit_revision_category.category 
1 4 'Structure model' chem_comp_atom                
2 4 'Structure model' chem_comp_bond                
3 4 'Structure model' database_2                    
4 4 'Structure model' pdbx_database_status          
5 4 'Structure model' pdbx_initial_refinement_model 
6 4 'Structure model' struct_conn                   
# 
loop_
_pdbx_audit_revision_item.ordinal 
_pdbx_audit_revision_item.revision_ordinal 
_pdbx_audit_revision_item.data_content_type 
_pdbx_audit_revision_item.item 
1  4 'Structure model' '_database_2.pdbx_DOI'                 
2  4 'Structure model' '_database_2.pdbx_database_accession'  
3  4 'Structure model' '_pdbx_database_status.status_code_sf' 
4  4 'Structure model' '_struct_conn.ptnr1_auth_comp_id'      
5  4 'Structure model' '_struct_conn.ptnr1_auth_seq_id'       
6  4 'Structure model' '_struct_conn.ptnr1_label_asym_id'     
7  4 'Structure model' '_struct_conn.ptnr1_label_atom_id'     
8  4 'Structure model' '_struct_conn.ptnr1_label_comp_id'     
9  4 'Structure model' '_struct_conn.ptnr1_label_seq_id'      
10 4 'Structure model' '_struct_conn.ptnr2_auth_comp_id'      
11 4 'Structure model' '_struct_conn.ptnr2_auth_seq_id'       
12 4 'Structure model' '_struct_conn.ptnr2_label_asym_id'     
13 4 'Structure model' '_struct_conn.ptnr2_label_atom_id'     
14 4 'Structure model' '_struct_conn.ptnr2_label_comp_id'     
15 4 'Structure model' '_struct_conn.ptnr2_label_seq_id'      
# 
loop_
_software.name 
_software.classification 
_software.version 
_software.citation_id 
_software.pdbx_ordinal 
CNS       refinement       1.0 ? 1 
DENZO     'data reduction' .   ? 2 
SCALEPACK 'data scaling'   .   ? 3 
EPMR      phasing          .   ? 4 
# 
_pdbx_entry_details.entry_id                 1UVY 
_pdbx_entry_details.compound_details         
;TRUNCATED HEMOGLOBIN, WITH 116 AMINO ACID RESIDUES PER
 CHAIN, WITH 1 XE ATOM DIFFUSED THROUGH THE PROTEIN MATRIX
;
_pdbx_entry_details.source_details           ? 
_pdbx_entry_details.nonpolymer_details       ? 
_pdbx_entry_details.sequence_details         ? 
_pdbx_entry_details.has_ligand_of_interest   ? 
# 
loop_
_pdbx_validate_torsion.id 
_pdbx_validate_torsion.PDB_model_num 
_pdbx_validate_torsion.auth_comp_id 
_pdbx_validate_torsion.auth_asym_id 
_pdbx_validate_torsion.auth_seq_id 
_pdbx_validate_torsion.PDB_ins_code 
_pdbx_validate_torsion.label_alt_id 
_pdbx_validate_torsion.phi 
_pdbx_validate_torsion.psi 
1 1 ASN A 70  ? ? 50.63   72.03 
2 1 THR A 115 ? ? -141.82 23.91 
# 
_pdbx_validate_planes.id              1 
_pdbx_validate_planes.PDB_model_num   1 
_pdbx_validate_planes.auth_comp_id    TYR 
_pdbx_validate_planes.auth_asym_id    A 
_pdbx_validate_planes.auth_seq_id     20 
_pdbx_validate_planes.PDB_ins_code    ? 
_pdbx_validate_planes.label_alt_id    ? 
_pdbx_validate_planes.rmsd            0.068 
_pdbx_validate_planes.type            'SIDE CHAIN' 
# 
loop_
_pdbx_unobs_or_zero_occ_atoms.id 
_pdbx_unobs_or_zero_occ_atoms.PDB_model_num 
_pdbx_unobs_or_zero_occ_atoms.polymer_flag 
_pdbx_unobs_or_zero_occ_atoms.occupancy_flag 
_pdbx_unobs_or_zero_occ_atoms.auth_asym_id 
_pdbx_unobs_or_zero_occ_atoms.auth_comp_id 
_pdbx_unobs_or_zero_occ_atoms.auth_seq_id 
_pdbx_unobs_or_zero_occ_atoms.PDB_ins_code 
_pdbx_unobs_or_zero_occ_atoms.auth_atom_id 
_pdbx_unobs_or_zero_occ_atoms.label_alt_id 
_pdbx_unobs_or_zero_occ_atoms.label_asym_id 
_pdbx_unobs_or_zero_occ_atoms.label_comp_id 
_pdbx_unobs_or_zero_occ_atoms.label_seq_id 
_pdbx_unobs_or_zero_occ_atoms.label_atom_id 
1 1 Y 0 A ARG 62 ? CZ  ? A ARG 62 CZ  
2 1 Y 0 A ARG 62 ? NH1 ? A ARG 62 NH1 
3 1 Y 0 A ARG 62 ? NH2 ? A ARG 62 NH2 
4 1 Y 0 A LYS 65 ? CD  ? A LYS 65 CD  
5 1 Y 0 A LYS 65 ? CE  ? A LYS 65 CE  
6 1 Y 0 A LYS 65 ? NZ  ? A LYS 65 NZ  
# 
loop_
_chem_comp_atom.comp_id 
_chem_comp_atom.atom_id 
_chem_comp_atom.type_symbol 
_chem_comp_atom.pdbx_aromatic_flag 
_chem_comp_atom.pdbx_stereo_config 
_chem_comp_atom.pdbx_ordinal 
ALA N    N  N N 1   
ALA CA   C  N S 2   
ALA C    C  N N 3   
ALA O    O  N N 4   
ALA CB   C  N N 5   
ALA OXT  O  N N 6   
ALA H    H  N N 7   
ALA H2   H  N N 8   
ALA HA   H  N N 9   
ALA HB1  H  N N 10  
ALA HB2  H  N N 11  
ALA HB3  H  N N 12  
ALA HXT  H  N N 13  
ARG N    N  N N 14  
ARG CA   C  N S 15  
ARG C    C  N N 16  
ARG O    O  N N 17  
ARG CB   C  N N 18  
ARG CG   C  N N 19  
ARG CD   C  N N 20  
ARG NE   N  N N 21  
ARG CZ   C  N N 22  
ARG NH1  N  N N 23  
ARG NH2  N  N N 24  
ARG OXT  O  N N 25  
ARG H    H  N N 26  
ARG H2   H  N N 27  
ARG HA   H  N N 28  
ARG HB2  H  N N 29  
ARG HB3  H  N N 30  
ARG HG2  H  N N 31  
ARG HG3  H  N N 32  
ARG HD2  H  N N 33  
ARG HD3  H  N N 34  
ARG HE   H  N N 35  
ARG HH11 H  N N 36  
ARG HH12 H  N N 37  
ARG HH21 H  N N 38  
ARG HH22 H  N N 39  
ARG HXT  H  N N 40  
ASN N    N  N N 41  
ASN CA   C  N S 42  
ASN C    C  N N 43  
ASN O    O  N N 44  
ASN CB   C  N N 45  
ASN CG   C  N N 46  
ASN OD1  O  N N 47  
ASN ND2  N  N N 48  
ASN OXT  O  N N 49  
ASN H    H  N N 50  
ASN H2   H  N N 51  
ASN HA   H  N N 52  
ASN HB2  H  N N 53  
ASN HB3  H  N N 54  
ASN HD21 H  N N 55  
ASN HD22 H  N N 56  
ASN HXT  H  N N 57  
ASP N    N  N N 58  
ASP CA   C  N S 59  
ASP C    C  N N 60  
ASP O    O  N N 61  
ASP CB   C  N N 62  
ASP CG   C  N N 63  
ASP OD1  O  N N 64  
ASP OD2  O  N N 65  
ASP OXT  O  N N 66  
ASP H    H  N N 67  
ASP H2   H  N N 68  
ASP HA   H  N N 69  
ASP HB2  H  N N 70  
ASP HB3  H  N N 71  
ASP HD2  H  N N 72  
ASP HXT  H  N N 73  
CYS N    N  N N 74  
CYS CA   C  N R 75  
CYS C    C  N N 76  
CYS O    O  N N 77  
CYS CB   C  N N 78  
CYS SG   S  N N 79  
CYS OXT  O  N N 80  
CYS H    H  N N 81  
CYS H2   H  N N 82  
CYS HA   H  N N 83  
CYS HB2  H  N N 84  
CYS HB3  H  N N 85  
CYS HG   H  N N 86  
CYS HXT  H  N N 87  
GLN N    N  N N 88  
GLN CA   C  N S 89  
GLN C    C  N N 90  
GLN O    O  N N 91  
GLN CB   C  N N 92  
GLN CG   C  N N 93  
GLN CD   C  N N 94  
GLN OE1  O  N N 95  
GLN NE2  N  N N 96  
GLN OXT  O  N N 97  
GLN H    H  N N 98  
GLN H2   H  N N 99  
GLN HA   H  N N 100 
GLN HB2  H  N N 101 
GLN HB3  H  N N 102 
GLN HG2  H  N N 103 
GLN HG3  H  N N 104 
GLN HE21 H  N N 105 
GLN HE22 H  N N 106 
GLN HXT  H  N N 107 
GLU N    N  N N 108 
GLU CA   C  N S 109 
GLU C    C  N N 110 
GLU O    O  N N 111 
GLU CB   C  N N 112 
GLU CG   C  N N 113 
GLU CD   C  N N 114 
GLU OE1  O  N N 115 
GLU OE2  O  N N 116 
GLU OXT  O  N N 117 
GLU H    H  N N 118 
GLU H2   H  N N 119 
GLU HA   H  N N 120 
GLU HB2  H  N N 121 
GLU HB3  H  N N 122 
GLU HG2  H  N N 123 
GLU HG3  H  N N 124 
GLU HE2  H  N N 125 
GLU HXT  H  N N 126 
GLY N    N  N N 127 
GLY CA   C  N N 128 
GLY C    C  N N 129 
GLY O    O  N N 130 
GLY OXT  O  N N 131 
GLY H    H  N N 132 
GLY H2   H  N N 133 
GLY HA2  H  N N 134 
GLY HA3  H  N N 135 
GLY HXT  H  N N 136 
HEM CHA  C  N N 137 
HEM CHB  C  N N 138 
HEM CHC  C  N N 139 
HEM CHD  C  N N 140 
HEM C1A  C  Y N 141 
HEM C2A  C  Y N 142 
HEM C3A  C  Y N 143 
HEM C4A  C  Y N 144 
HEM CMA  C  N N 145 
HEM CAA  C  N N 146 
HEM CBA  C  N N 147 
HEM CGA  C  N N 148 
HEM O1A  O  N N 149 
HEM O2A  O  N N 150 
HEM C1B  C  N N 151 
HEM C2B  C  N N 152 
HEM C3B  C  N N 153 
HEM C4B  C  N N 154 
HEM CMB  C  N N 155 
HEM CAB  C  N N 156 
HEM CBB  C  N N 157 
HEM C1C  C  Y N 158 
HEM C2C  C  Y N 159 
HEM C3C  C  Y N 160 
HEM C4C  C  Y N 161 
HEM CMC  C  N N 162 
HEM CAC  C  N N 163 
HEM CBC  C  N N 164 
HEM C1D  C  N N 165 
HEM C2D  C  N N 166 
HEM C3D  C  N N 167 
HEM C4D  C  N N 168 
HEM CMD  C  N N 169 
HEM CAD  C  N N 170 
HEM CBD  C  N N 171 
HEM CGD  C  N N 172 
HEM O1D  O  N N 173 
HEM O2D  O  N N 174 
HEM NA   N  Y N 175 
HEM NB   N  N N 176 
HEM NC   N  Y N 177 
HEM ND   N  N N 178 
HEM FE   FE N N 179 
HEM HHB  H  N N 180 
HEM HHC  H  N N 181 
HEM HHD  H  N N 182 
HEM HMA  H  N N 183 
HEM HMAA H  N N 184 
HEM HMAB H  N N 185 
HEM HAA  H  N N 186 
HEM HAAA H  N N 187 
HEM HBA  H  N N 188 
HEM HBAA H  N N 189 
HEM HMB  H  N N 190 
HEM HMBA H  N N 191 
HEM HMBB H  N N 192 
HEM HAB  H  N N 193 
HEM HBB  H  N N 194 
HEM HBBA H  N N 195 
HEM HMC  H  N N 196 
HEM HMCA H  N N 197 
HEM HMCB H  N N 198 
HEM HAC  H  N N 199 
HEM HBC  H  N N 200 
HEM HBCA H  N N 201 
HEM HMD  H  N N 202 
HEM HMDA H  N N 203 
HEM HMDB H  N N 204 
HEM HAD  H  N N 205 
HEM HADA H  N N 206 
HEM HBD  H  N N 207 
HEM HBDA H  N N 208 
HEM H2A  H  N N 209 
HEM H2D  H  N N 210 
HEM HHA  H  N N 211 
HIS N    N  N N 212 
HIS CA   C  N S 213 
HIS C    C  N N 214 
HIS O    O  N N 215 
HIS CB   C  N N 216 
HIS CG   C  Y N 217 
HIS ND1  N  Y N 218 
HIS CD2  C  Y N 219 
HIS CE1  C  Y N 220 
HIS NE2  N  Y N 221 
HIS OXT  O  N N 222 
HIS H    H  N N 223 
HIS H2   H  N N 224 
HIS HA   H  N N 225 
HIS HB2  H  N N 226 
HIS HB3  H  N N 227 
HIS HD1  H  N N 228 
HIS HD2  H  N N 229 
HIS HE1  H  N N 230 
HIS HE2  H  N N 231 
HIS HXT  H  N N 232 
HOH O    O  N N 233 
HOH H1   H  N N 234 
HOH H2   H  N N 235 
ILE N    N  N N 236 
ILE CA   C  N S 237 
ILE C    C  N N 238 
ILE O    O  N N 239 
ILE CB   C  N S 240 
ILE CG1  C  N N 241 
ILE CG2  C  N N 242 
ILE CD1  C  N N 243 
ILE OXT  O  N N 244 
ILE H    H  N N 245 
ILE H2   H  N N 246 
ILE HA   H  N N 247 
ILE HB   H  N N 248 
ILE HG12 H  N N 249 
ILE HG13 H  N N 250 
ILE HG21 H  N N 251 
ILE HG22 H  N N 252 
ILE HG23 H  N N 253 
ILE HD11 H  N N 254 
ILE HD12 H  N N 255 
ILE HD13 H  N N 256 
ILE HXT  H  N N 257 
LEU N    N  N N 258 
LEU CA   C  N S 259 
LEU C    C  N N 260 
LEU O    O  N N 261 
LEU CB   C  N N 262 
LEU CG   C  N N 263 
LEU CD1  C  N N 264 
LEU CD2  C  N N 265 
LEU OXT  O  N N 266 
LEU H    H  N N 267 
LEU H2   H  N N 268 
LEU HA   H  N N 269 
LEU HB2  H  N N 270 
LEU HB3  H  N N 271 
LEU HG   H  N N 272 
LEU HD11 H  N N 273 
LEU HD12 H  N N 274 
LEU HD13 H  N N 275 
LEU HD21 H  N N 276 
LEU HD22 H  N N 277 
LEU HD23 H  N N 278 
LEU HXT  H  N N 279 
LYS N    N  N N 280 
LYS CA   C  N S 281 
LYS C    C  N N 282 
LYS O    O  N N 283 
LYS CB   C  N N 284 
LYS CG   C  N N 285 
LYS CD   C  N N 286 
LYS CE   C  N N 287 
LYS NZ   N  N N 288 
LYS OXT  O  N N 289 
LYS H    H  N N 290 
LYS H2   H  N N 291 
LYS HA   H  N N 292 
LYS HB2  H  N N 293 
LYS HB3  H  N N 294 
LYS HG2  H  N N 295 
LYS HG3  H  N N 296 
LYS HD2  H  N N 297 
LYS HD3  H  N N 298 
LYS HE2  H  N N 299 
LYS HE3  H  N N 300 
LYS HZ1  H  N N 301 
LYS HZ2  H  N N 302 
LYS HZ3  H  N N 303 
LYS HXT  H  N N 304 
MET N    N  N N 305 
MET CA   C  N S 306 
MET C    C  N N 307 
MET O    O  N N 308 
MET CB   C  N N 309 
MET CG   C  N N 310 
MET SD   S  N N 311 
MET CE   C  N N 312 
MET OXT  O  N N 313 
MET H    H  N N 314 
MET H2   H  N N 315 
MET HA   H  N N 316 
MET HB2  H  N N 317 
MET HB3  H  N N 318 
MET HG2  H  N N 319 
MET HG3  H  N N 320 
MET HE1  H  N N 321 
MET HE2  H  N N 322 
MET HE3  H  N N 323 
MET HXT  H  N N 324 
PHE N    N  N N 325 
PHE CA   C  N S 326 
PHE C    C  N N 327 
PHE O    O  N N 328 
PHE CB   C  N N 329 
PHE CG   C  Y N 330 
PHE CD1  C  Y N 331 
PHE CD2  C  Y N 332 
PHE CE1  C  Y N 333 
PHE CE2  C  Y N 334 
PHE CZ   C  Y N 335 
PHE OXT  O  N N 336 
PHE H    H  N N 337 
PHE H2   H  N N 338 
PHE HA   H  N N 339 
PHE HB2  H  N N 340 
PHE HB3  H  N N 341 
PHE HD1  H  N N 342 
PHE HD2  H  N N 343 
PHE HE1  H  N N 344 
PHE HE2  H  N N 345 
PHE HZ   H  N N 346 
PHE HXT  H  N N 347 
PRO N    N  N N 348 
PRO CA   C  N S 349 
PRO C    C  N N 350 
PRO O    O  N N 351 
PRO CB   C  N N 352 
PRO CG   C  N N 353 
PRO CD   C  N N 354 
PRO OXT  O  N N 355 
PRO H    H  N N 356 
PRO HA   H  N N 357 
PRO HB2  H  N N 358 
PRO HB3  H  N N 359 
PRO HG2  H  N N 360 
PRO HG3  H  N N 361 
PRO HD2  H  N N 362 
PRO HD3  H  N N 363 
PRO HXT  H  N N 364 
SER N    N  N N 365 
SER CA   C  N S 366 
SER C    C  N N 367 
SER O    O  N N 368 
SER CB   C  N N 369 
SER OG   O  N N 370 
SER OXT  O  N N 371 
SER H    H  N N 372 
SER H2   H  N N 373 
SER HA   H  N N 374 
SER HB2  H  N N 375 
SER HB3  H  N N 376 
SER HG   H  N N 377 
SER HXT  H  N N 378 
THR N    N  N N 379 
THR CA   C  N S 380 
THR C    C  N N 381 
THR O    O  N N 382 
THR CB   C  N R 383 
THR OG1  O  N N 384 
THR CG2  C  N N 385 
THR OXT  O  N N 386 
THR H    H  N N 387 
THR H2   H  N N 388 
THR HA   H  N N 389 
THR HB   H  N N 390 
THR HG1  H  N N 391 
THR HG21 H  N N 392 
THR HG22 H  N N 393 
THR HG23 H  N N 394 
THR HXT  H  N N 395 
TRP N    N  N N 396 
TRP CA   C  N S 397 
TRP C    C  N N 398 
TRP O    O  N N 399 
TRP CB   C  N N 400 
TRP CG   C  Y N 401 
TRP CD1  C  Y N 402 
TRP CD2  C  Y N 403 
TRP NE1  N  Y N 404 
TRP CE2  C  Y N 405 
TRP CE3  C  Y N 406 
TRP CZ2  C  Y N 407 
TRP CZ3  C  Y N 408 
TRP CH2  C  Y N 409 
TRP OXT  O  N N 410 
TRP H    H  N N 411 
TRP H2   H  N N 412 
TRP HA   H  N N 413 
TRP HB2  H  N N 414 
TRP HB3  H  N N 415 
TRP HD1  H  N N 416 
TRP HE1  H  N N 417 
TRP HE3  H  N N 418 
TRP HZ2  H  N N 419 
TRP HZ3  H  N N 420 
TRP HH2  H  N N 421 
TRP HXT  H  N N 422 
TYR N    N  N N 423 
TYR CA   C  N S 424 
TYR C    C  N N 425 
TYR O    O  N N 426 
TYR CB   C  N N 427 
TYR CG   C  Y N 428 
TYR CD1  C  Y N 429 
TYR CD2  C  Y N 430 
TYR CE1  C  Y N 431 
TYR CE2  C  Y N 432 
TYR CZ   C  Y N 433 
TYR OH   O  N N 434 
TYR OXT  O  N N 435 
TYR H    H  N N 436 
TYR H2   H  N N 437 
TYR HA   H  N N 438 
TYR HB2  H  N N 439 
TYR HB3  H  N N 440 
TYR HD1  H  N N 441 
TYR HD2  H  N N 442 
TYR HE1  H  N N 443 
TYR HE2  H  N N 444 
TYR HH   H  N N 445 
TYR HXT  H  N N 446 
VAL N    N  N N 447 
VAL CA   C  N S 448 
VAL C    C  N N 449 
VAL O    O  N N 450 
VAL CB   C  N N 451 
VAL CG1  C  N N 452 
VAL CG2  C  N N 453 
VAL OXT  O  N N 454 
VAL H    H  N N 455 
VAL H2   H  N N 456 
VAL HA   H  N N 457 
VAL HB   H  N N 458 
VAL HG11 H  N N 459 
VAL HG12 H  N N 460 
VAL HG13 H  N N 461 
VAL HG21 H  N N 462 
VAL HG22 H  N N 463 
VAL HG23 H  N N 464 
VAL HXT  H  N N 465 
XE  XE   XE N N 466 
# 
loop_
_chem_comp_bond.comp_id 
_chem_comp_bond.atom_id_1 
_chem_comp_bond.atom_id_2 
_chem_comp_bond.value_order 
_chem_comp_bond.pdbx_aromatic_flag 
_chem_comp_bond.pdbx_stereo_config 
_chem_comp_bond.pdbx_ordinal 
ALA N   CA   sing N N 1   
ALA N   H    sing N N 2   
ALA N   H2   sing N N 3   
ALA CA  C    sing N N 4   
ALA CA  CB   sing N N 5   
ALA CA  HA   sing N N 6   
ALA C   O    doub N N 7   
ALA C   OXT  sing N N 8   
ALA CB  HB1  sing N N 9   
ALA CB  HB2  sing N N 10  
ALA CB  HB3  sing N N 11  
ALA OXT HXT  sing N N 12  
ARG N   CA   sing N N 13  
ARG N   H    sing N N 14  
ARG N   H2   sing N N 15  
ARG CA  C    sing N N 16  
ARG CA  CB   sing N N 17  
ARG CA  HA   sing N N 18  
ARG C   O    doub N N 19  
ARG C   OXT  sing N N 20  
ARG CB  CG   sing N N 21  
ARG CB  HB2  sing N N 22  
ARG CB  HB3  sing N N 23  
ARG CG  CD   sing N N 24  
ARG CG  HG2  sing N N 25  
ARG CG  HG3  sing N N 26  
ARG CD  NE   sing N N 27  
ARG CD  HD2  sing N N 28  
ARG CD  HD3  sing N N 29  
ARG NE  CZ   sing N N 30  
ARG NE  HE   sing N N 31  
ARG CZ  NH1  sing N N 32  
ARG CZ  NH2  doub N N 33  
ARG NH1 HH11 sing N N 34  
ARG NH1 HH12 sing N N 35  
ARG NH2 HH21 sing N N 36  
ARG NH2 HH22 sing N N 37  
ARG OXT HXT  sing N N 38  
ASN N   CA   sing N N 39  
ASN N   H    sing N N 40  
ASN N   H2   sing N N 41  
ASN CA  C    sing N N 42  
ASN CA  CB   sing N N 43  
ASN CA  HA   sing N N 44  
ASN C   O    doub N N 45  
ASN C   OXT  sing N N 46  
ASN CB  CG   sing N N 47  
ASN CB  HB2  sing N N 48  
ASN CB  HB3  sing N N 49  
ASN CG  OD1  doub N N 50  
ASN CG  ND2  sing N N 51  
ASN ND2 HD21 sing N N 52  
ASN ND2 HD22 sing N N 53  
ASN OXT HXT  sing N N 54  
ASP N   CA   sing N N 55  
ASP N   H    sing N N 56  
ASP N   H2   sing N N 57  
ASP CA  C    sing N N 58  
ASP CA  CB   sing N N 59  
ASP CA  HA   sing N N 60  
ASP C   O    doub N N 61  
ASP C   OXT  sing N N 62  
ASP CB  CG   sing N N 63  
ASP CB  HB2  sing N N 64  
ASP CB  HB3  sing N N 65  
ASP CG  OD1  doub N N 66  
ASP CG  OD2  sing N N 67  
ASP OD2 HD2  sing N N 68  
ASP OXT HXT  sing N N 69  
CYS N   CA   sing N N 70  
CYS N   H    sing N N 71  
CYS N   H2   sing N N 72  
CYS CA  C    sing N N 73  
CYS CA  CB   sing N N 74  
CYS CA  HA   sing N N 75  
CYS C   O    doub N N 76  
CYS C   OXT  sing N N 77  
CYS CB  SG   sing N N 78  
CYS CB  HB2  sing N N 79  
CYS CB  HB3  sing N N 80  
CYS SG  HG   sing N N 81  
CYS OXT HXT  sing N N 82  
GLN N   CA   sing N N 83  
GLN N   H    sing N N 84  
GLN N   H2   sing N N 85  
GLN CA  C    sing N N 86  
GLN CA  CB   sing N N 87  
GLN CA  HA   sing N N 88  
GLN C   O    doub N N 89  
GLN C   OXT  sing N N 90  
GLN CB  CG   sing N N 91  
GLN CB  HB2  sing N N 92  
GLN CB  HB3  sing N N 93  
GLN CG  CD   sing N N 94  
GLN CG  HG2  sing N N 95  
GLN CG  HG3  sing N N 96  
GLN CD  OE1  doub N N 97  
GLN CD  NE2  sing N N 98  
GLN NE2 HE21 sing N N 99  
GLN NE2 HE22 sing N N 100 
GLN OXT HXT  sing N N 101 
GLU N   CA   sing N N 102 
GLU N   H    sing N N 103 
GLU N   H2   sing N N 104 
GLU CA  C    sing N N 105 
GLU CA  CB   sing N N 106 
GLU CA  HA   sing N N 107 
GLU C   O    doub N N 108 
GLU C   OXT  sing N N 109 
GLU CB  CG   sing N N 110 
GLU CB  HB2  sing N N 111 
GLU CB  HB3  sing N N 112 
GLU CG  CD   sing N N 113 
GLU CG  HG2  sing N N 114 
GLU CG  HG3  sing N N 115 
GLU CD  OE1  doub N N 116 
GLU CD  OE2  sing N N 117 
GLU OE2 HE2  sing N N 118 
GLU OXT HXT  sing N N 119 
GLY N   CA   sing N N 120 
GLY N   H    sing N N 121 
GLY N   H2   sing N N 122 
GLY CA  C    sing N N 123 
GLY CA  HA2  sing N N 124 
GLY CA  HA3  sing N N 125 
GLY C   O    doub N N 126 
GLY C   OXT  sing N N 127 
GLY OXT HXT  sing N N 128 
HEM CHA C1A  sing N N 129 
HEM CHA C4D  doub N N 130 
HEM CHA HHA  sing N N 131 
HEM CHB C4A  sing N N 132 
HEM CHB C1B  doub N N 133 
HEM CHB HHB  sing N N 134 
HEM CHC C4B  sing N N 135 
HEM CHC C1C  doub N N 136 
HEM CHC HHC  sing N N 137 
HEM CHD C4C  doub N N 138 
HEM CHD C1D  sing N N 139 
HEM CHD HHD  sing N N 140 
HEM C1A C2A  doub Y N 141 
HEM C1A NA   sing Y N 142 
HEM C2A C3A  sing Y N 143 
HEM C2A CAA  sing N N 144 
HEM C3A C4A  doub Y N 145 
HEM C3A CMA  sing N N 146 
HEM C4A NA   sing Y N 147 
HEM CMA HMA  sing N N 148 
HEM CMA HMAA sing N N 149 
HEM CMA HMAB sing N N 150 
HEM CAA CBA  sing N N 151 
HEM CAA HAA  sing N N 152 
HEM CAA HAAA sing N N 153 
HEM CBA CGA  sing N N 154 
HEM CBA HBA  sing N N 155 
HEM CBA HBAA sing N N 156 
HEM CGA O1A  doub N N 157 
HEM CGA O2A  sing N N 158 
HEM C1B C2B  sing N N 159 
HEM C1B NB   sing N N 160 
HEM C2B C3B  doub N N 161 
HEM C2B CMB  sing N N 162 
HEM C3B C4B  sing N N 163 
HEM C3B CAB  sing N N 164 
HEM C4B NB   doub N N 165 
HEM CMB HMB  sing N N 166 
HEM CMB HMBA sing N N 167 
HEM CMB HMBB sing N N 168 
HEM CAB CBB  doub N N 169 
HEM CAB HAB  sing N N 170 
HEM CBB HBB  sing N N 171 
HEM CBB HBBA sing N N 172 
HEM C1C C2C  sing Y N 173 
HEM C1C NC   sing Y N 174 
HEM C2C C3C  doub Y N 175 
HEM C2C CMC  sing N N 176 
HEM C3C C4C  sing Y N 177 
HEM C3C CAC  sing N N 178 
HEM C4C NC   sing Y N 179 
HEM CMC HMC  sing N N 180 
HEM CMC HMCA sing N N 181 
HEM CMC HMCB sing N N 182 
HEM CAC CBC  doub N N 183 
HEM CAC HAC  sing N N 184 
HEM CBC HBC  sing N N 185 
HEM CBC HBCA sing N N 186 
HEM C1D C2D  sing N N 187 
HEM C1D ND   doub N N 188 
HEM C2D C3D  doub N N 189 
HEM C2D CMD  sing N N 190 
HEM C3D C4D  sing N N 191 
HEM C3D CAD  sing N N 192 
HEM C4D ND   sing N N 193 
HEM CMD HMD  sing N N 194 
HEM CMD HMDA sing N N 195 
HEM CMD HMDB sing N N 196 
HEM CAD CBD  sing N N 197 
HEM CAD HAD  sing N N 198 
HEM CAD HADA sing N N 199 
HEM CBD CGD  sing N N 200 
HEM CBD HBD  sing N N 201 
HEM CBD HBDA sing N N 202 
HEM CGD O1D  doub N N 203 
HEM CGD O2D  sing N N 204 
HEM O2A H2A  sing N N 205 
HEM O2D H2D  sing N N 206 
HEM FE  NA   sing N N 207 
HEM FE  NB   sing N N 208 
HEM FE  NC   sing N N 209 
HEM FE  ND   sing N N 210 
HIS N   CA   sing N N 211 
HIS N   H    sing N N 212 
HIS N   H2   sing N N 213 
HIS CA  C    sing N N 214 
HIS CA  CB   sing N N 215 
HIS CA  HA   sing N N 216 
HIS C   O    doub N N 217 
HIS C   OXT  sing N N 218 
HIS CB  CG   sing N N 219 
HIS CB  HB2  sing N N 220 
HIS CB  HB3  sing N N 221 
HIS CG  ND1  sing Y N 222 
HIS CG  CD2  doub Y N 223 
HIS ND1 CE1  doub Y N 224 
HIS ND1 HD1  sing N N 225 
HIS CD2 NE2  sing Y N 226 
HIS CD2 HD2  sing N N 227 
HIS CE1 NE2  sing Y N 228 
HIS CE1 HE1  sing N N 229 
HIS NE2 HE2  sing N N 230 
HIS OXT HXT  sing N N 231 
HOH O   H1   sing N N 232 
HOH O   H2   sing N N 233 
ILE N   CA   sing N N 234 
ILE N   H    sing N N 235 
ILE N   H2   sing N N 236 
ILE CA  C    sing N N 237 
ILE CA  CB   sing N N 238 
ILE CA  HA   sing N N 239 
ILE C   O    doub N N 240 
ILE C   OXT  sing N N 241 
ILE CB  CG1  sing N N 242 
ILE CB  CG2  sing N N 243 
ILE CB  HB   sing N N 244 
ILE CG1 CD1  sing N N 245 
ILE CG1 HG12 sing N N 246 
ILE CG1 HG13 sing N N 247 
ILE CG2 HG21 sing N N 248 
ILE CG2 HG22 sing N N 249 
ILE CG2 HG23 sing N N 250 
ILE CD1 HD11 sing N N 251 
ILE CD1 HD12 sing N N 252 
ILE CD1 HD13 sing N N 253 
ILE OXT HXT  sing N N 254 
LEU N   CA   sing N N 255 
LEU N   H    sing N N 256 
LEU N   H2   sing N N 257 
LEU CA  C    sing N N 258 
LEU CA  CB   sing N N 259 
LEU CA  HA   sing N N 260 
LEU C   O    doub N N 261 
LEU C   OXT  sing N N 262 
LEU CB  CG   sing N N 263 
LEU CB  HB2  sing N N 264 
LEU CB  HB3  sing N N 265 
LEU CG  CD1  sing N N 266 
LEU CG  CD2  sing N N 267 
LEU CG  HG   sing N N 268 
LEU CD1 HD11 sing N N 269 
LEU CD1 HD12 sing N N 270 
LEU CD1 HD13 sing N N 271 
LEU CD2 HD21 sing N N 272 
LEU CD2 HD22 sing N N 273 
LEU CD2 HD23 sing N N 274 
LEU OXT HXT  sing N N 275 
LYS N   CA   sing N N 276 
LYS N   H    sing N N 277 
LYS N   H2   sing N N 278 
LYS CA  C    sing N N 279 
LYS CA  CB   sing N N 280 
LYS CA  HA   sing N N 281 
LYS C   O    doub N N 282 
LYS C   OXT  sing N N 283 
LYS CB  CG   sing N N 284 
LYS CB  HB2  sing N N 285 
LYS CB  HB3  sing N N 286 
LYS CG  CD   sing N N 287 
LYS CG  HG2  sing N N 288 
LYS CG  HG3  sing N N 289 
LYS CD  CE   sing N N 290 
LYS CD  HD2  sing N N 291 
LYS CD  HD3  sing N N 292 
LYS CE  NZ   sing N N 293 
LYS CE  HE2  sing N N 294 
LYS CE  HE3  sing N N 295 
LYS NZ  HZ1  sing N N 296 
LYS NZ  HZ2  sing N N 297 
LYS NZ  HZ3  sing N N 298 
LYS OXT HXT  sing N N 299 
MET N   CA   sing N N 300 
MET N   H    sing N N 301 
MET N   H2   sing N N 302 
MET CA  C    sing N N 303 
MET CA  CB   sing N N 304 
MET CA  HA   sing N N 305 
MET C   O    doub N N 306 
MET C   OXT  sing N N 307 
MET CB  CG   sing N N 308 
MET CB  HB2  sing N N 309 
MET CB  HB3  sing N N 310 
MET CG  SD   sing N N 311 
MET CG  HG2  sing N N 312 
MET CG  HG3  sing N N 313 
MET SD  CE   sing N N 314 
MET CE  HE1  sing N N 315 
MET CE  HE2  sing N N 316 
MET CE  HE3  sing N N 317 
MET OXT HXT  sing N N 318 
PHE N   CA   sing N N 319 
PHE N   H    sing N N 320 
PHE N   H2   sing N N 321 
PHE CA  C    sing N N 322 
PHE CA  CB   sing N N 323 
PHE CA  HA   sing N N 324 
PHE C   O    doub N N 325 
PHE C   OXT  sing N N 326 
PHE CB  CG   sing N N 327 
PHE CB  HB2  sing N N 328 
PHE CB  HB3  sing N N 329 
PHE CG  CD1  doub Y N 330 
PHE CG  CD2  sing Y N 331 
PHE CD1 CE1  sing Y N 332 
PHE CD1 HD1  sing N N 333 
PHE CD2 CE2  doub Y N 334 
PHE CD2 HD2  sing N N 335 
PHE CE1 CZ   doub Y N 336 
PHE CE1 HE1  sing N N 337 
PHE CE2 CZ   sing Y N 338 
PHE CE2 HE2  sing N N 339 
PHE CZ  HZ   sing N N 340 
PHE OXT HXT  sing N N 341 
PRO N   CA   sing N N 342 
PRO N   CD   sing N N 343 
PRO N   H    sing N N 344 
PRO CA  C    sing N N 345 
PRO CA  CB   sing N N 346 
PRO CA  HA   sing N N 347 
PRO C   O    doub N N 348 
PRO C   OXT  sing N N 349 
PRO CB  CG   sing N N 350 
PRO CB  HB2  sing N N 351 
PRO CB  HB3  sing N N 352 
PRO CG  CD   sing N N 353 
PRO CG  HG2  sing N N 354 
PRO CG  HG3  sing N N 355 
PRO CD  HD2  sing N N 356 
PRO CD  HD3  sing N N 357 
PRO OXT HXT  sing N N 358 
SER N   CA   sing N N 359 
SER N   H    sing N N 360 
SER N   H2   sing N N 361 
SER CA  C    sing N N 362 
SER CA  CB   sing N N 363 
SER CA  HA   sing N N 364 
SER C   O    doub N N 365 
SER C   OXT  sing N N 366 
SER CB  OG   sing N N 367 
SER CB  HB2  sing N N 368 
SER CB  HB3  sing N N 369 
SER OG  HG   sing N N 370 
SER OXT HXT  sing N N 371 
THR N   CA   sing N N 372 
THR N   H    sing N N 373 
THR N   H2   sing N N 374 
THR CA  C    sing N N 375 
THR CA  CB   sing N N 376 
THR CA  HA   sing N N 377 
THR C   O    doub N N 378 
THR C   OXT  sing N N 379 
THR CB  OG1  sing N N 380 
THR CB  CG2  sing N N 381 
THR CB  HB   sing N N 382 
THR OG1 HG1  sing N N 383 
THR CG2 HG21 sing N N 384 
THR CG2 HG22 sing N N 385 
THR CG2 HG23 sing N N 386 
THR OXT HXT  sing N N 387 
TRP N   CA   sing N N 388 
TRP N   H    sing N N 389 
TRP N   H2   sing N N 390 
TRP CA  C    sing N N 391 
TRP CA  CB   sing N N 392 
TRP CA  HA   sing N N 393 
TRP C   O    doub N N 394 
TRP C   OXT  sing N N 395 
TRP CB  CG   sing N N 396 
TRP CB  HB2  sing N N 397 
TRP CB  HB3  sing N N 398 
TRP CG  CD1  doub Y N 399 
TRP CG  CD2  sing Y N 400 
TRP CD1 NE1  sing Y N 401 
TRP CD1 HD1  sing N N 402 
TRP CD2 CE2  doub Y N 403 
TRP CD2 CE3  sing Y N 404 
TRP NE1 CE2  sing Y N 405 
TRP NE1 HE1  sing N N 406 
TRP CE2 CZ2  sing Y N 407 
TRP CE3 CZ3  doub Y N 408 
TRP CE3 HE3  sing N N 409 
TRP CZ2 CH2  doub Y N 410 
TRP CZ2 HZ2  sing N N 411 
TRP CZ3 CH2  sing Y N 412 
TRP CZ3 HZ3  sing N N 413 
TRP CH2 HH2  sing N N 414 
TRP OXT HXT  sing N N 415 
TYR N   CA   sing N N 416 
TYR N   H    sing N N 417 
TYR N   H2   sing N N 418 
TYR CA  C    sing N N 419 
TYR CA  CB   sing N N 420 
TYR CA  HA   sing N N 421 
TYR C   O    doub N N 422 
TYR C   OXT  sing N N 423 
TYR CB  CG   sing N N 424 
TYR CB  HB2  sing N N 425 
TYR CB  HB3  sing N N 426 
TYR CG  CD1  doub Y N 427 
TYR CG  CD2  sing Y N 428 
TYR CD1 CE1  sing Y N 429 
TYR CD1 HD1  sing N N 430 
TYR CD2 CE2  doub Y N 431 
TYR CD2 HD2  sing N N 432 
TYR CE1 CZ   doub Y N 433 
TYR CE1 HE1  sing N N 434 
TYR CE2 CZ   sing Y N 435 
TYR CE2 HE2  sing N N 436 
TYR CZ  OH   sing N N 437 
TYR OH  HH   sing N N 438 
TYR OXT HXT  sing N N 439 
VAL N   CA   sing N N 440 
VAL N   H    sing N N 441 
VAL N   H2   sing N N 442 
VAL CA  C    sing N N 443 
VAL CA  CB   sing N N 444 
VAL CA  HA   sing N N 445 
VAL C   O    doub N N 446 
VAL C   OXT  sing N N 447 
VAL CB  CG1  sing N N 448 
VAL CB  CG2  sing N N 449 
VAL CB  HB   sing N N 450 
VAL CG1 HG11 sing N N 451 
VAL CG1 HG12 sing N N 452 
VAL CG1 HG13 sing N N 453 
VAL CG2 HG21 sing N N 454 
VAL CG2 HG22 sing N N 455 
VAL CG2 HG23 sing N N 456 
VAL OXT HXT  sing N N 457 
# 
loop_
_pdbx_entity_nonpoly.entity_id 
_pdbx_entity_nonpoly.name 
_pdbx_entity_nonpoly.comp_id 
2 'PROTOPORPHYRIN IX CONTAINING FE' HEM 
3 XENON                             XE  
4 water                             HOH 
# 
_pdbx_initial_refinement_model.id               1 
_pdbx_initial_refinement_model.entity_id_list   ? 
_pdbx_initial_refinement_model.type             'experimental model' 
_pdbx_initial_refinement_model.source_name      PDB 
_pdbx_initial_refinement_model.accession_code   1DLW 
_pdbx_initial_refinement_model.details          'PDB ENTRY 1DLW' 
# 
